data_3CR8
#
_entry.id   3CR8
#
_cell.length_a   161.071
_cell.length_b   227.211
_cell.length_c   106.766
_cell.angle_alpha   90.000
_cell.angle_beta   90.000
_cell.angle_gamma   90.000
#
_symmetry.space_group_name_H-M   'C 2 2 21'
#
loop_
_entity.id
_entity.type
_entity.pdbx_description
1 polymer 'Sulfate adenylyltransferase, adenylylsulfate kinase'
2 water water
#
_entity_poly.entity_id   1
_entity_poly.type   'polypeptide(L)'
_entity_poly.pdbx_seq_one_letter_code
;MVNQLIEPYGGTLVNLIDPEKREALKHEALSLPSLDLDWQQQCELEMLMTGAYSPLTGFMTRAQCARVESAQQLDDGSFW
PSPITLTSRDRALADRRPGERLALRDGEGYMLAILTLSDVWKDGERWHLAGEVEGAALPPHPDFVSLRATPAELRALFVR
RGWRRIIAWQARQPMHRAQYEFCLKSAIENEANLLLHPQVGGDITEAPAYFGLVRSFLAIRDRFPAATTQLSLLPAPPPE
ASGRALLLRAIVARNFGCSLLIAGGEHQPDGGDCRRGEDLTQNRVDPSVAERAEKIGVRLIAYPRMVYVEDRAEHLPEAE
APQGARLLTLSGEEFQRRMRAGLKIPEWYSFPEVLAELHRQTPPRERQGFTVFFTGLSGAGKSTLARALAARLMEMGGRC
VTLLDGDIVRRHLSSELGFSKAHRDVNVRRIGFVASEITKNRGIAICAPIAPYRQTRRDVRAMIEAVGGFVEIHVATPIE
TCESRDRKGLYAKARAGLIPEFTGVSDPYEVPETPELAIDTTGLAIDEAVQQILLKLEHEGYLRLEHHHHHH
;
_entity_poly.pdbx_strand_id   A,B,C
#
# COMPACT_ATOMS: atom_id res chain seq x y z
N ASN A 3 -5.71 -7.65 -42.51
CA ASN A 3 -5.15 -7.51 -43.85
C ASN A 3 -4.24 -8.69 -44.26
N GLN A 4 -2.97 -8.39 -44.49
CA GLN A 4 -1.94 -9.40 -44.77
C GLN A 4 -0.53 -8.99 -44.37
N LEU A 5 0.47 -9.78 -44.79
CA LEU A 5 1.85 -9.52 -44.35
C LEU A 5 2.57 -8.53 -45.27
N ILE A 6 2.72 -7.30 -44.78
CA ILE A 6 3.25 -6.23 -45.61
C ILE A 6 4.51 -6.71 -46.27
N GLU A 7 4.63 -6.56 -47.59
CA GLU A 7 5.79 -7.03 -48.33
C GLU A 7 7.02 -6.14 -48.23
N PRO A 8 8.21 -6.59 -48.65
CA PRO A 8 9.38 -5.75 -48.38
C PRO A 8 9.23 -4.44 -49.13
N TYR A 9 9.95 -3.42 -48.67
CA TYR A 9 9.99 -2.14 -49.35
C TYR A 9 10.68 -2.38 -50.68
N GLY A 10 10.35 -1.58 -51.68
CA GLY A 10 10.96 -1.77 -52.98
C GLY A 10 10.33 -2.95 -53.67
N GLY A 11 9.84 -3.90 -52.88
CA GLY A 11 8.97 -4.93 -53.40
C GLY A 11 9.49 -6.32 -53.16
N THR A 12 10.79 -6.41 -52.93
CA THR A 12 11.40 -7.71 -52.70
C THR A 12 12.57 -7.62 -51.73
N LEU A 13 12.71 -8.63 -50.88
CA LEU A 13 13.66 -8.59 -49.75
C LEU A 13 15.12 -8.82 -50.13
N VAL A 14 15.96 -7.81 -49.97
CA VAL A 14 17.38 -7.97 -50.28
C VAL A 14 18.05 -9.04 -49.41
N ASN A 15 19.02 -9.73 -50.00
CA ASN A 15 19.92 -10.62 -49.26
C ASN A 15 21.29 -10.66 -49.91
N LEU A 16 22.23 -9.95 -49.31
CA LEU A 16 23.56 -9.76 -49.83
C LEU A 16 24.46 -10.95 -49.49
N ILE A 17 23.87 -12.06 -49.05
CA ILE A 17 24.67 -13.21 -48.69
C ILE A 17 24.26 -14.49 -49.40
N ASP A 18 25.00 -14.79 -50.47
CA ASP A 18 24.77 -15.96 -51.31
C ASP A 18 25.78 -17.00 -50.90
N PRO A 19 25.34 -18.06 -50.20
CA PRO A 19 26.28 -19.10 -49.73
C PRO A 19 26.99 -19.84 -50.89
N GLU A 20 26.30 -19.98 -51.99
CA GLU A 20 26.95 -20.31 -53.21
C GLU A 20 28.17 -19.45 -53.47
N LYS A 21 28.22 -18.14 -53.16
CA LYS A 21 29.46 -17.53 -53.56
C LYS A 21 30.41 -17.39 -52.34
N ARG A 22 30.13 -18.14 -51.25
CA ARG A 22 30.77 -17.91 -49.93
C ARG A 22 32.26 -18.29 -49.83
N GLU A 23 32.61 -19.44 -50.39
CA GLU A 23 34.01 -19.88 -50.37
C GLU A 23 34.87 -19.01 -51.28
N ALA A 24 34.34 -18.72 -52.47
CA ALA A 24 35.03 -17.83 -53.40
C ALA A 24 35.36 -16.48 -52.77
N LEU A 25 34.47 -15.95 -51.94
CA LEU A 25 34.70 -14.64 -51.32
C LEU A 25 35.73 -14.71 -50.21
N LYS A 26 35.60 -15.66 -49.32
CA LYS A 26 36.61 -15.86 -48.28
C LYS A 26 38.00 -16.11 -48.88
N HIS A 27 38.06 -16.70 -50.08
CA HIS A 27 39.35 -16.88 -50.77
C HIS A 27 39.88 -15.55 -51.35
N GLU A 28 39.06 -14.89 -52.20
CA GLU A 28 39.47 -13.65 -52.87
C GLU A 28 39.96 -12.61 -51.89
N ALA A 29 39.27 -12.49 -50.78
CA ALA A 29 39.58 -11.52 -49.75
C ALA A 29 41.04 -11.56 -49.28
N LEU A 30 41.54 -12.74 -48.94
CA LEU A 30 42.92 -12.88 -48.52
C LEU A 30 43.87 -12.00 -49.31
N SER A 31 43.59 -11.83 -50.60
CA SER A 31 44.50 -11.18 -51.53
C SER A 31 44.14 -9.72 -51.75
N LEU A 32 43.35 -9.18 -50.83
CA LEU A 32 42.80 -7.84 -50.96
C LEU A 32 43.22 -6.94 -49.79
N PRO A 33 43.09 -5.61 -50.00
CA PRO A 33 43.26 -4.68 -48.86
C PRO A 33 42.05 -4.84 -47.95
N SER A 34 42.20 -4.56 -46.66
CA SER A 34 41.11 -4.82 -45.73
C SER A 34 40.85 -3.70 -44.76
N LEU A 35 39.55 -3.45 -44.52
CA LEU A 35 39.08 -2.50 -43.51
C LEU A 35 38.46 -3.20 -42.29
N ASP A 36 38.97 -2.89 -41.10
CA ASP A 36 38.38 -3.40 -39.86
C ASP A 36 37.31 -2.43 -39.38
N LEU A 37 36.04 -2.84 -39.42
CA LEU A 37 34.96 -1.95 -39.05
C LEU A 37 34.80 -1.75 -37.55
N ASP A 38 34.43 -0.54 -37.14
CA ASP A 38 34.00 -0.32 -35.76
C ASP A 38 32.59 -0.89 -35.51
N TRP A 39 32.19 -1.03 -34.26
CA TRP A 39 30.97 -1.77 -33.99
C TRP A 39 29.71 -1.23 -34.65
N GLN A 40 29.56 0.10 -34.73
CA GLN A 40 28.39 0.68 -35.37
C GLN A 40 28.32 0.52 -36.90
N GLN A 41 29.46 0.55 -37.58
CA GLN A 41 29.47 0.30 -39.02
C GLN A 41 29.10 -1.17 -39.35
N GLN A 42 29.57 -2.10 -38.52
CA GLN A 42 29.18 -3.50 -38.69
C GLN A 42 27.68 -3.64 -38.56
N CYS A 43 27.07 -2.70 -37.85
CA CYS A 43 25.64 -2.76 -37.64
C CYS A 43 25.02 -2.33 -38.93
N GLU A 44 25.45 -1.17 -39.39
CA GLU A 44 25.03 -0.67 -40.69
C GLU A 44 25.23 -1.76 -41.77
N LEU A 45 26.41 -2.37 -41.78
CA LEU A 45 26.69 -3.43 -42.73
C LEU A 45 25.70 -4.56 -42.56
N GLU A 46 25.54 -5.06 -41.34
CA GLU A 46 24.60 -6.14 -41.08
C GLU A 46 23.16 -5.78 -41.49
N MET A 47 22.74 -4.57 -41.17
CA MET A 47 21.44 -4.10 -41.60
C MET A 47 21.34 -4.18 -43.13
N LEU A 48 22.39 -3.72 -43.81
CA LEU A 48 22.32 -3.66 -45.26
C LEU A 48 22.41 -5.07 -45.83
N MET A 49 23.37 -5.80 -45.31
CA MET A 49 23.65 -7.14 -45.80
C MET A 49 22.41 -8.01 -45.70
N THR A 50 21.46 -7.57 -44.89
CA THR A 50 20.48 -8.49 -44.36
C THR A 50 19.05 -8.16 -44.80
N GLY A 51 18.87 -7.01 -45.44
CA GLY A 51 17.57 -6.70 -46.01
C GLY A 51 16.78 -5.69 -45.23
N ALA A 52 17.29 -5.24 -44.11
CA ALA A 52 16.59 -4.24 -43.31
C ALA A 52 16.39 -2.95 -44.10
N TYR A 53 17.20 -2.77 -45.14
CA TYR A 53 17.21 -1.55 -45.94
C TYR A 53 16.84 -1.80 -47.39
N SER A 54 16.24 -2.95 -47.67
CA SER A 54 15.72 -3.24 -49.01
C SER A 54 14.97 -2.02 -49.45
N PRO A 55 15.18 -1.57 -50.68
CA PRO A 55 15.88 -2.19 -51.80
C PRO A 55 17.42 -2.04 -51.82
N LEU A 56 17.98 -1.22 -50.93
CA LEU A 56 19.41 -0.98 -50.93
C LEU A 56 20.26 -2.26 -50.97
N THR A 57 21.40 -2.16 -51.66
CA THR A 57 22.18 -3.34 -51.98
C THR A 57 23.66 -3.00 -51.99
N GLY A 58 23.98 -1.79 -51.52
CA GLY A 58 25.34 -1.32 -51.31
C GLY A 58 25.30 0.04 -50.64
N PHE A 59 26.44 0.49 -50.13
CA PHE A 59 26.53 1.80 -49.50
C PHE A 59 26.46 2.91 -50.54
N MET A 60 25.69 3.95 -50.23
CA MET A 60 25.48 5.08 -51.13
C MET A 60 26.73 5.86 -51.44
N THR A 61 26.62 6.60 -52.53
CA THR A 61 27.75 7.24 -53.15
C THR A 61 27.54 8.71 -52.95
N ARG A 62 28.63 9.48 -52.89
CA ARG A 62 28.54 10.87 -52.45
C ARG A 62 27.41 11.64 -53.15
N ALA A 63 27.17 11.29 -54.39
CA ALA A 63 26.10 11.89 -55.18
C ALA A 63 24.73 11.45 -54.67
N GLN A 64 24.57 10.12 -54.53
CA GLN A 64 23.36 9.53 -53.97
C GLN A 64 23.09 10.03 -52.56
N CYS A 65 24.15 10.15 -51.75
CA CYS A 65 24.03 10.71 -50.43
C CYS A 65 23.52 12.13 -50.48
N ALA A 66 24.16 12.95 -51.32
CA ALA A 66 23.73 14.33 -51.51
C ALA A 66 22.31 14.40 -52.04
N ARG A 67 21.94 13.47 -52.92
CA ARG A 67 20.61 13.49 -53.51
C ARG A 67 19.50 13.06 -52.54
N VAL A 68 19.86 12.25 -51.56
CA VAL A 68 18.93 11.93 -50.48
C VAL A 68 18.64 13.18 -49.62
N GLU A 69 19.70 13.88 -49.18
CA GLU A 69 19.56 15.06 -48.31
C GLU A 69 18.73 16.16 -48.95
N SER A 70 18.37 15.96 -50.20
CA SER A 70 17.67 16.97 -50.98
C SER A 70 16.29 16.48 -51.33
N ALA A 71 16.21 15.64 -52.35
CA ALA A 71 14.94 15.17 -52.89
C ALA A 71 14.42 13.92 -52.21
N GLN A 72 15.24 13.39 -51.31
CA GLN A 72 14.91 12.16 -50.63
C GLN A 72 14.47 11.10 -51.61
N GLN A 73 15.35 10.76 -52.54
CA GLN A 73 15.12 9.69 -53.52
C GLN A 73 16.34 8.86 -53.78
N LEU A 74 16.12 7.71 -54.37
CA LEU A 74 17.19 6.91 -54.92
C LEU A 74 17.39 7.33 -56.38
N ASP A 75 18.16 6.54 -57.13
CA ASP A 75 18.32 6.78 -58.56
C ASP A 75 17.01 6.51 -59.30
N ASP A 76 16.17 5.65 -58.73
CA ASP A 76 14.86 5.33 -59.29
C ASP A 76 13.94 6.52 -59.12
N GLY A 77 14.22 7.36 -58.13
CA GLY A 77 13.30 8.41 -57.74
C GLY A 77 12.37 7.91 -56.65
N SER A 78 12.48 6.62 -56.33
CA SER A 78 11.78 6.03 -55.20
C SER A 78 12.13 6.77 -53.93
N PHE A 79 11.24 6.67 -52.95
CA PHE A 79 11.47 7.48 -51.77
C PHE A 79 12.54 6.88 -50.83
N TRP A 80 13.46 7.70 -50.34
CA TRP A 80 14.38 7.20 -49.32
C TRP A 80 14.89 8.29 -48.41
N PRO A 81 14.53 8.19 -47.11
CA PRO A 81 14.71 9.28 -46.14
C PRO A 81 16.17 9.70 -45.89
N SER A 82 17.07 8.72 -45.75
CA SER A 82 18.36 9.02 -45.13
C SER A 82 19.59 8.27 -45.72
N PRO A 83 20.72 8.96 -45.86
CA PRO A 83 21.96 8.38 -46.39
C PRO A 83 22.47 7.14 -45.65
N ILE A 84 22.52 6.00 -46.35
CA ILE A 84 23.21 4.81 -45.82
C ILE A 84 24.65 4.81 -46.30
N THR A 85 25.58 4.89 -45.37
CA THR A 85 26.97 5.03 -45.75
C THR A 85 27.90 4.35 -44.74
N LEU A 86 29.04 3.88 -45.26
CA LEU A 86 30.06 3.16 -44.49
C LEU A 86 31.26 4.08 -44.20
N THR A 87 31.68 4.15 -42.95
CA THR A 87 32.80 5.00 -42.56
C THR A 87 33.93 4.17 -41.97
N SER A 88 35.03 4.83 -41.62
CA SER A 88 36.19 4.16 -41.04
C SER A 88 36.98 5.44 -40.77
N ARG A 89 37.97 5.34 -39.89
CA ARG A 89 38.80 6.48 -39.54
C ARG A 89 40.13 5.76 -39.69
N ASP A 90 40.37 5.21 -40.88
CA ASP A 90 41.60 4.48 -41.15
C ASP A 90 42.43 5.18 -42.23
N ARG A 91 43.63 5.61 -41.86
CA ARG A 91 44.51 6.29 -42.80
C ARG A 91 44.75 5.46 -44.05
N ALA A 92 44.84 4.14 -43.87
CA ALA A 92 45.06 3.22 -44.97
C ALA A 92 43.93 3.31 -45.99
N LEU A 93 43.02 4.25 -45.79
CA LEU A 93 41.88 4.43 -46.69
C LEU A 93 42.14 5.57 -47.67
N ALA A 94 43.02 6.49 -47.29
CA ALA A 94 43.36 7.63 -48.14
C ALA A 94 43.87 7.19 -49.50
N ASP A 95 44.62 6.12 -49.61
CA ASP A 95 45.03 5.80 -50.96
C ASP A 95 44.26 4.67 -51.66
N ARG A 96 42.94 4.68 -51.55
CA ARG A 96 42.11 3.62 -52.09
C ARG A 96 41.15 4.19 -53.08
N ARG A 97 40.80 3.47 -54.15
CA ARG A 97 39.94 4.06 -55.19
C ARG A 97 38.89 3.20 -55.87
N PRO A 98 37.84 3.86 -56.29
CA PRO A 98 36.73 3.22 -56.94
C PRO A 98 37.25 2.09 -57.76
N GLY A 99 36.46 1.05 -57.97
CA GLY A 99 36.94 -0.09 -58.73
C GLY A 99 37.64 -1.10 -57.86
N GLU A 100 38.55 -0.65 -57.02
CA GLU A 100 39.22 -1.56 -56.10
C GLU A 100 38.18 -2.38 -55.40
N ARG A 101 38.54 -3.56 -54.96
CA ARG A 101 37.64 -4.30 -54.08
C ARG A 101 38.26 -4.37 -52.70
N LEU A 102 37.42 -4.11 -51.70
CA LEU A 102 37.85 -4.02 -50.31
C LEU A 102 37.26 -5.15 -49.46
N ALA A 103 38.08 -5.77 -48.64
CA ALA A 103 37.55 -6.76 -47.72
C ALA A 103 37.02 -6.05 -46.48
N LEU A 104 35.74 -6.25 -46.19
CA LEU A 104 35.14 -5.71 -44.96
C LEU A 104 35.14 -6.75 -43.86
N ARG A 105 35.68 -6.37 -42.70
CA ARG A 105 35.88 -7.30 -41.58
C ARG A 105 35.52 -6.66 -40.24
N ASP A 106 35.11 -7.48 -39.29
CA ASP A 106 34.84 -6.99 -37.94
C ASP A 106 36.12 -6.48 -37.27
N GLY A 107 36.04 -6.11 -36.01
CA GLY A 107 37.21 -5.62 -35.31
C GLY A 107 38.33 -6.62 -35.04
N GLU A 108 38.05 -7.92 -35.21
CA GLU A 108 39.04 -8.93 -34.94
C GLU A 108 39.48 -9.61 -36.25
N GLY A 109 39.39 -8.87 -37.37
CA GLY A 109 39.83 -9.38 -38.66
C GLY A 109 39.02 -10.51 -39.26
N TYR A 110 37.86 -10.79 -38.65
CA TYR A 110 36.92 -11.77 -39.20
C TYR A 110 36.22 -11.17 -40.42
N MET A 111 36.23 -11.91 -41.52
CA MET A 111 35.79 -11.37 -42.79
C MET A 111 34.29 -11.47 -42.95
N LEU A 112 33.69 -10.36 -43.42
CA LEU A 112 32.23 -10.21 -43.55
C LEU A 112 31.72 -10.10 -44.99
N ALA A 113 32.41 -9.29 -45.78
CA ALA A 113 31.93 -9.03 -47.12
C ALA A 113 33.02 -8.34 -47.91
N ILE A 114 32.94 -8.40 -49.23
CA ILE A 114 33.78 -7.50 -50.03
C ILE A 114 32.95 -6.33 -50.62
N LEU A 115 33.45 -5.13 -50.40
CA LEU A 115 32.90 -3.92 -50.97
C LEU A 115 33.59 -3.63 -52.30
N THR A 116 32.79 -3.43 -53.34
CA THR A 116 33.33 -3.05 -54.62
C THR A 116 33.21 -1.52 -54.73
N LEU A 117 34.33 -0.80 -54.58
CA LEU A 117 34.31 0.66 -54.46
C LEU A 117 33.66 1.45 -55.63
N SER A 118 32.58 2.17 -55.33
CA SER A 118 31.96 3.17 -56.24
C SER A 118 32.60 4.54 -56.09
N ASP A 119 32.79 4.97 -54.85
CA ASP A 119 33.23 6.32 -54.54
C ASP A 119 33.99 6.29 -53.22
N VAL A 120 34.97 7.18 -53.07
CA VAL A 120 35.72 7.27 -51.82
C VAL A 120 36.07 8.73 -51.57
N TRP A 121 35.63 9.23 -50.43
CA TRP A 121 35.82 10.62 -50.11
C TRP A 121 35.91 10.83 -48.64
N LYS A 122 36.25 12.03 -48.23
CA LYS A 122 36.49 12.32 -46.83
C LYS A 122 35.69 13.49 -46.37
N ASP A 123 35.36 13.46 -45.08
CA ASP A 123 34.61 14.50 -44.44
C ASP A 123 35.22 14.56 -43.09
N GLY A 124 35.60 15.75 -42.68
CA GLY A 124 36.20 15.85 -41.38
C GLY A 124 37.04 14.63 -41.09
N GLU A 125 36.92 14.12 -39.88
CA GLU A 125 37.83 13.11 -39.35
C GLU A 125 37.73 11.72 -39.99
N ARG A 126 36.69 11.49 -40.78
CA ARG A 126 36.42 10.13 -41.20
C ARG A 126 36.35 9.96 -42.71
N TRP A 127 36.56 8.72 -43.16
CA TRP A 127 36.46 8.38 -44.57
C TRP A 127 35.17 7.68 -44.86
N HIS A 128 34.57 8.03 -45.98
CA HIS A 128 33.31 7.44 -46.42
C HIS A 128 33.57 6.52 -47.60
N LEU A 129 32.77 5.46 -47.72
CA LEU A 129 32.98 4.48 -48.77
C LEU A 129 31.64 4.13 -49.41
N ALA A 130 31.71 3.66 -50.65
CA ALA A 130 30.53 3.43 -51.45
C ALA A 130 30.74 2.23 -52.36
N GLY A 131 29.65 1.58 -52.76
CA GLY A 131 29.73 0.49 -53.70
C GLY A 131 28.81 -0.66 -53.34
N GLU A 132 28.59 -1.54 -54.32
CA GLU A 132 27.85 -2.77 -54.11
C GLU A 132 28.57 -3.65 -53.10
N VAL A 133 27.80 -4.46 -52.39
CA VAL A 133 28.37 -5.28 -51.33
C VAL A 133 28.08 -6.73 -51.62
N GLU A 134 29.07 -7.61 -51.42
CA GLU A 134 28.86 -9.06 -51.51
C GLU A 134 29.27 -9.65 -50.18
N GLY A 135 28.31 -10.26 -49.50
CA GLY A 135 28.54 -10.80 -48.17
C GLY A 135 28.87 -12.28 -48.05
N ALA A 136 29.79 -12.56 -47.14
CA ALA A 136 30.19 -13.94 -46.83
C ALA A 136 29.59 -14.39 -45.50
N ALA A 137 29.80 -13.59 -44.47
CA ALA A 137 29.35 -13.85 -43.11
C ALA A 137 28.75 -12.61 -42.47
N LEU A 138 27.88 -12.82 -41.48
CA LEU A 138 27.37 -11.73 -40.65
C LEU A 138 28.24 -11.54 -39.41
N PRO A 139 28.24 -10.34 -38.86
CA PRO A 139 28.97 -10.13 -37.60
C PRO A 139 28.69 -11.24 -36.60
N PRO A 140 29.74 -11.80 -36.00
CA PRO A 140 29.52 -12.88 -35.03
C PRO A 140 28.73 -12.38 -33.82
N HIS A 141 27.69 -13.11 -33.46
CA HIS A 141 26.87 -12.76 -32.32
C HIS A 141 26.65 -14.00 -31.47
N PRO A 142 27.54 -14.27 -30.51
CA PRO A 142 27.38 -15.45 -29.67
C PRO A 142 26.16 -15.32 -28.78
N ASP A 143 25.85 -14.07 -28.44
CA ASP A 143 24.85 -13.73 -27.46
C ASP A 143 23.43 -13.59 -28.04
N PHE A 144 22.44 -14.09 -27.31
CA PHE A 144 21.05 -13.95 -27.70
C PHE A 144 20.75 -14.51 -29.09
N VAL A 145 21.44 -15.58 -29.45
CA VAL A 145 21.16 -16.28 -30.70
C VAL A 145 19.66 -16.47 -30.96
N SER A 146 18.92 -17.02 -30.01
CA SER A 146 17.48 -17.18 -30.17
C SER A 146 16.78 -15.89 -30.63
N LEU A 147 16.90 -14.85 -29.81
CA LEU A 147 16.24 -13.55 -29.99
C LEU A 147 16.61 -12.74 -31.24
N ARG A 148 17.71 -13.11 -31.92
CA ARG A 148 18.16 -12.38 -33.10
C ARG A 148 17.59 -12.97 -34.36
N ALA A 149 16.67 -12.26 -35.01
CA ALA A 149 16.19 -12.69 -36.33
C ALA A 149 16.54 -11.72 -37.45
N THR A 150 16.77 -12.27 -38.63
CA THR A 150 16.97 -11.43 -39.78
C THR A 150 15.57 -11.03 -40.24
N PRO A 151 15.47 -9.97 -41.03
CA PRO A 151 14.14 -9.73 -41.55
C PRO A 151 13.50 -11.00 -42.14
N ALA A 152 14.26 -11.79 -42.91
CA ALA A 152 13.68 -13.03 -43.47
C ALA A 152 13.27 -14.04 -42.39
N GLU A 153 14.14 -14.26 -41.41
CA GLU A 153 13.82 -15.15 -40.31
C GLU A 153 12.56 -14.71 -39.58
N LEU A 154 12.50 -13.40 -39.28
CA LEU A 154 11.34 -12.87 -38.55
C LEU A 154 10.08 -13.10 -39.36
N ARG A 155 10.09 -12.69 -40.63
CA ARG A 155 8.92 -12.84 -41.49
C ARG A 155 8.43 -14.27 -41.49
N ALA A 156 9.38 -15.21 -41.48
CA ALA A 156 9.03 -16.62 -41.53
C ALA A 156 8.30 -17.05 -40.25
N LEU A 157 8.84 -16.56 -39.13
CA LEU A 157 8.25 -16.71 -37.81
C LEU A 157 6.77 -16.18 -37.78
N PHE A 158 6.61 -14.90 -38.07
CA PHE A 158 5.30 -14.32 -38.25
C PHE A 158 4.37 -15.26 -39.03
N VAL A 159 4.89 -15.92 -40.04
CA VAL A 159 4.01 -16.68 -40.91
C VAL A 159 3.53 -17.99 -40.26
N ARG A 160 4.41 -18.62 -39.48
CA ARG A 160 4.04 -19.79 -38.72
C ARG A 160 3.06 -19.39 -37.63
N ARG A 161 3.30 -18.25 -37.02
CA ARG A 161 2.42 -17.77 -35.97
C ARG A 161 1.07 -17.35 -36.50
N GLY A 162 0.95 -17.33 -37.82
CA GLY A 162 -0.28 -16.92 -38.48
C GLY A 162 -0.60 -15.43 -38.39
N TRP A 163 0.40 -14.63 -38.04
CA TRP A 163 0.23 -13.20 -37.84
C TRP A 163 0.16 -12.50 -39.18
N ARG A 164 -0.49 -11.33 -39.23
CA ARG A 164 -0.53 -10.53 -40.46
C ARG A 164 -0.18 -9.05 -40.21
N ARG A 165 -1.00 -8.43 -39.37
CA ARG A 165 -0.91 -7.01 -39.07
C ARG A 165 -0.17 -6.89 -37.73
N ILE A 166 0.87 -6.05 -37.69
CA ILE A 166 1.81 -6.02 -36.57
C ILE A 166 2.30 -4.61 -36.24
N ILE A 167 2.06 -4.19 -35.00
CA ILE A 167 2.69 -3.01 -34.44
C ILE A 167 4.07 -3.38 -33.92
N ALA A 168 5.06 -2.56 -34.24
CA ALA A 168 6.40 -2.73 -33.71
C ALA A 168 6.71 -1.61 -32.74
N TRP A 169 7.49 -1.96 -31.73
CA TRP A 169 7.99 -1.00 -30.75
C TRP A 169 9.49 -1.25 -30.73
N GLN A 170 10.25 -0.28 -31.22
CA GLN A 170 11.69 -0.44 -31.37
C GLN A 170 12.44 0.19 -30.22
N ALA A 171 12.24 -0.35 -29.02
CA ALA A 171 12.73 0.26 -27.79
C ALA A 171 14.21 0.61 -27.78
N ARG A 172 14.54 1.72 -27.13
CA ARG A 172 15.92 2.09 -26.91
C ARG A 172 16.24 2.15 -25.41
N GLN A 173 15.21 1.88 -24.59
CA GLN A 173 15.35 1.92 -23.14
C GLN A 173 14.26 1.09 -22.47
N PRO A 174 14.48 0.68 -21.22
CA PRO A 174 13.58 -0.27 -20.57
C PRO A 174 12.17 0.22 -20.55
N MET A 175 11.26 -0.75 -20.45
CA MET A 175 9.84 -0.52 -20.48
C MET A 175 9.27 -0.68 -19.07
N HIS A 176 8.45 0.27 -18.65
CA HIS A 176 7.70 0.16 -17.41
C HIS A 176 6.20 0.13 -17.67
N ARG A 177 5.37 0.27 -16.65
CA ARG A 177 3.95 0.01 -16.79
C ARG A 177 3.19 0.91 -17.77
N ALA A 178 3.61 2.16 -17.92
CA ALA A 178 2.98 3.07 -18.87
C ALA A 178 3.15 2.65 -20.33
N GLN A 179 4.39 2.44 -20.75
CA GLN A 179 4.59 1.96 -22.10
C GLN A 179 3.90 0.60 -22.28
N TYR A 180 4.09 -0.32 -21.35
CA TYR A 180 3.43 -1.62 -21.42
C TYR A 180 1.92 -1.45 -21.61
N GLU A 181 1.26 -0.68 -20.74
CA GLU A 181 -0.20 -0.52 -20.86
C GLU A 181 -0.62 0.13 -22.19
N PHE A 182 0.18 1.08 -22.69
CA PHE A 182 -0.13 1.77 -23.94
C PHE A 182 0.07 0.94 -25.17
N CYS A 183 1.07 0.05 -25.15
CA CYS A 183 1.26 -0.93 -26.22
C CYS A 183 0.04 -1.81 -26.26
N LEU A 184 -0.35 -2.34 -25.11
CA LEU A 184 -1.49 -3.26 -25.04
C LEU A 184 -2.69 -2.67 -25.70
N LYS A 185 -3.01 -1.42 -25.41
CA LYS A 185 -4.21 -0.85 -26.03
C LYS A 185 -4.00 -0.44 -27.50
N SER A 186 -2.78 -0.04 -27.87
CA SER A 186 -2.54 0.28 -29.27
C SER A 186 -2.79 -0.97 -30.09
N ALA A 187 -2.32 -2.10 -29.57
CA ALA A 187 -2.56 -3.40 -30.20
C ALA A 187 -4.05 -3.81 -30.27
N ILE A 188 -4.80 -3.65 -29.18
CA ILE A 188 -6.23 -3.97 -29.26
C ILE A 188 -6.94 -3.01 -30.21
N GLU A 189 -6.55 -1.74 -30.16
CA GLU A 189 -7.23 -0.69 -30.91
C GLU A 189 -7.03 -0.83 -32.41
N ASN A 190 -5.87 -1.32 -32.81
CA ASN A 190 -5.55 -1.47 -34.23
C ASN A 190 -5.67 -2.92 -34.67
N GLU A 191 -6.28 -3.73 -33.81
CA GLU A 191 -6.43 -5.16 -34.08
C GLU A 191 -5.11 -5.75 -34.62
N ALA A 192 -4.05 -5.50 -33.86
CA ALA A 192 -2.70 -5.88 -34.27
C ALA A 192 -1.96 -6.74 -33.23
N ASN A 193 -1.05 -7.59 -33.74
CA ASN A 193 -0.07 -8.27 -32.90
C ASN A 193 1.07 -7.31 -32.56
N LEU A 194 1.84 -7.62 -31.52
CA LEU A 194 2.82 -6.68 -31.02
C LEU A 194 4.19 -7.29 -31.07
N LEU A 195 5.12 -6.52 -31.62
CA LEU A 195 6.53 -6.88 -31.71
C LEU A 195 7.40 -5.94 -30.84
N LEU A 196 7.99 -6.50 -29.78
CA LEU A 196 8.95 -5.75 -28.98
C LEU A 196 10.28 -5.93 -29.66
N HIS A 197 10.80 -4.82 -30.15
CA HIS A 197 11.95 -4.84 -31.06
C HIS A 197 13.03 -3.90 -30.55
N PRO A 198 13.65 -4.19 -29.40
CA PRO A 198 14.60 -3.25 -28.80
C PRO A 198 15.90 -3.06 -29.60
N GLN A 199 16.31 -1.82 -29.83
CA GLN A 199 17.58 -1.57 -30.50
C GLN A 199 18.77 -2.14 -29.71
N VAL A 200 19.63 -2.90 -30.37
CA VAL A 200 20.58 -3.69 -29.61
C VAL A 200 22.07 -3.57 -29.99
N GLY A 201 22.40 -2.65 -30.88
CA GLY A 201 23.75 -2.51 -31.35
C GLY A 201 24.81 -1.95 -30.43
N GLY A 202 25.87 -2.71 -30.21
CA GLY A 202 26.95 -2.29 -29.36
C GLY A 202 28.10 -3.25 -29.54
N ASP A 203 29.13 -3.17 -28.71
CA ASP A 203 30.22 -4.13 -28.68
C ASP A 203 30.41 -4.74 -27.27
N ILE A 204 30.99 -5.93 -27.22
CA ILE A 204 31.23 -6.61 -25.95
C ILE A 204 31.96 -5.71 -24.96
N THR A 205 32.62 -4.67 -25.49
CA THR A 205 33.37 -3.74 -24.66
C THR A 205 33.03 -2.30 -25.03
N GLU A 206 33.00 -2.01 -26.32
CA GLU A 206 32.70 -0.67 -26.80
C GLU A 206 31.43 -0.12 -26.16
N ALA A 207 30.34 -0.89 -26.25
CA ALA A 207 29.07 -0.49 -25.67
C ALA A 207 28.26 -1.69 -25.22
N PRO A 208 28.72 -2.36 -24.17
CA PRO A 208 28.04 -3.54 -23.64
C PRO A 208 26.86 -3.16 -22.75
N ALA A 209 26.11 -2.14 -23.16
CA ALA A 209 24.97 -1.69 -22.40
C ALA A 209 23.70 -2.38 -22.88
N TYR A 210 23.75 -2.87 -24.11
CA TYR A 210 22.56 -3.53 -24.64
C TYR A 210 22.19 -4.77 -23.83
N PHE A 211 23.15 -5.40 -23.17
CA PHE A 211 22.85 -6.61 -22.43
C PHE A 211 21.80 -6.33 -21.39
N GLY A 212 22.02 -5.28 -20.61
CA GLY A 212 21.01 -4.85 -19.66
C GLY A 212 19.65 -4.57 -20.30
N LEU A 213 19.64 -3.90 -21.45
CA LEU A 213 18.41 -3.62 -22.14
C LEU A 213 17.68 -4.90 -22.47
N VAL A 214 18.38 -5.83 -23.07
CA VAL A 214 17.72 -7.07 -23.41
C VAL A 214 17.22 -7.72 -22.14
N ARG A 215 18.02 -7.69 -21.09
CA ARG A 215 17.62 -8.42 -19.90
C ARG A 215 16.38 -7.81 -19.25
N SER A 216 16.23 -6.51 -19.34
CA SER A 216 15.07 -5.86 -18.80
C SER A 216 13.81 -6.17 -19.61
N PHE A 217 13.96 -6.49 -20.89
CA PHE A 217 12.83 -6.95 -21.69
C PHE A 217 12.44 -8.38 -21.34
N LEU A 218 13.44 -9.23 -21.19
CA LEU A 218 13.19 -10.61 -20.83
C LEU A 218 12.48 -10.65 -19.52
N ALA A 219 12.75 -9.66 -18.68
CA ALA A 219 12.21 -9.62 -17.33
C ALA A 219 10.71 -9.42 -17.31
N ILE A 220 10.21 -8.63 -18.24
CA ILE A 220 8.81 -8.27 -18.23
C ILE A 220 8.04 -8.91 -19.37
N ARG A 221 8.70 -9.72 -20.17
CA ARG A 221 8.02 -10.30 -21.31
C ARG A 221 6.80 -11.12 -20.90
N ASP A 222 6.85 -11.79 -19.74
CA ASP A 222 5.75 -12.67 -19.33
C ASP A 222 4.46 -11.95 -18.97
N ARG A 223 4.58 -10.63 -18.77
CA ARG A 223 3.44 -9.75 -18.52
C ARG A 223 2.64 -9.50 -19.79
N PHE A 224 3.12 -10.05 -20.90
CA PHE A 224 2.54 -9.79 -22.20
C PHE A 224 1.79 -11.02 -22.68
N PRO A 225 0.70 -10.80 -23.37
CA PRO A 225 -0.07 -11.92 -23.90
C PRO A 225 0.81 -12.71 -24.87
N ALA A 226 0.91 -14.02 -24.65
CA ALA A 226 1.80 -14.82 -25.45
C ALA A 226 1.40 -14.91 -26.92
N ALA A 227 0.10 -15.10 -27.15
CA ALA A 227 -0.42 -15.33 -28.51
C ALA A 227 -0.48 -14.05 -29.34
N THR A 228 0.01 -12.95 -28.77
CA THR A 228 -0.19 -11.65 -29.37
C THR A 228 1.10 -10.80 -29.42
N THR A 229 2.17 -11.31 -28.83
CA THR A 229 3.35 -10.52 -28.61
C THR A 229 4.51 -11.35 -29.08
N GLN A 230 5.56 -10.69 -29.56
CA GLN A 230 6.83 -11.30 -29.95
C GLN A 230 7.97 -10.44 -29.51
N LEU A 231 9.05 -11.08 -29.04
CA LEU A 231 10.28 -10.34 -28.72
C LEU A 231 11.39 -10.70 -29.71
N SER A 232 12.11 -9.70 -30.19
CA SER A 232 13.17 -9.97 -31.13
C SER A 232 14.15 -8.83 -31.04
N LEU A 233 15.38 -9.03 -31.45
CA LEU A 233 16.37 -7.95 -31.37
C LEU A 233 16.59 -7.30 -32.72
N LEU A 234 16.82 -6.00 -32.67
CA LEU A 234 17.04 -5.16 -33.83
C LEU A 234 18.46 -4.63 -33.79
N PRO A 235 19.36 -5.22 -34.59
CA PRO A 235 20.79 -4.96 -34.50
C PRO A 235 21.14 -3.63 -35.14
N ALA A 236 21.34 -2.60 -34.34
CA ALA A 236 21.58 -1.26 -34.85
C ALA A 236 21.79 -0.36 -33.66
N PRO A 237 22.33 0.84 -33.89
CA PRO A 237 22.38 1.68 -32.68
C PRO A 237 21.02 2.37 -32.79
N PRO A 238 20.45 2.82 -31.65
CA PRO A 238 19.38 3.80 -31.77
C PRO A 238 19.87 5.03 -32.58
N PRO A 239 19.01 5.59 -33.44
CA PRO A 239 19.46 6.71 -34.26
C PRO A 239 19.34 7.97 -33.42
N GLU A 240 19.69 9.13 -33.97
CA GLU A 240 19.32 10.35 -33.25
C GLU A 240 18.07 11.05 -33.84
N ALA A 241 17.10 11.32 -32.92
CA ALA A 241 15.69 11.67 -33.23
C ALA A 241 15.55 12.74 -34.30
N SER A 242 14.95 12.35 -35.40
CA SER A 242 14.78 13.20 -36.56
C SER A 242 13.59 12.66 -37.28
N GLY A 243 13.33 13.15 -38.47
CA GLY A 243 12.14 12.73 -39.17
C GLY A 243 12.53 11.83 -40.30
N ARG A 244 13.69 12.08 -40.86
CA ARG A 244 14.20 11.23 -41.90
C ARG A 244 14.41 9.97 -41.16
N ALA A 245 15.08 10.08 -40.03
CA ALA A 245 15.40 8.95 -39.23
C ALA A 245 14.17 8.19 -38.84
N LEU A 246 13.13 8.89 -38.48
CA LEU A 246 11.98 8.21 -38.02
C LEU A 246 11.40 7.49 -39.18
N LEU A 247 11.54 8.09 -40.35
CA LEU A 247 11.08 7.49 -41.60
C LEU A 247 11.90 6.27 -42.02
N LEU A 248 13.16 6.22 -41.60
CA LEU A 248 14.00 5.08 -41.90
C LEU A 248 13.48 3.91 -41.07
N ARG A 249 13.24 4.17 -39.78
CA ARG A 249 12.85 3.13 -38.86
C ARG A 249 11.56 2.50 -39.34
N ALA A 250 10.69 3.34 -39.86
CA ALA A 250 9.44 2.90 -40.51
C ALA A 250 9.74 1.96 -41.67
N ILE A 251 10.82 2.23 -42.39
CA ILE A 251 11.19 1.39 -43.52
C ILE A 251 11.76 0.09 -43.05
N VAL A 252 12.62 0.12 -42.05
CA VAL A 252 13.13 -1.15 -41.55
C VAL A 252 12.00 -1.91 -40.86
N ALA A 253 11.07 -1.18 -40.24
CA ALA A 253 9.92 -1.86 -39.64
C ALA A 253 9.17 -2.61 -40.72
N ARG A 254 9.01 -1.96 -41.85
CA ARG A 254 8.37 -2.59 -42.98
C ARG A 254 9.13 -3.81 -43.48
N ASN A 255 10.45 -3.70 -43.54
CA ASN A 255 11.25 -4.81 -44.05
C ASN A 255 11.24 -6.01 -43.11
N PHE A 256 11.02 -5.75 -41.83
CA PHE A 256 10.89 -6.84 -40.88
C PHE A 256 9.48 -7.49 -40.84
N GLY A 257 8.50 -6.83 -41.46
CA GLY A 257 7.17 -7.38 -41.53
C GLY A 257 6.11 -6.49 -40.88
N CYS A 258 6.53 -5.44 -40.21
CA CYS A 258 5.58 -4.64 -39.45
C CYS A 258 4.90 -3.61 -40.31
N SER A 259 3.61 -3.42 -40.07
CA SER A 259 2.86 -2.38 -40.79
C SER A 259 2.47 -1.19 -39.90
N LEU A 260 2.87 -1.24 -38.63
CA LEU A 260 2.66 -0.13 -37.71
C LEU A 260 3.93 0.10 -36.86
N LEU A 261 4.17 1.35 -36.50
CA LEU A 261 5.37 1.65 -35.73
C LEU A 261 5.02 2.67 -34.64
N ILE A 262 5.43 2.40 -33.42
CA ILE A 262 5.18 3.35 -32.37
C ILE A 262 6.42 4.23 -32.33
N ALA A 263 6.28 5.53 -32.09
CA ALA A 263 7.44 6.40 -32.00
C ALA A 263 7.27 7.36 -30.83
N ASP A 286 5.84 14.46 -35.66
CA ASP A 286 5.20 14.18 -36.92
C ASP A 286 4.83 15.46 -37.60
N PRO A 287 3.57 15.53 -38.00
CA PRO A 287 2.85 14.36 -38.45
C PRO A 287 2.75 14.42 -39.94
N SER A 288 3.62 15.18 -40.57
CA SER A 288 3.66 15.26 -42.02
C SER A 288 4.65 14.22 -42.48
N VAL A 289 5.10 13.45 -41.52
CA VAL A 289 5.90 12.28 -41.76
C VAL A 289 4.94 11.13 -41.67
N ALA A 290 4.00 11.19 -40.74
CA ALA A 290 2.96 10.20 -40.70
C ALA A 290 2.31 10.32 -42.06
N GLU A 291 2.51 11.47 -42.66
CA GLU A 291 2.33 11.67 -44.09
C GLU A 291 3.00 10.92 -45.24
N ARG A 292 4.29 10.67 -45.07
CA ARG A 292 5.07 9.99 -46.06
C ARG A 292 5.16 8.52 -45.72
N ALA A 293 4.70 8.21 -44.52
CA ALA A 293 5.02 7.00 -43.81
C ALA A 293 3.87 6.14 -44.20
N GLU A 294 2.70 6.67 -43.94
CA GLU A 294 1.49 6.03 -44.32
C GLU A 294 1.65 5.70 -45.79
N LYS A 295 2.28 6.63 -46.51
CA LYS A 295 2.73 6.45 -47.89
C LYS A 295 3.49 5.16 -48.30
N ILE A 296 4.63 4.88 -47.68
CA ILE A 296 5.36 3.61 -47.97
C ILE A 296 4.65 2.37 -47.38
N GLY A 297 3.56 2.61 -46.68
CA GLY A 297 2.69 1.53 -46.21
C GLY A 297 2.72 1.22 -44.70
N VAL A 298 3.40 2.05 -43.91
CA VAL A 298 3.52 1.77 -42.47
C VAL A 298 2.94 2.90 -41.65
N ARG A 299 1.87 2.60 -40.92
CA ARG A 299 1.22 3.61 -40.09
C ARG A 299 1.98 3.76 -38.80
N LEU A 300 2.40 4.99 -38.49
CA LEU A 300 3.12 5.19 -37.25
C LEU A 300 2.28 5.98 -36.21
N ILE A 301 2.02 5.33 -35.09
CA ILE A 301 1.24 5.90 -34.02
C ILE A 301 2.18 6.50 -33.00
N ALA A 302 1.79 7.64 -32.44
CA ALA A 302 2.67 8.35 -31.53
C ALA A 302 2.43 7.98 -30.06
N TYR A 303 3.48 8.12 -29.26
CA TYR A 303 3.39 7.78 -27.85
C TYR A 303 3.07 9.02 -27.01
N PRO A 304 1.90 9.03 -26.37
CA PRO A 304 1.39 10.23 -25.70
C PRO A 304 1.93 10.35 -24.28
N ARG A 305 1.72 11.46 -23.62
CA ARG A 305 1.96 11.48 -22.21
C ARG A 305 0.92 10.53 -21.63
N MET A 306 1.41 9.41 -21.07
CA MET A 306 0.69 8.50 -20.20
C MET A 306 0.63 9.04 -18.78
N VAL A 307 -0.53 8.91 -18.13
CA VAL A 307 -0.64 9.29 -16.72
C VAL A 307 -1.30 8.13 -15.99
N TYR A 308 -0.91 7.91 -14.73
CA TYR A 308 -1.64 6.94 -13.95
C TYR A 308 -2.88 7.62 -13.39
N VAL A 309 -4.06 7.09 -13.73
CA VAL A 309 -5.31 7.65 -13.27
C VAL A 309 -5.88 6.83 -12.13
N GLU A 310 -5.63 7.28 -10.89
CA GLU A 310 -5.97 6.54 -9.69
C GLU A 310 -7.43 6.13 -9.73
N ASP A 311 -8.27 7.06 -10.18
CA ASP A 311 -9.71 6.88 -10.22
C ASP A 311 -10.10 5.71 -11.11
N ARG A 312 -9.15 5.18 -11.86
CA ARG A 312 -9.43 4.09 -12.78
C ARG A 312 -8.45 2.93 -12.70
N ALA A 313 -7.53 3.04 -11.75
CA ALA A 313 -6.47 2.06 -11.56
C ALA A 313 -5.86 1.65 -12.89
N GLU A 314 -5.50 2.65 -13.75
CA GLU A 314 -4.84 2.35 -15.03
C GLU A 314 -4.29 3.59 -15.69
N HIS A 315 -3.27 3.40 -16.52
CA HIS A 315 -2.68 4.49 -17.29
C HIS A 315 -3.50 4.78 -18.52
N LEU A 316 -3.63 6.06 -18.81
CA LEU A 316 -4.32 6.53 -19.98
C LEU A 316 -3.46 7.62 -20.60
N PRO A 317 -3.59 7.79 -21.91
CA PRO A 317 -3.04 9.01 -22.49
C PRO A 317 -3.69 10.22 -21.81
N GLU A 318 -2.89 11.23 -21.53
CA GLU A 318 -3.28 12.32 -20.66
C GLU A 318 -4.59 12.94 -21.12
N ALA A 319 -4.77 12.98 -22.43
CA ALA A 319 -5.92 13.63 -23.01
C ALA A 319 -7.16 12.76 -22.96
N GLU A 320 -7.01 11.53 -22.52
CA GLU A 320 -8.18 10.66 -22.39
C GLU A 320 -8.63 10.52 -20.94
N ALA A 321 -7.79 10.98 -20.02
CA ALA A 321 -8.16 10.99 -18.59
C ALA A 321 -9.43 11.77 -18.29
N PRO A 322 -10.27 11.24 -17.40
CA PRO A 322 -11.52 11.89 -17.00
C PRO A 322 -11.26 13.27 -16.41
N GLN A 323 -12.11 14.28 -16.45
CA GLN A 323 -11.60 15.56 -15.91
C GLN A 323 -11.54 15.65 -14.36
N GLY A 324 -10.59 16.38 -13.74
CA GLY A 324 -10.56 16.43 -12.30
C GLY A 324 -10.21 15.12 -11.59
N ALA A 325 -9.88 14.08 -12.36
CA ALA A 325 -9.36 12.87 -11.75
C ALA A 325 -7.96 13.14 -11.22
N ARG A 326 -7.52 12.46 -10.16
CA ARG A 326 -6.17 12.72 -9.72
C ARG A 326 -5.29 11.96 -10.65
N LEU A 327 -4.46 12.67 -11.38
CA LEU A 327 -3.42 12.13 -12.28
C LEU A 327 -2.07 11.98 -11.60
N LEU A 328 -1.33 10.91 -11.93
CA LEU A 328 -0.05 10.62 -11.25
C LEU A 328 1.06 10.27 -12.25
N THR A 329 2.23 10.84 -12.05
CA THR A 329 3.36 10.69 -12.96
C THR A 329 4.64 10.59 -12.14
N LEU A 330 5.75 10.29 -12.80
CA LEU A 330 7.03 10.11 -12.12
C LEU A 330 8.06 10.36 -13.21
N SER A 331 8.80 11.45 -13.13
CA SER A 331 9.78 11.73 -14.18
C SER A 331 10.93 10.74 -14.11
N GLY A 332 11.74 10.69 -15.15
CA GLY A 332 12.93 9.85 -15.15
C GLY A 332 14.02 10.48 -14.30
N GLU A 333 14.12 11.77 -14.39
CA GLU A 333 14.90 12.42 -13.42
C GLU A 333 14.47 11.84 -12.08
N GLU A 334 13.19 11.60 -11.79
CA GLU A 334 12.96 11.40 -10.38
C GLU A 334 13.11 9.92 -10.08
N PHE A 335 12.76 9.11 -11.06
CA PHE A 335 12.89 7.68 -10.93
C PHE A 335 14.33 7.39 -10.65
N GLN A 336 15.18 7.93 -11.51
CA GLN A 336 16.59 7.74 -11.36
C GLN A 336 16.98 8.09 -9.98
N ARG A 337 16.39 9.15 -9.45
CA ARG A 337 16.95 9.68 -8.24
C ARG A 337 16.60 8.70 -7.14
N ARG A 338 15.33 8.31 -7.09
CA ARG A 338 14.84 7.40 -6.08
C ARG A 338 15.63 6.10 -6.06
N MET A 339 15.92 5.58 -7.27
CA MET A 339 16.78 4.40 -7.44
C MET A 339 18.22 4.61 -6.90
N ARG A 340 18.79 5.74 -7.20
CA ARG A 340 20.07 5.97 -6.64
C ARG A 340 19.95 6.30 -5.18
N ALA A 341 18.79 6.21 -4.52
CA ALA A 341 18.92 6.70 -3.16
C ALA A 341 18.26 5.68 -2.23
N GLY A 342 17.60 4.71 -2.81
CA GLY A 342 16.93 3.69 -2.05
C GLY A 342 15.51 4.08 -1.73
N LEU A 343 15.01 5.10 -2.41
CA LEU A 343 13.66 5.59 -2.12
C LEU A 343 12.54 4.72 -2.73
N LYS A 344 11.34 4.84 -2.19
CA LYS A 344 10.21 4.01 -2.64
C LYS A 344 9.75 4.37 -4.07
N ILE A 345 9.51 3.34 -4.88
CA ILE A 345 8.99 3.53 -6.21
C ILE A 345 7.57 3.08 -6.18
N PRO A 346 6.71 3.90 -6.73
CA PRO A 346 5.30 3.62 -6.74
C PRO A 346 5.02 2.26 -7.28
N GLU A 347 3.83 1.73 -7.08
CA GLU A 347 3.55 0.42 -7.59
C GLU A 347 2.86 0.40 -8.90
N TRP A 348 2.40 1.56 -9.33
CA TRP A 348 1.74 1.67 -10.58
C TRP A 348 2.78 1.99 -11.57
N TYR A 349 3.98 2.24 -11.11
CA TYR A 349 4.98 2.70 -12.03
C TYR A 349 5.60 1.58 -12.84
N SER A 350 6.16 0.60 -12.18
CA SER A 350 6.86 -0.45 -12.89
C SER A 350 6.32 -1.81 -12.49
N PHE A 351 7.16 -2.84 -12.66
CA PHE A 351 6.90 -4.18 -12.13
C PHE A 351 8.06 -4.57 -11.22
N PRO A 352 7.80 -5.40 -10.20
CA PRO A 352 8.86 -5.86 -9.29
C PRO A 352 10.07 -6.44 -10.00
N GLU A 353 9.84 -7.30 -10.98
CA GLU A 353 10.90 -7.92 -11.78
C GLU A 353 11.84 -6.92 -12.45
N VAL A 354 11.26 -5.93 -13.12
CA VAL A 354 12.06 -4.95 -13.83
C VAL A 354 12.83 -4.15 -12.82
N LEU A 355 12.13 -3.73 -11.77
CA LEU A 355 12.81 -2.97 -10.72
C LEU A 355 14.01 -3.76 -10.23
N ALA A 356 13.77 -5.04 -9.96
CA ALA A 356 14.78 -5.92 -9.39
C ALA A 356 15.95 -6.02 -10.33
N GLU A 357 15.63 -6.04 -11.62
CA GLU A 357 16.64 -6.16 -12.65
C GLU A 357 17.42 -4.87 -12.82
N LEU A 358 16.74 -3.74 -12.89
CA LEU A 358 17.44 -2.45 -12.93
C LEU A 358 18.36 -2.23 -11.72
N HIS A 359 18.02 -2.82 -10.58
CA HIS A 359 18.88 -2.77 -9.42
C HIS A 359 20.07 -3.73 -9.46
N ARG A 360 19.92 -4.85 -10.12
CA ARG A 360 21.10 -5.69 -10.32
C ARG A 360 22.10 -5.04 -11.28
N GLN A 361 21.60 -4.16 -12.16
CA GLN A 361 22.44 -3.48 -13.14
C GLN A 361 23.10 -2.26 -12.55
N THR A 362 22.29 -1.40 -11.95
CA THR A 362 22.77 -0.14 -11.36
C THR A 362 22.26 0.06 -9.93
N PRO A 363 23.08 -0.32 -8.93
CA PRO A 363 22.72 -0.37 -7.51
C PRO A 363 22.67 0.99 -6.87
N PRO A 364 21.97 1.09 -5.72
CA PRO A 364 21.93 2.31 -4.91
C PRO A 364 23.33 2.65 -4.38
N ARG A 365 23.63 3.92 -4.15
CA ARG A 365 24.97 4.26 -3.71
C ARG A 365 25.29 3.37 -2.53
N GLU A 366 24.34 3.26 -1.59
CA GLU A 366 24.42 2.35 -0.45
C GLU A 366 25.13 1.03 -0.76
N ARG A 367 25.00 0.57 -2.00
CA ARG A 367 25.38 -0.80 -2.31
C ARG A 367 26.36 -0.90 -3.47
N GLN A 368 26.67 0.23 -4.08
CA GLN A 368 27.55 0.25 -5.24
C GLN A 368 29.00 0.43 -4.83
N GLY A 369 29.89 0.16 -5.79
CA GLY A 369 31.31 0.16 -5.55
C GLY A 369 31.78 1.58 -5.63
N PHE A 370 32.94 1.82 -5.06
CA PHE A 370 33.54 3.14 -5.11
C PHE A 370 35.00 3.04 -4.67
N THR A 371 35.83 3.91 -5.25
CA THR A 371 37.21 3.98 -4.80
C THR A 371 37.35 5.25 -3.98
N VAL A 372 38.17 5.18 -2.95
CA VAL A 372 38.54 6.33 -2.16
C VAL A 372 39.96 6.66 -2.57
N PHE A 373 40.14 7.84 -3.15
CA PHE A 373 41.41 8.21 -3.78
C PHE A 373 42.08 9.34 -2.98
N PHE A 374 43.06 9.01 -2.16
CA PHE A 374 43.77 10.01 -1.37
C PHE A 374 44.80 10.74 -2.22
N THR A 375 44.79 12.08 -2.17
CA THR A 375 45.82 12.85 -2.86
C THR A 375 46.40 13.95 -1.98
N GLY A 376 47.69 14.21 -2.16
CA GLY A 376 48.40 15.20 -1.37
C GLY A 376 49.90 15.04 -1.61
N LEU A 377 50.71 15.59 -0.71
CA LEU A 377 52.17 15.47 -0.81
C LEU A 377 52.62 14.32 0.05
N SER A 378 53.92 14.00 0.02
CA SER A 378 54.44 12.81 0.72
C SER A 378 54.37 13.00 2.26
N GLY A 379 53.16 12.84 2.77
CA GLY A 379 52.21 11.94 2.14
C GLY A 379 52.59 10.54 2.57
N ALA A 380 53.19 10.48 3.75
CA ALA A 380 53.16 9.25 4.49
C ALA A 380 51.85 9.33 5.24
N GLY A 381 51.27 10.53 5.43
CA GLY A 381 50.04 10.56 6.19
C GLY A 381 48.95 9.96 5.33
N LYS A 382 49.02 10.24 4.03
CA LYS A 382 48.18 9.58 3.05
C LYS A 382 48.11 8.09 3.32
N SER A 383 49.26 7.41 3.23
CA SER A 383 49.27 5.97 3.43
C SER A 383 48.69 5.52 4.76
N THR A 384 49.02 6.24 5.82
CA THR A 384 48.52 5.90 7.15
C THR A 384 46.99 6.04 7.24
N LEU A 385 46.47 7.14 6.70
CA LEU A 385 45.04 7.34 6.63
C LEU A 385 44.41 6.20 5.84
N ALA A 386 44.95 5.93 4.67
CA ALA A 386 44.39 4.94 3.79
C ALA A 386 44.24 3.61 4.54
N ARG A 387 45.29 3.15 5.20
CA ARG A 387 45.21 1.88 5.92
C ARG A 387 44.16 1.86 7.02
N ALA A 388 44.10 2.93 7.80
CA ALA A 388 43.08 3.01 8.83
C ALA A 388 41.69 2.96 8.21
N LEU A 389 41.48 3.73 7.13
CA LEU A 389 40.18 3.83 6.49
C LEU A 389 39.75 2.44 5.99
N ALA A 390 40.71 1.68 5.46
CA ALA A 390 40.47 0.30 5.04
C ALA A 390 39.96 -0.55 6.19
N ALA A 391 40.64 -0.51 7.33
CA ALA A 391 40.24 -1.30 8.49
C ALA A 391 38.77 -1.03 8.85
N ARG A 392 38.43 0.26 8.96
CA ARG A 392 37.06 0.65 9.31
C ARG A 392 36.06 0.08 8.30
N LEU A 393 36.29 0.35 7.02
CA LEU A 393 35.38 -0.07 5.98
C LEU A 393 35.19 -1.59 6.01
N MET A 394 36.19 -2.30 6.52
CA MET A 394 36.14 -3.76 6.53
C MET A 394 35.20 -4.30 7.58
N GLU A 395 34.83 -3.49 8.52
CA GLU A 395 33.87 -3.90 9.52
C GLU A 395 32.48 -4.13 8.96
N MET A 396 32.30 -3.82 7.69
CA MET A 396 30.96 -3.67 7.15
C MET A 396 30.45 -4.79 6.27
N GLY A 397 31.35 -5.52 5.68
CA GLY A 397 30.94 -6.63 4.85
C GLY A 397 29.99 -6.19 3.73
N GLY A 398 29.50 -7.13 2.95
CA GLY A 398 28.69 -6.76 1.80
C GLY A 398 29.57 -6.40 0.62
N ARG A 399 30.42 -5.38 0.79
CA ARG A 399 31.43 -5.08 -0.23
C ARG A 399 32.83 -5.39 0.30
N CYS A 400 33.66 -5.99 -0.57
CA CYS A 400 35.05 -6.29 -0.21
C CYS A 400 35.91 -5.05 -0.40
N VAL A 401 36.87 -4.86 0.51
CA VAL A 401 37.80 -3.74 0.45
C VAL A 401 39.22 -4.17 0.05
N THR A 402 39.81 -3.45 -0.89
CA THR A 402 41.18 -3.72 -1.31
C THR A 402 42.02 -2.45 -1.13
N LEU A 403 43.15 -2.61 -0.44
CA LEU A 403 44.10 -1.52 -0.27
C LEU A 403 45.14 -1.54 -1.37
N LEU A 404 44.98 -0.70 -2.38
CA LEU A 404 45.98 -0.54 -3.42
C LEU A 404 47.08 0.46 -2.99
N ASP A 405 48.03 0.02 -2.16
CA ASP A 405 49.07 0.96 -1.74
C ASP A 405 50.55 0.51 -1.81
N GLY A 406 50.98 -0.30 -0.84
CA GLY A 406 52.40 -0.48 -0.62
C GLY A 406 53.08 -1.59 -1.39
N ASP A 407 53.32 -2.68 -0.67
CA ASP A 407 53.83 -3.91 -1.26
C ASP A 407 52.98 -4.32 -2.46
N ILE A 408 51.67 -4.41 -2.21
CA ILE A 408 50.70 -4.80 -3.23
C ILE A 408 51.04 -4.17 -4.58
N VAL A 409 51.02 -2.86 -4.65
CA VAL A 409 51.26 -2.20 -5.91
C VAL A 409 52.68 -2.37 -6.46
N ARG A 410 53.71 -2.25 -5.67
CA ARG A 410 54.93 -2.73 -6.22
C ARG A 410 55.12 -4.02 -6.96
N ARG A 411 54.77 -5.03 -6.16
CA ARG A 411 54.86 -6.48 -6.38
C ARG A 411 54.36 -6.83 -7.74
N HIS A 412 53.12 -6.48 -7.95
CA HIS A 412 52.27 -6.76 -9.11
C HIS A 412 51.90 -5.71 -10.18
N LEU A 413 51.87 -4.46 -9.77
CA LEU A 413 51.52 -3.41 -10.67
C LEU A 413 52.70 -2.65 -11.18
N SER A 414 53.68 -2.39 -10.33
CA SER A 414 54.71 -1.46 -10.75
C SER A 414 56.13 -1.86 -10.43
N SER A 415 56.33 -3.13 -10.12
CA SER A 415 57.64 -3.61 -9.78
C SER A 415 58.68 -3.07 -10.75
N GLU A 416 58.27 -2.67 -11.93
CA GLU A 416 59.22 -2.28 -12.95
C GLU A 416 58.86 -0.95 -13.56
N LEU A 417 59.18 0.17 -12.91
CA LEU A 417 58.69 1.46 -13.37
C LEU A 417 59.63 2.60 -13.07
N GLY A 418 60.01 3.41 -14.06
CA GLY A 418 61.04 4.36 -13.67
C GLY A 418 60.47 5.43 -12.76
N PHE A 419 61.05 6.63 -12.80
CA PHE A 419 60.42 7.79 -12.15
C PHE A 419 60.19 8.91 -13.16
N SER A 420 60.24 8.52 -14.43
CA SER A 420 59.97 9.39 -15.56
C SER A 420 58.66 10.19 -15.39
N LYS A 421 58.63 11.28 -16.14
CA LYS A 421 57.43 11.98 -16.35
C LYS A 421 56.45 10.92 -16.73
N ALA A 422 56.82 9.88 -17.49
CA ALA A 422 55.66 9.21 -18.01
C ALA A 422 55.55 7.88 -17.31
N HIS A 423 56.54 7.56 -16.46
CA HIS A 423 56.52 6.28 -15.75
C HIS A 423 55.82 6.37 -14.40
N ARG A 424 55.70 7.57 -13.87
CA ARG A 424 54.86 7.75 -12.69
C ARG A 424 53.44 8.04 -13.11
N ASP A 425 53.29 8.54 -14.32
CA ASP A 425 51.99 8.93 -14.84
C ASP A 425 51.35 7.75 -15.57
N VAL A 426 52.06 6.62 -15.57
CA VAL A 426 51.48 5.39 -16.10
C VAL A 426 51.12 4.53 -14.90
N ASN A 427 51.98 4.57 -13.89
CA ASN A 427 51.68 3.97 -12.60
C ASN A 427 50.33 4.40 -12.05
N VAL A 428 50.04 5.70 -12.14
CA VAL A 428 48.78 6.22 -11.62
C VAL A 428 47.59 5.65 -12.39
N ARG A 429 47.57 5.81 -13.72
CA ARG A 429 46.46 5.30 -14.51
C ARG A 429 46.32 3.81 -14.28
N ARG A 430 47.46 3.16 -14.08
CA ARG A 430 47.50 1.74 -13.88
C ARG A 430 46.67 1.38 -12.71
N ILE A 431 46.81 2.18 -11.69
CA ILE A 431 46.04 1.98 -10.47
C ILE A 431 44.59 2.43 -10.56
N GLY A 432 44.32 3.50 -11.31
CA GLY A 432 42.96 3.88 -11.59
C GLY A 432 42.24 2.73 -12.31
N PHE A 433 42.98 2.03 -13.15
CA PHE A 433 42.39 0.96 -13.91
C PHE A 433 42.01 -0.20 -13.00
N VAL A 434 42.97 -0.69 -12.21
CA VAL A 434 42.66 -1.82 -11.36
C VAL A 434 41.53 -1.39 -10.42
N ALA A 435 41.67 -0.18 -9.87
CA ALA A 435 40.61 0.34 -9.02
C ALA A 435 39.26 0.29 -9.74
N SER A 436 39.21 0.73 -10.99
CA SER A 436 37.92 0.78 -11.69
C SER A 436 37.29 -0.59 -11.74
N GLU A 437 38.11 -1.62 -12.00
CA GLU A 437 37.61 -2.98 -12.05
C GLU A 437 37.07 -3.36 -10.68
N ILE A 438 37.80 -3.04 -9.62
CA ILE A 438 37.25 -3.37 -8.30
C ILE A 438 35.85 -2.73 -8.10
N THR A 439 35.66 -1.51 -8.58
CA THR A 439 34.44 -0.80 -8.26
C THR A 439 33.27 -1.16 -9.21
N LYS A 440 33.54 -1.20 -10.51
CA LYS A 440 32.64 -1.83 -11.48
C LYS A 440 31.98 -3.09 -10.87
N ASN A 441 32.79 -3.92 -10.23
CA ASN A 441 32.32 -5.17 -9.64
C ASN A 441 31.78 -5.05 -8.21
N ARG A 442 31.50 -3.84 -7.76
CA ARG A 442 30.79 -3.67 -6.49
C ARG A 442 31.68 -3.79 -5.27
N GLY A 443 32.97 -3.55 -5.44
CA GLY A 443 33.88 -3.54 -4.29
C GLY A 443 34.29 -2.10 -3.99
N ILE A 444 35.01 -1.91 -2.90
CA ILE A 444 35.57 -0.59 -2.63
C ILE A 444 37.09 -0.64 -2.69
N ALA A 445 37.67 0.26 -3.50
CA ALA A 445 39.15 0.32 -3.70
C ALA A 445 39.71 1.57 -3.06
N ILE A 446 40.78 1.41 -2.30
CA ILE A 446 41.38 2.55 -1.59
C ILE A 446 42.79 2.80 -2.04
N CYS A 447 43.01 3.94 -2.69
CA CYS A 447 44.28 4.23 -3.33
C CYS A 447 44.95 5.49 -2.86
N ALA A 448 46.27 5.43 -2.69
CA ALA A 448 47.06 6.61 -2.34
C ALA A 448 48.44 6.70 -3.02
N PRO A 449 48.45 6.72 -4.36
CA PRO A 449 49.66 6.88 -5.15
C PRO A 449 50.17 8.33 -5.14
N ILE A 450 51.36 8.51 -5.70
CA ILE A 450 51.91 9.83 -5.91
C ILE A 450 51.43 10.40 -7.25
N ALA A 451 50.64 11.48 -7.19
CA ALA A 451 50.05 12.06 -8.39
C ALA A 451 49.93 13.57 -8.25
N PRO A 452 50.71 14.30 -9.04
CA PRO A 452 50.84 15.75 -8.88
C PRO A 452 50.11 16.52 -9.98
N TYR A 453 49.56 15.83 -10.97
CA TYR A 453 49.01 16.50 -12.14
C TYR A 453 47.48 16.49 -11.99
N ARG A 454 46.87 17.63 -12.07
CA ARG A 454 45.48 17.52 -12.18
C ARG A 454 45.31 16.58 -13.36
N GLN A 455 45.88 16.78 -14.56
CA GLN A 455 45.04 16.13 -15.55
C GLN A 455 44.88 14.64 -15.24
N THR A 456 46.00 14.00 -14.83
CA THR A 456 46.03 12.54 -14.67
C THR A 456 45.03 12.07 -13.62
N ARG A 457 44.96 12.81 -12.53
CA ARG A 457 43.94 12.54 -11.54
C ARG A 457 42.52 12.72 -12.10
N ARG A 458 42.33 13.59 -13.11
CA ARG A 458 40.98 13.70 -13.65
C ARG A 458 40.56 12.50 -14.42
N ASP A 459 41.51 11.95 -15.18
CA ASP A 459 41.24 10.83 -16.05
C ASP A 459 40.88 9.62 -15.20
N VAL A 460 41.65 9.41 -14.15
CA VAL A 460 41.34 8.36 -13.20
C VAL A 460 39.92 8.53 -12.66
N ARG A 461 39.63 9.69 -12.10
CA ARG A 461 38.28 9.91 -11.61
C ARG A 461 37.18 9.60 -12.66
N ALA A 462 37.39 9.97 -13.92
CA ALA A 462 36.37 9.73 -14.95
C ALA A 462 36.24 8.23 -15.23
N MET A 463 37.39 7.57 -15.25
CA MET A 463 37.43 6.14 -15.52
C MET A 463 36.61 5.41 -14.46
N ILE A 464 36.79 5.77 -13.19
CA ILE A 464 36.08 5.02 -12.18
C ILE A 464 34.65 5.56 -11.94
N GLU A 465 34.47 6.85 -12.18
CA GLU A 465 33.16 7.47 -12.03
C GLU A 465 32.15 6.93 -13.04
N ALA A 466 32.66 6.35 -14.12
CA ALA A 466 31.85 5.74 -15.18
C ALA A 466 31.19 4.46 -14.72
N VAL A 467 31.88 3.80 -13.80
CA VAL A 467 31.56 2.44 -13.48
C VAL A 467 31.12 2.35 -12.01
N GLY A 468 31.25 3.47 -11.32
CA GLY A 468 30.91 3.52 -9.91
C GLY A 468 31.25 4.83 -9.24
N GLY A 469 31.42 4.79 -7.92
CA GLY A 469 31.64 5.97 -7.11
C GLY A 469 33.10 6.35 -6.89
N PHE A 470 33.40 7.64 -7.07
CA PHE A 470 34.74 8.14 -6.85
C PHE A 470 34.70 9.23 -5.80
N VAL A 471 35.49 9.09 -4.74
CA VAL A 471 35.58 10.08 -3.67
C VAL A 471 37.05 10.51 -3.47
N GLU A 472 37.38 11.74 -3.87
CA GLU A 472 38.73 12.24 -3.69
C GLU A 472 38.86 12.84 -2.30
N ILE A 473 39.91 12.46 -1.58
CA ILE A 473 40.15 13.14 -0.32
C ILE A 473 41.53 13.78 -0.34
N HIS A 474 41.53 15.11 -0.29
CA HIS A 474 42.75 15.89 -0.37
C HIS A 474 43.36 16.07 1.01
N VAL A 475 44.47 15.38 1.26
CA VAL A 475 45.20 15.52 2.51
C VAL A 475 46.14 16.73 2.44
N ALA A 476 45.67 17.86 2.97
CA ALA A 476 46.39 19.13 2.89
C ALA A 476 47.19 19.49 4.17
N THR A 477 47.07 18.65 5.21
CA THR A 477 47.76 18.86 6.49
C THR A 477 49.27 18.59 6.41
N ASP A 507 58.07 16.80 -9.57
CA ASP A 507 57.98 18.21 -9.83
C ASP A 507 57.12 18.93 -8.81
N PRO A 508 56.30 19.85 -9.31
CA PRO A 508 55.57 20.79 -8.45
C PRO A 508 54.14 20.37 -8.19
N TYR A 509 53.79 20.16 -6.93
CA TYR A 509 52.47 19.67 -6.61
C TYR A 509 51.38 20.54 -7.18
N GLU A 510 50.15 20.03 -7.19
CA GLU A 510 49.02 20.78 -7.68
C GLU A 510 47.79 20.52 -6.86
N VAL A 511 47.61 21.30 -5.82
CA VAL A 511 46.42 21.18 -5.01
C VAL A 511 45.12 20.98 -5.74
N PRO A 512 44.48 19.87 -5.46
CA PRO A 512 43.15 19.57 -6.01
C PRO A 512 42.20 20.74 -5.99
N GLU A 513 41.49 21.03 -7.06
CA GLU A 513 40.68 22.23 -6.96
C GLU A 513 39.27 21.88 -6.52
N THR A 514 38.96 20.58 -6.51
CA THR A 514 37.58 20.18 -6.28
C THR A 514 37.36 18.82 -5.60
N PRO A 515 38.11 18.55 -4.52
CA PRO A 515 37.98 17.26 -3.81
C PRO A 515 36.59 17.11 -3.23
N GLU A 516 36.28 15.91 -2.75
CA GLU A 516 35.01 15.70 -2.06
C GLU A 516 35.27 16.13 -0.63
N LEU A 517 36.46 15.81 -0.15
CA LEU A 517 36.86 16.14 1.21
C LEU A 517 38.28 16.68 1.23
N ALA A 518 38.49 17.75 1.98
CA ALA A 518 39.81 18.33 2.16
C ALA A 518 40.16 18.38 3.64
N ILE A 519 40.91 17.40 4.14
CA ILE A 519 41.31 17.44 5.55
C ILE A 519 42.31 18.58 5.76
N ASP A 520 41.87 19.70 6.29
CA ASP A 520 42.83 20.75 6.59
C ASP A 520 43.43 20.71 8.01
N THR A 521 42.60 20.94 9.02
CA THR A 521 43.10 21.30 10.34
C THR A 521 44.37 20.50 10.76
N THR A 522 45.45 21.14 11.19
CA THR A 522 46.72 20.37 11.37
C THR A 522 46.92 19.58 12.65
N GLY A 523 46.16 19.87 13.69
CA GLY A 523 46.35 19.06 14.87
C GLY A 523 45.39 17.89 14.88
N LEU A 524 45.43 17.04 13.86
CA LEU A 524 44.47 15.96 13.76
C LEU A 524 45.08 14.62 14.09
N ALA A 525 44.40 13.85 14.94
CA ALA A 525 44.78 12.46 15.17
C ALA A 525 44.23 11.59 14.03
N ILE A 526 44.87 10.45 13.78
CA ILE A 526 44.34 9.53 12.79
C ILE A 526 42.84 9.31 12.99
N ASP A 527 42.48 8.90 14.20
CA ASP A 527 41.08 8.67 14.51
C ASP A 527 40.15 9.78 14.06
N GLU A 528 40.53 11.03 14.35
CA GLU A 528 39.68 12.15 14.00
C GLU A 528 39.56 12.34 12.50
N ALA A 529 40.66 12.13 11.80
CA ALA A 529 40.68 12.26 10.37
C ALA A 529 39.82 11.16 9.74
N VAL A 530 40.08 9.91 10.15
CA VAL A 530 39.31 8.76 9.68
C VAL A 530 37.81 9.01 9.76
N GLN A 531 37.37 9.40 10.97
CA GLN A 531 35.98 9.77 11.24
C GLN A 531 35.50 10.79 10.25
N GLN A 532 36.31 11.83 10.06
CA GLN A 532 35.96 12.92 9.16
C GLN A 532 35.67 12.43 7.76
N ILE A 533 36.34 11.35 7.35
CA ILE A 533 36.03 10.80 6.03
C ILE A 533 34.86 9.80 6.09
N LEU A 534 34.65 9.13 7.21
CA LEU A 534 33.45 8.28 7.29
C LEU A 534 32.24 9.18 7.21
N LEU A 535 32.37 10.37 7.78
CA LEU A 535 31.36 11.39 7.58
C LEU A 535 31.14 11.72 6.09
N LYS A 536 32.21 11.95 5.34
CA LYS A 536 32.04 12.35 3.96
C LYS A 536 31.20 11.25 3.28
N LEU A 537 31.65 9.98 3.43
CA LEU A 537 31.03 8.78 2.83
C LEU A 537 29.57 8.61 3.28
N GLU A 538 29.34 8.74 4.59
CA GLU A 538 27.99 8.63 5.13
C GLU A 538 27.07 9.66 4.50
N HIS A 539 27.62 10.83 4.22
CA HIS A 539 26.84 11.94 3.71
C HIS A 539 26.71 11.89 2.21
N GLU A 540 27.67 11.21 1.58
CA GLU A 540 27.64 11.02 0.12
C GLU A 540 26.73 9.85 -0.28
N GLY A 541 26.34 9.04 0.71
CA GLY A 541 25.39 7.98 0.52
C GLY A 541 25.96 6.58 0.43
N TYR A 542 27.29 6.44 0.43
CA TYR A 542 27.91 5.16 0.07
C TYR A 542 27.90 4.10 1.18
N LEU A 543 27.64 4.52 2.41
CA LEU A 543 27.62 3.63 3.55
C LEU A 543 26.24 3.08 3.85
N ARG A 544 26.19 1.88 4.38
CA ARG A 544 24.94 1.24 4.72
C ARG A 544 25.22 0.42 5.93
N LEU A 545 24.18 -0.24 6.45
CA LEU A 545 24.36 -1.27 7.46
C LEU A 545 23.07 -2.02 7.72
N GLU A 546 23.14 -3.09 8.51
CA GLU A 546 21.96 -3.93 8.81
C GLU A 546 20.73 -3.13 9.29
N GLN B 4 -38.02 -1.11 25.50
CA GLN B 4 -37.92 -2.56 25.37
C GLN B 4 -38.25 -3.00 23.95
N LEU B 5 -38.78 -4.23 23.82
CA LEU B 5 -39.09 -4.84 22.52
C LEU B 5 -40.34 -4.36 21.81
N ILE B 6 -40.18 -3.52 20.79
CA ILE B 6 -41.33 -3.05 20.05
C ILE B 6 -42.14 -4.26 19.86
N GLU B 7 -43.44 -4.13 19.63
CA GLU B 7 -44.22 -5.33 19.50
C GLU B 7 -44.87 -5.34 18.19
N PRO B 8 -45.73 -6.32 17.97
CA PRO B 8 -46.25 -6.54 16.64
C PRO B 8 -47.14 -5.41 16.22
N TYR B 9 -47.08 -5.05 14.95
CA TYR B 9 -48.06 -4.12 14.40
C TYR B 9 -49.49 -4.66 14.61
N GLY B 10 -50.46 -3.76 14.76
CA GLY B 10 -51.81 -4.21 15.00
C GLY B 10 -51.95 -4.68 16.46
N GLY B 11 -50.86 -5.14 17.02
CA GLY B 11 -50.82 -5.32 18.46
C GLY B 11 -50.52 -6.75 18.82
N THR B 12 -50.77 -7.64 17.88
CA THR B 12 -50.51 -9.05 18.13
C THR B 12 -50.07 -9.77 16.86
N LEU B 13 -49.13 -10.71 17.01
CA LEU B 13 -48.45 -11.36 15.90
C LEU B 13 -49.30 -12.44 15.22
N VAL B 14 -49.62 -12.24 13.96
CA VAL B 14 -50.40 -13.18 13.19
C VAL B 14 -49.64 -14.48 13.00
N ASN B 15 -50.37 -15.59 13.00
CA ASN B 15 -49.83 -16.88 12.61
C ASN B 15 -50.93 -17.72 11.93
N LEU B 16 -50.83 -17.82 10.62
CA LEU B 16 -51.83 -18.48 9.81
C LEU B 16 -51.61 -19.99 9.74
N ILE B 17 -50.83 -20.52 10.67
CA ILE B 17 -50.55 -21.95 10.65
C ILE B 17 -50.81 -22.59 11.99
N ASP B 18 -51.98 -23.22 12.10
CA ASP B 18 -52.40 -23.92 13.30
C ASP B 18 -52.20 -25.40 13.04
N PRO B 19 -51.32 -26.13 13.71
CA PRO B 19 -51.10 -27.55 13.37
C PRO B 19 -52.25 -28.67 13.14
N GLU B 20 -53.09 -28.91 14.14
CA GLU B 20 -54.07 -29.99 13.99
C GLU B 20 -54.94 -29.73 12.78
N LYS B 21 -55.22 -28.46 12.61
CA LYS B 21 -55.92 -28.02 11.45
C LYS B 21 -55.03 -28.41 10.27
N ARG B 22 -53.73 -28.44 10.49
CA ARG B 22 -52.79 -28.79 9.43
C ARG B 22 -53.18 -30.09 8.82
N GLU B 23 -53.31 -31.08 9.66
CA GLU B 23 -53.68 -32.36 9.08
C GLU B 23 -55.03 -32.30 8.40
N ALA B 24 -56.03 -31.84 9.14
CA ALA B 24 -57.34 -31.85 8.48
C ALA B 24 -57.30 -31.18 7.09
N LEU B 25 -56.43 -30.19 6.97
CA LEU B 25 -56.32 -29.29 5.84
C LEU B 25 -55.71 -29.96 4.65
N LYS B 26 -54.60 -30.66 4.83
CA LYS B 26 -54.09 -31.37 3.68
C LYS B 26 -55.20 -32.31 3.22
N HIS B 27 -55.86 -32.91 4.20
CA HIS B 27 -56.85 -33.86 3.76
C HIS B 27 -57.87 -33.21 2.85
N GLU B 28 -58.39 -32.06 3.26
CA GLU B 28 -59.40 -31.38 2.47
C GLU B 28 -58.92 -30.89 1.12
N ALA B 29 -57.69 -30.43 1.06
CA ALA B 29 -57.14 -30.05 -0.22
C ALA B 29 -57.17 -31.20 -1.22
N LEU B 30 -57.19 -32.43 -0.73
CA LEU B 30 -57.29 -33.51 -1.70
C LEU B 30 -58.40 -33.33 -2.76
N SER B 31 -59.48 -32.66 -2.42
CA SER B 31 -60.77 -32.60 -3.12
C SER B 31 -61.12 -31.23 -3.69
N LEU B 32 -60.11 -30.36 -3.83
CA LEU B 32 -60.33 -28.97 -4.17
C LEU B 32 -59.61 -28.65 -5.47
N PRO B 33 -60.02 -27.55 -6.12
CA PRO B 33 -59.20 -27.01 -7.22
C PRO B 33 -57.90 -26.45 -6.63
N SER B 34 -56.85 -26.39 -7.44
CA SER B 34 -55.55 -25.97 -6.91
C SER B 34 -54.79 -24.99 -7.82
N LEU B 35 -54.16 -24.01 -7.19
CA LEU B 35 -53.26 -23.08 -7.87
C LEU B 35 -51.80 -23.36 -7.50
N ASP B 36 -50.93 -23.47 -8.50
CA ASP B 36 -49.48 -23.61 -8.28
C ASP B 36 -48.85 -22.22 -8.32
N LEU B 37 -48.29 -21.77 -7.20
CA LEU B 37 -47.79 -20.41 -7.13
C LEU B 37 -46.43 -20.26 -7.80
N ASP B 38 -46.16 -19.11 -8.40
CA ASP B 38 -44.80 -18.77 -8.81
C ASP B 38 -43.98 -18.36 -7.57
N TRP B 39 -42.67 -18.30 -7.72
CA TRP B 39 -41.82 -18.14 -6.55
C TRP B 39 -42.08 -16.86 -5.73
N GLN B 40 -42.37 -15.74 -6.39
CA GLN B 40 -42.60 -14.49 -5.64
C GLN B 40 -43.91 -14.46 -4.85
N GLN B 41 -44.97 -15.08 -5.38
CA GLN B 41 -46.24 -15.20 -4.66
C GLN B 41 -46.08 -16.06 -3.40
N GLN B 42 -45.35 -17.17 -3.51
CA GLN B 42 -45.09 -18.01 -2.35
C GLN B 42 -44.38 -17.20 -1.30
N CYS B 43 -43.70 -16.15 -1.73
CA CYS B 43 -42.98 -15.31 -0.79
C CYS B 43 -44.04 -14.52 -0.08
N GLU B 44 -44.84 -13.84 -0.89
CA GLU B 44 -45.94 -13.06 -0.38
C GLU B 44 -46.74 -13.94 0.58
N LEU B 45 -47.05 -15.15 0.13
CA LEU B 45 -47.82 -16.09 0.93
C LEU B 45 -47.12 -16.35 2.26
N GLU B 46 -45.85 -16.73 2.17
CA GLU B 46 -45.06 -16.99 3.36
C GLU B 46 -44.99 -15.78 4.30
N MET B 47 -44.81 -14.61 3.73
CA MET B 47 -44.76 -13.38 4.53
C MET B 47 -46.07 -13.27 5.27
N LEU B 48 -47.18 -13.46 4.53
CA LEU B 48 -48.48 -13.29 5.14
C LEU B 48 -48.74 -14.42 6.13
N MET B 49 -48.49 -15.65 5.69
CA MET B 49 -48.79 -16.82 6.50
C MET B 49 -48.04 -16.72 7.83
N THR B 50 -47.03 -15.87 7.86
CA THR B 50 -46.01 -15.96 8.89
C THR B 50 -45.98 -14.78 9.86
N GLY B 51 -46.68 -13.72 9.53
CA GLY B 51 -46.88 -12.64 10.49
C GLY B 51 -46.06 -11.43 10.15
N ALA B 52 -45.37 -11.49 9.01
CA ALA B 52 -44.58 -10.35 8.57
C ALA B 52 -45.46 -9.17 8.29
N TYR B 53 -46.75 -9.45 8.11
CA TYR B 53 -47.71 -8.44 7.72
C TYR B 53 -48.84 -8.29 8.74
N SER B 54 -48.64 -8.80 9.95
CA SER B 54 -49.61 -8.57 11.01
C SER B 54 -50.01 -7.08 10.94
N PRO B 55 -51.32 -6.78 11.00
CA PRO B 55 -52.46 -7.62 11.37
C PRO B 55 -53.10 -8.45 10.23
N LEU B 56 -52.60 -8.31 9.00
CA LEU B 56 -53.20 -8.99 7.87
C LEU B 56 -53.28 -10.50 8.08
N THR B 57 -54.32 -11.10 7.51
CA THR B 57 -54.65 -12.47 7.79
C THR B 57 -55.30 -13.14 6.56
N GLY B 58 -55.22 -12.42 5.45
CA GLY B 58 -55.66 -12.91 4.15
C GLY B 58 -55.23 -11.93 3.07
N PHE B 59 -55.33 -12.32 1.81
CA PHE B 59 -55.01 -11.39 0.74
C PHE B 59 -56.16 -10.43 0.53
N MET B 60 -55.80 -9.16 0.37
CA MET B 60 -56.77 -8.10 0.16
C MET B 60 -57.71 -8.31 -1.03
N THR B 61 -58.80 -7.56 -1.02
CA THR B 61 -59.88 -7.70 -1.96
C THR B 61 -59.85 -6.46 -2.81
N ARG B 62 -60.17 -6.61 -4.08
CA ARG B 62 -59.98 -5.55 -5.06
C ARG B 62 -60.46 -4.20 -4.55
N ALA B 63 -61.40 -4.22 -3.63
CA ALA B 63 -61.96 -3.00 -3.13
C ALA B 63 -61.12 -2.53 -1.99
N GLN B 64 -60.65 -3.47 -1.22
CA GLN B 64 -59.67 -3.17 -0.22
C GLN B 64 -58.43 -2.72 -0.96
N CYS B 65 -58.01 -3.49 -1.94
CA CYS B 65 -56.86 -3.15 -2.73
C CYS B 65 -56.89 -1.72 -3.12
N ALA B 66 -58.06 -1.16 -3.21
CA ALA B 66 -58.17 0.16 -3.78
C ALA B 66 -58.16 1.26 -2.74
N ARG B 67 -58.65 0.96 -1.55
CA ARG B 67 -58.76 1.98 -0.54
C ARG B 67 -57.44 2.35 0.05
N VAL B 68 -56.45 1.52 -0.22
CA VAL B 68 -55.09 1.78 0.25
C VAL B 68 -54.48 2.85 -0.60
N GLU B 69 -54.46 2.59 -1.90
CA GLU B 69 -53.86 3.49 -2.84
C GLU B 69 -54.49 4.83 -2.74
N SER B 70 -55.40 4.96 -1.79
CA SER B 70 -56.09 6.20 -1.58
C SER B 70 -55.86 6.55 -0.17
N ALA B 71 -56.66 6.02 0.74
CA ALA B 71 -56.60 6.51 2.12
C ALA B 71 -55.51 5.80 2.93
N GLN B 72 -54.93 4.77 2.33
CA GLN B 72 -53.93 3.96 2.99
C GLN B 72 -54.46 3.49 4.33
N GLN B 73 -55.54 2.71 4.28
CA GLN B 73 -56.14 2.15 5.49
C GLN B 73 -56.65 0.75 5.23
N LEU B 74 -56.87 0.03 6.32
CA LEU B 74 -57.62 -1.21 6.27
C LEU B 74 -59.10 -0.88 6.52
N ASP B 75 -59.90 -1.92 6.75
CA ASP B 75 -61.29 -1.70 7.12
C ASP B 75 -61.42 -1.04 8.50
N ASP B 76 -60.41 -1.23 9.36
CA ASP B 76 -60.37 -0.60 10.67
C ASP B 76 -60.14 0.88 10.53
N GLY B 77 -59.55 1.28 9.40
CA GLY B 77 -59.07 2.63 9.22
C GLY B 77 -57.64 2.70 9.70
N SER B 78 -57.14 1.59 10.24
CA SER B 78 -55.74 1.47 10.65
C SER B 78 -54.85 1.75 9.46
N PHE B 79 -53.64 2.23 9.72
CA PHE B 79 -52.79 2.61 8.62
C PHE B 79 -52.13 1.41 7.90
N TRP B 80 -52.13 1.44 6.57
CA TRP B 80 -51.48 0.40 5.82
C TRP B 80 -51.07 0.86 4.43
N PRO B 81 -49.76 0.92 4.19
CA PRO B 81 -49.18 1.59 3.02
C PRO B 81 -49.57 0.98 1.69
N SER B 82 -49.64 -0.34 1.60
CA SER B 82 -49.57 -0.99 0.28
C SER B 82 -50.32 -2.33 0.11
N PRO B 83 -50.91 -2.54 -1.08
CA PRO B 83 -51.76 -3.71 -1.35
C PRO B 83 -51.04 -5.05 -1.25
N ILE B 84 -51.49 -5.89 -0.33
CA ILE B 84 -51.03 -7.26 -0.30
C ILE B 84 -52.00 -8.13 -1.08
N THR B 85 -51.53 -8.68 -2.19
CA THR B 85 -52.40 -9.45 -3.04
C THR B 85 -51.70 -10.65 -3.68
N LEU B 86 -52.49 -11.69 -3.98
CA LEU B 86 -51.99 -12.94 -4.53
C LEU B 86 -52.34 -13.04 -6.03
N THR B 87 -51.36 -13.28 -6.90
CA THR B 87 -51.64 -13.27 -8.32
C THR B 87 -51.11 -14.50 -9.05
N SER B 88 -51.55 -14.72 -10.28
CA SER B 88 -51.17 -15.86 -11.11
C SER B 88 -51.66 -15.57 -12.51
N ARG B 89 -51.20 -16.36 -13.47
CA ARG B 89 -51.59 -16.19 -14.87
C ARG B 89 -52.13 -17.48 -15.46
N ASP B 90 -52.82 -18.26 -14.64
CA ASP B 90 -53.39 -19.53 -15.09
C ASP B 90 -54.82 -19.34 -15.61
N ARG B 91 -55.11 -19.94 -16.76
CA ARG B 91 -56.43 -19.84 -17.36
C ARG B 91 -57.46 -20.61 -16.55
N ALA B 92 -56.98 -21.43 -15.63
CA ALA B 92 -57.88 -22.23 -14.79
C ALA B 92 -58.42 -21.41 -13.63
N LEU B 93 -58.14 -20.12 -13.64
CA LEU B 93 -58.61 -19.21 -12.59
C LEU B 93 -59.83 -18.43 -13.04
N ALA B 94 -59.94 -18.22 -14.35
CA ALA B 94 -61.07 -17.49 -14.92
C ALA B 94 -62.40 -18.04 -14.45
N ASP B 95 -62.49 -19.37 -14.39
CA ASP B 95 -63.73 -19.99 -13.95
C ASP B 95 -63.62 -20.47 -12.51
N ARG B 96 -63.32 -19.53 -11.63
CA ARG B 96 -63.41 -19.77 -10.21
C ARG B 96 -64.13 -18.55 -9.63
N ARG B 97 -64.75 -18.72 -8.47
CA ARG B 97 -65.61 -17.68 -7.92
C ARG B 97 -65.77 -17.71 -6.41
N PRO B 98 -66.02 -16.52 -5.79
CA PRO B 98 -66.06 -16.35 -4.33
C PRO B 98 -66.81 -17.47 -3.66
N GLY B 99 -66.51 -17.74 -2.38
CA GLY B 99 -67.17 -18.82 -1.66
C GLY B 99 -66.43 -20.13 -1.81
N GLU B 100 -65.95 -20.38 -3.02
CA GLU B 100 -65.03 -21.49 -3.28
C GLU B 100 -63.75 -21.43 -2.45
N ARG B 101 -63.28 -22.62 -2.08
CA ARG B 101 -62.00 -22.76 -1.40
C ARG B 101 -60.95 -23.32 -2.37
N LEU B 102 -59.79 -22.65 -2.40
CA LEU B 102 -58.70 -22.95 -3.31
C LEU B 102 -57.50 -23.53 -2.57
N ALA B 103 -56.91 -24.57 -3.14
CA ALA B 103 -55.69 -25.09 -2.55
C ALA B 103 -54.50 -24.30 -3.09
N LEU B 104 -53.63 -23.77 -2.26
CA LEU B 104 -52.43 -23.18 -2.83
C LEU B 104 -51.22 -24.08 -2.68
N ARG B 105 -50.46 -24.26 -3.75
CA ARG B 105 -49.35 -25.17 -3.75
C ARG B 105 -48.11 -24.50 -4.32
N ASP B 106 -46.95 -24.99 -3.93
CA ASP B 106 -45.72 -24.45 -4.48
C ASP B 106 -45.68 -24.87 -5.89
N GLY B 107 -44.61 -24.54 -6.60
CA GLY B 107 -44.45 -24.92 -7.99
C GLY B 107 -44.42 -26.42 -8.28
N GLU B 108 -44.34 -27.19 -7.22
CA GLU B 108 -44.42 -28.58 -7.38
C GLU B 108 -45.64 -29.13 -6.74
N GLY B 109 -46.78 -28.44 -6.71
CA GLY B 109 -47.83 -29.31 -6.21
C GLY B 109 -47.76 -29.61 -4.72
N TYR B 110 -46.71 -29.15 -4.02
CA TYR B 110 -46.67 -29.25 -2.56
C TYR B 110 -47.66 -28.25 -1.96
N MET B 111 -48.49 -28.75 -1.06
CA MET B 111 -49.61 -27.96 -0.52
C MET B 111 -49.20 -27.04 0.62
N LEU B 112 -49.65 -25.80 0.56
CA LEU B 112 -49.23 -24.76 1.51
C LEU B 112 -50.35 -24.26 2.41
N ALA B 113 -51.50 -24.02 1.81
CA ALA B 113 -52.62 -23.40 2.51
C ALA B 113 -53.89 -23.48 1.64
N ILE B 114 -55.06 -23.34 2.27
CA ILE B 114 -56.26 -23.13 1.47
C ILE B 114 -56.74 -21.66 1.59
N LEU B 115 -56.99 -21.08 0.42
CA LEU B 115 -57.53 -19.74 0.33
C LEU B 115 -59.04 -19.84 0.24
N THR B 116 -59.74 -19.11 1.12
CA THR B 116 -61.19 -19.02 1.05
C THR B 116 -61.56 -17.74 0.27
N LEU B 117 -62.01 -17.91 -0.97
CA LEU B 117 -62.19 -16.79 -1.90
C LEU B 117 -63.15 -15.65 -1.49
N SER B 118 -62.60 -14.44 -1.29
CA SER B 118 -63.38 -13.21 -1.08
C SER B 118 -63.78 -12.61 -2.41
N ASP B 119 -62.79 -12.47 -3.30
CA ASP B 119 -62.95 -11.71 -4.53
C ASP B 119 -62.04 -12.32 -5.56
N VAL B 120 -62.41 -12.22 -6.83
CA VAL B 120 -61.59 -12.71 -7.93
C VAL B 120 -61.77 -11.86 -9.16
N TRP B 121 -60.66 -11.44 -9.76
CA TRP B 121 -60.68 -10.61 -10.94
C TRP B 121 -59.39 -10.70 -11.70
N LYS B 122 -59.30 -10.04 -12.83
CA LYS B 122 -58.07 -10.06 -13.61
C LYS B 122 -57.54 -8.67 -13.91
N ASP B 123 -56.25 -8.56 -14.17
CA ASP B 123 -55.65 -7.25 -14.36
C ASP B 123 -54.40 -7.38 -15.20
N GLY B 124 -54.36 -6.69 -16.33
CA GLY B 124 -53.29 -6.92 -17.25
C GLY B 124 -53.38 -8.39 -17.54
N GLU B 125 -52.26 -9.09 -17.44
CA GLU B 125 -52.22 -10.49 -17.82
C GLU B 125 -52.34 -11.41 -16.62
N ARG B 126 -52.47 -10.81 -15.45
CA ARG B 126 -52.47 -11.57 -14.22
C ARG B 126 -53.79 -11.51 -13.47
N TRP B 127 -54.18 -12.64 -12.92
CA TRP B 127 -55.38 -12.74 -12.11
C TRP B 127 -55.06 -12.46 -10.67
N HIS B 128 -56.02 -11.88 -9.96
CA HIS B 128 -55.81 -11.52 -8.57
C HIS B 128 -56.77 -12.38 -7.76
N LEU B 129 -56.41 -12.65 -6.50
CA LEU B 129 -57.24 -13.45 -5.62
C LEU B 129 -57.27 -12.84 -4.23
N ALA B 130 -58.32 -13.16 -3.49
CA ALA B 130 -58.56 -12.53 -2.21
C ALA B 130 -59.24 -13.52 -1.27
N GLY B 131 -59.04 -13.34 0.02
CA GLY B 131 -59.74 -14.14 1.00
C GLY B 131 -58.88 -14.57 2.15
N GLU B 132 -59.53 -14.96 3.25
CA GLU B 132 -58.81 -15.44 4.41
C GLU B 132 -57.93 -16.61 4.03
N VAL B 133 -56.81 -16.80 4.73
CA VAL B 133 -55.90 -17.90 4.41
C VAL B 133 -55.83 -18.84 5.61
N GLU B 134 -55.75 -20.14 5.35
CA GLU B 134 -55.48 -21.11 6.41
C GLU B 134 -54.29 -21.94 5.95
N GLY B 135 -53.21 -21.92 6.72
CA GLY B 135 -51.95 -22.54 6.32
C GLY B 135 -51.65 -23.89 6.93
N ALA B 136 -51.15 -24.78 6.06
CA ALA B 136 -50.72 -26.13 6.46
C ALA B 136 -49.21 -26.19 6.62
N ALA B 137 -48.51 -25.79 5.56
CA ALA B 137 -47.05 -25.83 5.51
C ALA B 137 -46.47 -24.54 4.90
N LEU B 138 -45.23 -24.21 5.25
CA LEU B 138 -44.53 -23.10 4.60
C LEU B 138 -43.75 -23.59 3.39
N PRO B 139 -43.51 -22.70 2.43
CA PRO B 139 -42.70 -23.10 1.28
C PRO B 139 -41.47 -23.86 1.76
N PRO B 140 -41.16 -24.99 1.11
CA PRO B 140 -39.99 -25.76 1.54
C PRO B 140 -38.71 -24.95 1.26
N HIS B 141 -37.85 -24.88 2.27
CA HIS B 141 -36.57 -24.20 2.15
C HIS B 141 -35.45 -25.09 2.69
N PRO B 142 -34.82 -25.90 1.81
CA PRO B 142 -33.78 -26.80 2.29
C PRO B 142 -32.55 -26.02 2.68
N ASP B 143 -32.39 -24.87 2.02
CA ASP B 143 -31.17 -24.06 2.11
C ASP B 143 -31.22 -23.03 3.24
N PHE B 144 -30.13 -22.90 3.96
CA PHE B 144 -29.98 -21.86 4.97
C PHE B 144 -31.01 -22.00 6.10
N VAL B 145 -31.36 -23.24 6.40
CA VAL B 145 -32.25 -23.52 7.51
C VAL B 145 -31.93 -22.71 8.77
N SER B 146 -30.68 -22.73 9.21
CA SER B 146 -30.30 -21.91 10.37
C SER B 146 -30.74 -20.47 10.22
N LEU B 147 -30.28 -19.83 9.16
CA LEU B 147 -30.43 -18.39 8.92
C LEU B 147 -31.83 -17.88 8.71
N ARG B 148 -32.77 -18.78 8.41
CA ARG B 148 -34.17 -18.40 8.22
C ARG B 148 -35.00 -18.38 9.52
N ALA B 149 -35.36 -17.20 9.98
CA ALA B 149 -36.31 -17.15 11.09
C ALA B 149 -37.67 -16.55 10.70
N THR B 150 -38.73 -17.04 11.35
CA THR B 150 -40.02 -16.42 11.23
C THR B 150 -39.98 -15.22 12.16
N PRO B 151 -40.83 -14.23 11.93
CA PRO B 151 -40.86 -13.16 12.92
C PRO B 151 -40.96 -13.73 14.33
N ALA B 152 -41.74 -14.79 14.56
CA ALA B 152 -41.83 -15.32 15.92
C ALA B 152 -40.52 -15.92 16.39
N GLU B 153 -39.87 -16.70 15.51
CA GLU B 153 -38.56 -17.28 15.85
C GLU B 153 -37.50 -16.18 16.14
N LEU B 154 -37.46 -15.15 15.31
CA LEU B 154 -36.49 -14.09 15.48
C LEU B 154 -36.74 -13.35 16.77
N ARG B 155 -37.98 -13.00 17.04
CA ARG B 155 -38.31 -12.33 18.30
C ARG B 155 -37.84 -13.14 19.51
N ALA B 156 -38.02 -14.46 19.46
CA ALA B 156 -37.61 -15.35 20.55
C ALA B 156 -36.09 -15.28 20.79
N LEU B 157 -35.37 -15.31 19.68
CA LEU B 157 -33.92 -15.18 19.62
C LEU B 157 -33.47 -13.89 20.28
N PHE B 158 -33.94 -12.76 19.76
CA PHE B 158 -33.70 -11.48 20.40
C PHE B 158 -33.88 -11.53 21.93
N VAL B 159 -34.89 -12.26 22.39
CA VAL B 159 -35.19 -12.25 23.81
C VAL B 159 -34.18 -13.04 24.62
N ARG B 160 -33.65 -14.11 24.03
CA ARG B 160 -32.60 -14.89 24.70
C ARG B 160 -31.32 -14.10 24.74
N ARG B 161 -31.08 -13.37 23.66
CA ARG B 161 -29.89 -12.55 23.54
C ARG B 161 -29.98 -11.33 24.41
N GLY B 162 -31.14 -11.09 25.00
CA GLY B 162 -31.33 -9.95 25.88
C GLY B 162 -31.42 -8.63 25.15
N TRP B 163 -31.69 -8.69 23.85
CA TRP B 163 -31.77 -7.47 23.04
C TRP B 163 -33.10 -6.77 23.24
N ARG B 164 -33.13 -5.46 23.01
CA ARG B 164 -34.39 -4.72 23.05
C ARG B 164 -34.56 -3.84 21.82
N ARG B 165 -33.63 -2.88 21.67
CA ARG B 165 -33.67 -1.85 20.63
C ARG B 165 -32.81 -2.32 19.48
N ILE B 166 -33.33 -2.30 18.25
CA ILE B 166 -32.62 -2.99 17.15
C ILE B 166 -32.76 -2.24 15.82
N ILE B 167 -31.64 -1.91 15.22
CA ILE B 167 -31.62 -1.38 13.87
C ILE B 167 -31.58 -2.52 12.89
N ALA B 168 -32.38 -2.45 11.84
CA ALA B 168 -32.39 -3.48 10.81
C ALA B 168 -31.84 -2.88 9.54
N TRP B 169 -31.10 -3.69 8.81
CA TRP B 169 -30.60 -3.34 7.51
C TRP B 169 -31.07 -4.44 6.56
N GLN B 170 -32.01 -4.10 5.69
CA GLN B 170 -32.66 -5.13 4.89
C GLN B 170 -32.00 -5.21 3.53
N ALA B 171 -30.74 -5.64 3.52
CA ALA B 171 -29.95 -5.59 2.29
C ALA B 171 -30.55 -6.30 1.05
N ARG B 172 -30.33 -5.66 -0.10
CA ARG B 172 -30.68 -6.25 -1.38
C ARG B 172 -29.45 -6.52 -2.22
N GLN B 173 -28.29 -6.14 -1.71
CA GLN B 173 -27.03 -6.31 -2.44
C GLN B 173 -25.88 -6.32 -1.45
N PRO B 174 -24.70 -6.87 -1.85
CA PRO B 174 -23.58 -7.09 -0.94
C PRO B 174 -23.10 -5.80 -0.27
N MET B 175 -22.55 -6.00 0.90
CA MET B 175 -22.10 -4.92 1.76
C MET B 175 -20.59 -4.81 1.70
N HIS B 176 -20.09 -3.58 1.52
CA HIS B 176 -18.68 -3.29 1.57
C HIS B 176 -18.40 -2.35 2.75
N ARG B 177 -17.18 -1.81 2.82
CA ARG B 177 -16.74 -1.11 4.02
C ARG B 177 -17.52 0.18 4.36
N ALA B 178 -18.12 0.85 3.39
CA ALA B 178 -18.89 2.07 3.72
C ALA B 178 -20.17 1.72 4.43
N GLN B 179 -20.95 0.82 3.87
CA GLN B 179 -22.17 0.39 4.56
C GLN B 179 -21.78 -0.16 5.93
N TYR B 180 -20.79 -1.06 5.96
CA TYR B 180 -20.34 -1.67 7.22
C TYR B 180 -19.99 -0.61 8.25
N GLU B 181 -19.14 0.33 7.89
CA GLU B 181 -18.76 1.38 8.84
C GLU B 181 -19.93 2.28 9.28
N PHE B 182 -20.87 2.54 8.38
CA PHE B 182 -22.04 3.34 8.71
C PHE B 182 -23.03 2.60 9.59
N CYS B 183 -23.18 1.29 9.39
CA CYS B 183 -24.05 0.51 10.25
C CYS B 183 -23.53 0.58 11.66
N LEU B 184 -22.24 0.41 11.82
CA LEU B 184 -21.69 0.47 13.14
C LEU B 184 -21.95 1.72 13.90
N LYS B 185 -21.70 2.86 13.28
CA LYS B 185 -21.82 4.09 14.03
C LYS B 185 -23.31 4.32 14.17
N SER B 186 -24.07 4.17 13.11
CA SER B 186 -25.48 4.29 13.36
C SER B 186 -25.78 3.60 14.65
N ALA B 187 -25.30 2.39 14.80
CA ALA B 187 -25.72 1.55 15.91
C ALA B 187 -25.28 2.10 17.20
N ILE B 188 -24.02 2.42 17.29
CA ILE B 188 -23.52 3.07 18.50
C ILE B 188 -24.30 4.35 18.81
N GLU B 189 -24.66 5.09 17.78
CA GLU B 189 -25.32 6.39 17.91
C GLU B 189 -26.71 6.26 18.52
N ASN B 190 -27.44 5.22 18.15
CA ASN B 190 -28.80 5.02 18.61
C ASN B 190 -28.83 3.98 19.71
N GLU B 191 -27.67 3.72 20.29
CA GLU B 191 -27.53 2.66 21.30
C GLU B 191 -28.36 1.44 20.96
N ALA B 192 -28.13 0.88 19.77
CA ALA B 192 -28.92 -0.23 19.24
C ALA B 192 -28.11 -1.46 18.83
N ASN B 193 -28.72 -2.63 18.92
CA ASN B 193 -28.17 -3.82 18.30
C ASN B 193 -28.44 -3.80 16.80
N LEU B 194 -27.75 -4.64 16.04
CA LEU B 194 -27.84 -4.57 14.58
C LEU B 194 -28.31 -5.87 14.00
N LEU B 195 -29.27 -5.79 13.10
CA LEU B 195 -29.80 -6.95 12.41
C LEU B 195 -29.51 -6.84 10.89
N LEU B 196 -28.68 -7.74 10.41
CA LEU B 196 -28.43 -7.84 8.99
C LEU B 196 -29.48 -8.78 8.40
N HIS B 197 -30.38 -8.18 7.62
CA HIS B 197 -31.61 -8.79 7.20
C HIS B 197 -31.71 -8.72 5.69
N PRO B 198 -30.87 -9.47 4.96
CA PRO B 198 -30.84 -9.37 3.49
C PRO B 198 -32.08 -9.95 2.83
N GLN B 199 -32.69 -9.29 1.84
CA GLN B 199 -33.83 -9.84 1.11
C GLN B 199 -33.40 -11.04 0.29
N VAL B 200 -34.09 -12.14 0.43
CA VAL B 200 -33.58 -13.39 -0.10
C VAL B 200 -34.45 -14.11 -1.14
N GLY B 201 -35.69 -13.66 -1.32
CA GLY B 201 -36.63 -14.34 -2.19
C GLY B 201 -36.19 -14.67 -3.59
N GLY B 202 -36.34 -15.94 -3.96
CA GLY B 202 -36.06 -16.40 -5.31
C GLY B 202 -36.48 -17.84 -5.49
N ASP B 203 -36.05 -18.45 -6.59
CA ASP B 203 -36.25 -19.88 -6.82
C ASP B 203 -34.91 -20.55 -7.17
N ILE B 204 -34.82 -21.87 -7.02
CA ILE B 204 -33.56 -22.53 -7.33
C ILE B 204 -33.22 -22.53 -8.82
N THR B 205 -34.21 -22.26 -9.70
CA THR B 205 -33.90 -22.08 -11.12
C THR B 205 -34.26 -20.85 -12.03
N GLU B 206 -35.21 -19.98 -11.63
CA GLU B 206 -35.58 -18.71 -12.27
C GLU B 206 -34.83 -17.58 -11.51
N ALA B 207 -34.73 -17.73 -10.16
CA ALA B 207 -33.97 -16.78 -9.34
C ALA B 207 -33.00 -17.36 -8.28
N PRO B 208 -31.79 -17.80 -8.72
CA PRO B 208 -30.84 -18.46 -7.84
C PRO B 208 -29.77 -17.44 -7.46
N ALA B 209 -30.09 -16.16 -7.52
CA ALA B 209 -29.07 -15.15 -7.23
C ALA B 209 -28.93 -14.86 -5.75
N TYR B 210 -29.95 -15.23 -4.96
CA TYR B 210 -29.89 -14.96 -3.55
C TYR B 210 -28.79 -15.75 -2.83
N PHE B 211 -28.45 -16.88 -3.35
CA PHE B 211 -27.38 -17.67 -2.79
C PHE B 211 -26.10 -16.84 -2.66
N GLY B 212 -25.68 -16.20 -3.75
CA GLY B 212 -24.53 -15.34 -3.72
C GLY B 212 -24.66 -14.24 -2.70
N LEU B 213 -25.85 -13.65 -2.60
CA LEU B 213 -26.07 -12.59 -1.65
C LEU B 213 -25.85 -13.09 -0.23
N VAL B 214 -26.47 -14.23 0.10
CA VAL B 214 -26.31 -14.78 1.42
C VAL B 214 -24.85 -15.06 1.68
N ARG B 215 -24.17 -15.63 0.69
CA ARG B 215 -22.76 -15.99 0.88
C ARG B 215 -21.83 -14.76 1.07
N SER B 216 -22.13 -13.65 0.43
CA SER B 216 -21.33 -12.45 0.64
C SER B 216 -21.56 -11.84 2.03
N PHE B 217 -22.70 -12.13 2.67
CA PHE B 217 -22.94 -11.70 4.05
C PHE B 217 -22.25 -12.63 5.00
N LEU B 218 -22.26 -13.93 4.70
CA LEU B 218 -21.58 -14.87 5.55
C LEU B 218 -20.10 -14.55 5.58
N ALA B 219 -19.63 -14.01 4.47
CA ALA B 219 -18.21 -13.73 4.26
C ALA B 219 -17.70 -12.64 5.17
N ILE B 220 -18.51 -11.63 5.40
CA ILE B 220 -18.08 -10.47 6.16
C ILE B 220 -18.71 -10.39 7.52
N ARG B 221 -19.54 -11.37 7.88
CA ARG B 221 -20.19 -11.33 9.19
C ARG B 221 -19.23 -11.26 10.39
N ASP B 222 -18.05 -11.89 10.28
CA ASP B 222 -17.09 -11.90 11.38
C ASP B 222 -16.41 -10.56 11.63
N ARG B 223 -16.54 -9.64 10.68
CA ARG B 223 -16.08 -8.27 10.83
C ARG B 223 -16.99 -7.46 11.76
N PHE B 224 -18.09 -8.08 12.21
CA PHE B 224 -19.07 -7.40 12.99
C PHE B 224 -18.95 -7.89 14.41
N PRO B 225 -19.23 -6.98 15.36
CA PRO B 225 -19.22 -7.33 16.79
C PRO B 225 -20.28 -8.42 17.06
N ALA B 226 -19.88 -9.51 17.68
CA ALA B 226 -20.78 -10.64 17.84
C ALA B 226 -21.90 -10.37 18.84
N ALA B 227 -21.58 -9.69 19.93
CA ALA B 227 -22.59 -9.39 20.96
C ALA B 227 -23.59 -8.31 20.55
N THR B 228 -23.52 -7.85 19.31
CA THR B 228 -24.22 -6.65 18.91
C THR B 228 -24.88 -6.77 17.55
N THR B 229 -24.62 -7.89 16.90
CA THR B 229 -25.02 -8.08 15.52
C THR B 229 -25.72 -9.42 15.37
N GLN B 230 -26.74 -9.48 14.52
CA GLN B 230 -27.37 -10.72 14.11
C GLN B 230 -27.54 -10.77 12.62
N LEU B 231 -27.45 -11.97 12.04
CA LEU B 231 -27.74 -12.18 10.62
C LEU B 231 -28.92 -13.09 10.49
N SER B 232 -29.86 -12.72 9.63
CA SER B 232 -31.04 -13.54 9.43
C SER B 232 -31.60 -13.24 8.07
N LEU B 233 -32.32 -14.18 7.48
CA LEU B 233 -32.84 -13.99 6.14
C LEU B 233 -34.27 -13.51 6.13
N LEU B 234 -34.55 -12.62 5.19
CA LEU B 234 -35.88 -12.05 5.00
C LEU B 234 -36.48 -12.55 3.69
N PRO B 235 -37.39 -13.53 3.77
CA PRO B 235 -37.92 -14.22 2.59
C PRO B 235 -38.89 -13.34 1.82
N ALA B 236 -38.43 -12.73 0.73
CA ALA B 236 -39.26 -11.79 -0.03
C ALA B 236 -38.43 -11.31 -1.20
N PRO B 237 -39.07 -10.70 -2.21
CA PRO B 237 -38.17 -10.17 -3.22
C PRO B 237 -37.93 -8.77 -2.66
N PRO B 238 -36.78 -8.16 -3.00
CA PRO B 238 -36.70 -6.70 -2.76
C PRO B 238 -37.85 -6.00 -3.50
N PRO B 239 -38.46 -4.97 -2.89
CA PRO B 239 -39.59 -4.30 -3.55
C PRO B 239 -39.04 -3.31 -4.57
N GLU B 240 -39.86 -2.45 -5.17
CA GLU B 240 -39.32 -1.34 -5.98
C GLU B 240 -39.34 -0.01 -5.22
N ALA B 241 -38.26 0.78 -5.23
CA ALA B 241 -38.22 1.88 -4.28
C ALA B 241 -39.41 2.84 -4.43
N SER B 242 -40.08 3.10 -3.33
CA SER B 242 -41.18 4.04 -3.30
C SER B 242 -41.55 4.25 -1.85
N GLY B 243 -41.99 5.46 -1.52
CA GLY B 243 -42.30 5.80 -0.15
C GLY B 243 -43.19 4.76 0.48
N ARG B 244 -44.15 4.27 -0.32
CA ARG B 244 -45.03 3.18 0.10
C ARG B 244 -44.22 1.93 0.49
N ALA B 245 -43.52 1.35 -0.50
CA ALA B 245 -42.66 0.19 -0.27
C ALA B 245 -41.88 0.37 1.02
N LEU B 246 -41.31 1.56 1.17
CA LEU B 246 -40.48 1.86 2.31
C LEU B 246 -41.28 1.68 3.60
N LEU B 247 -42.50 2.20 3.58
CA LEU B 247 -43.34 2.11 4.77
C LEU B 247 -43.74 0.67 5.09
N LEU B 248 -43.77 -0.19 4.06
CA LEU B 248 -44.16 -1.58 4.26
C LEU B 248 -43.01 -2.26 4.96
N ARG B 249 -41.82 -1.99 4.45
CA ARG B 249 -40.63 -2.63 4.98
C ARG B 249 -40.48 -2.26 6.45
N ALA B 250 -40.80 -1.02 6.77
CA ALA B 250 -40.82 -0.57 8.15
C ALA B 250 -41.78 -1.43 8.97
N ILE B 251 -42.91 -1.79 8.35
CA ILE B 251 -43.90 -2.58 9.06
C ILE B 251 -43.41 -4.00 9.29
N VAL B 252 -42.82 -4.60 8.27
CA VAL B 252 -42.27 -5.94 8.48
C VAL B 252 -41.03 -5.87 9.40
N ALA B 253 -40.29 -4.79 9.35
CA ALA B 253 -39.23 -4.60 10.33
C ALA B 253 -39.81 -4.61 11.74
N ARG B 254 -40.94 -3.93 11.93
CA ARG B 254 -41.56 -3.92 13.23
C ARG B 254 -42.06 -5.31 13.61
N ASN B 255 -42.60 -6.01 12.63
CA ASN B 255 -43.14 -7.32 12.94
C ASN B 255 -42.05 -8.33 13.27
N PHE B 256 -40.85 -8.07 12.78
CA PHE B 256 -39.70 -8.90 13.11
C PHE B 256 -39.04 -8.52 14.43
N GLY B 257 -39.43 -7.40 15.01
CA GLY B 257 -38.84 -7.00 16.28
C GLY B 257 -38.00 -5.73 16.23
N CYS B 258 -37.73 -5.24 15.03
CA CYS B 258 -36.91 -4.03 14.89
C CYS B 258 -37.67 -2.71 15.01
N SER B 259 -37.08 -1.77 15.73
CA SER B 259 -37.67 -0.47 15.96
C SER B 259 -36.94 0.63 15.18
N LEU B 260 -35.93 0.23 14.42
CA LEU B 260 -35.23 1.15 13.52
C LEU B 260 -34.98 0.48 12.16
N LEU B 261 -34.96 1.27 11.12
CA LEU B 261 -34.75 0.71 9.78
C LEU B 261 -33.84 1.65 9.01
N ILE B 262 -32.81 1.11 8.37
CA ILE B 262 -31.99 1.95 7.54
C ILE B 262 -32.55 1.83 6.15
N ALA B 263 -32.60 2.94 5.41
CA ALA B 263 -33.09 2.89 4.05
C ALA B 263 -32.13 3.61 3.14
N GLY B 264 -31.53 2.84 2.22
CA GLY B 264 -30.55 3.35 1.29
C GLY B 264 -29.85 2.22 0.55
N ARG B 284 -32.65 9.29 1.17
CA ARG B 284 -34.05 9.46 0.81
C ARG B 284 -34.95 10.19 1.79
N VAL B 285 -35.97 9.51 2.28
CA VAL B 285 -36.71 10.03 3.40
C VAL B 285 -37.58 11.26 3.32
N ASP B 286 -38.46 11.30 2.34
CA ASP B 286 -39.35 12.44 2.25
C ASP B 286 -39.99 12.69 3.61
N PRO B 287 -39.90 13.92 4.11
CA PRO B 287 -40.38 14.23 5.45
C PRO B 287 -41.76 13.67 5.66
N SER B 288 -42.50 13.53 4.58
CA SER B 288 -43.82 12.96 4.70
C SER B 288 -43.76 11.50 5.09
N VAL B 289 -42.67 10.79 4.82
CA VAL B 289 -42.88 9.38 5.02
C VAL B 289 -42.29 9.02 6.35
N ALA B 290 -41.24 9.74 6.71
CA ALA B 290 -40.64 9.56 8.00
C ALA B 290 -41.67 9.97 9.00
N GLU B 291 -42.43 10.97 8.64
CA GLU B 291 -43.62 11.25 9.41
C GLU B 291 -44.55 10.08 9.71
N ARG B 292 -45.01 9.37 8.68
CA ARG B 292 -45.99 8.30 8.93
C ARG B 292 -45.32 7.07 9.61
N ALA B 293 -44.01 7.01 9.46
CA ALA B 293 -43.29 5.87 9.95
C ALA B 293 -42.94 6.02 11.41
N GLU B 294 -42.46 7.18 11.77
CA GLU B 294 -42.24 7.46 13.15
C GLU B 294 -43.60 7.24 13.73
N LYS B 295 -44.59 7.36 12.87
CA LYS B 295 -45.94 7.05 13.29
C LYS B 295 -46.11 5.65 13.82
N ILE B 296 -45.91 4.66 12.97
CA ILE B 296 -46.09 3.31 13.34
C ILE B 296 -44.86 2.69 14.04
N GLY B 297 -44.32 3.41 15.00
CA GLY B 297 -43.25 3.05 15.90
C GLY B 297 -41.91 2.65 15.51
N VAL B 298 -41.60 2.84 14.23
CA VAL B 298 -40.29 2.46 13.73
C VAL B 298 -39.52 3.64 13.12
N ARG B 299 -38.42 4.00 13.75
CA ARG B 299 -37.64 5.12 13.26
C ARG B 299 -36.75 4.68 12.11
N LEU B 300 -36.89 5.35 10.98
CA LEU B 300 -36.05 4.96 9.87
C LEU B 300 -35.00 6.01 9.54
N ILE B 301 -33.75 5.60 9.73
CA ILE B 301 -32.60 6.44 9.42
C ILE B 301 -32.16 6.25 7.97
N ALA B 302 -31.71 7.33 7.35
CA ALA B 302 -31.34 7.30 5.94
C ALA B 302 -29.85 7.06 5.70
N TYR B 303 -29.54 6.44 4.58
CA TYR B 303 -28.16 6.14 4.28
C TYR B 303 -27.55 7.25 3.42
N PRO B 304 -26.54 7.93 3.96
CA PRO B 304 -25.97 9.12 3.30
C PRO B 304 -24.89 8.74 2.29
N ARG B 305 -24.40 9.72 1.57
CA ARG B 305 -23.20 9.49 0.81
C ARG B 305 -22.02 9.37 1.77
N MET B 306 -21.57 8.13 1.98
CA MET B 306 -20.33 7.81 2.62
C MET B 306 -19.13 8.14 1.74
N VAL B 307 -18.11 8.74 2.33
CA VAL B 307 -16.86 8.94 1.59
C VAL B 307 -15.72 8.41 2.44
N TYR B 308 -14.67 7.94 1.79
CA TYR B 308 -13.52 7.54 2.56
C TYR B 308 -12.71 8.78 2.77
N VAL B 309 -12.43 9.10 4.04
CA VAL B 309 -11.71 10.31 4.40
C VAL B 309 -10.32 9.93 4.81
N GLU B 310 -9.38 10.05 3.88
CA GLU B 310 -7.98 9.64 4.07
C GLU B 310 -7.36 10.25 5.32
N ASP B 311 -7.67 11.51 5.54
CA ASP B 311 -7.10 12.25 6.64
C ASP B 311 -7.54 11.65 7.96
N ARG B 312 -8.45 10.68 7.92
CA ARG B 312 -8.98 10.11 9.15
C ARG B 312 -9.04 8.59 9.15
N ALA B 313 -8.70 8.03 8.06
CA ALA B 313 -8.75 6.58 7.86
C ALA B 313 -10.15 6.04 8.10
N GLU B 314 -11.17 6.71 7.68
CA GLU B 314 -12.43 6.04 7.94
C GLU B 314 -13.46 6.71 7.08
N HIS B 315 -14.54 6.00 6.86
CA HIS B 315 -15.63 6.56 6.10
C HIS B 315 -16.46 7.42 7.01
N LEU B 316 -16.89 8.57 6.48
CA LEU B 316 -17.87 9.41 7.12
C LEU B 316 -18.96 9.78 6.13
N PRO B 317 -20.16 10.06 6.65
CA PRO B 317 -21.17 10.70 5.79
C PRO B 317 -20.57 11.99 5.23
N GLU B 318 -20.76 12.22 3.94
CA GLU B 318 -20.06 13.25 3.21
C GLU B 318 -20.14 14.61 3.92
N ALA B 319 -21.27 14.85 4.56
CA ALA B 319 -21.49 16.13 5.19
C ALA B 319 -20.83 16.25 6.57
N GLU B 320 -20.26 15.17 7.07
CA GLU B 320 -19.59 15.21 8.35
C GLU B 320 -18.09 15.26 8.14
N ALA B 321 -17.64 15.00 6.91
CA ALA B 321 -16.21 15.09 6.58
C ALA B 321 -15.61 16.49 6.82
N PRO B 322 -14.38 16.55 7.38
CA PRO B 322 -13.67 17.80 7.64
C PRO B 322 -13.49 18.64 6.38
N GLN B 323 -13.41 19.95 6.52
CA GLN B 323 -13.20 20.77 5.33
C GLN B 323 -11.86 20.48 4.64
N GLY B 324 -11.91 20.48 3.29
CA GLY B 324 -10.73 20.38 2.46
C GLY B 324 -9.93 19.11 2.64
N ALA B 325 -10.55 18.08 3.17
CA ALA B 325 -9.89 16.79 3.25
C ALA B 325 -9.90 16.22 1.87
N ARG B 326 -9.03 15.27 1.61
CA ARG B 326 -9.10 14.55 0.36
C ARG B 326 -10.06 13.44 0.60
N LEU B 327 -11.17 13.48 -0.12
CA LEU B 327 -12.22 12.50 0.00
C LEU B 327 -12.06 11.47 -1.07
N LEU B 328 -12.51 10.25 -0.83
CA LEU B 328 -12.35 9.19 -1.83
C LEU B 328 -13.59 8.31 -1.98
N THR B 329 -13.95 7.98 -3.22
CA THR B 329 -15.17 7.25 -3.53
C THR B 329 -14.87 6.29 -4.66
N LEU B 330 -15.82 5.42 -4.95
CA LEU B 330 -15.66 4.45 -6.02
C LEU B 330 -17.09 4.09 -6.43
N SER B 331 -17.50 4.46 -7.65
CA SER B 331 -18.87 4.16 -8.06
C SER B 331 -19.04 2.65 -8.26
N GLY B 332 -20.29 2.20 -8.38
CA GLY B 332 -20.58 0.82 -8.73
C GLY B 332 -20.31 0.54 -10.22
N GLU B 333 -20.62 1.49 -11.05
CA GLU B 333 -20.16 1.35 -12.36
C GLU B 333 -18.66 1.08 -12.22
N GLU B 334 -17.89 1.73 -11.34
CA GLU B 334 -16.49 1.62 -11.62
C GLU B 334 -15.97 0.39 -10.93
N PHE B 335 -16.64 0.01 -9.85
CA PHE B 335 -16.24 -1.16 -9.11
C PHE B 335 -16.42 -2.34 -10.03
N GLN B 336 -17.64 -2.44 -10.55
CA GLN B 336 -18.03 -3.55 -11.39
C GLN B 336 -17.03 -3.67 -12.55
N ARG B 337 -16.54 -2.53 -13.05
CA ARG B 337 -15.65 -2.45 -14.20
C ARG B 337 -14.30 -3.05 -13.86
N ARG B 338 -13.70 -2.51 -12.82
CA ARG B 338 -12.46 -3.03 -12.31
C ARG B 338 -12.56 -4.55 -12.11
N MET B 339 -13.66 -5.00 -11.53
CA MET B 339 -13.85 -6.44 -11.33
C MET B 339 -13.91 -7.20 -12.63
N ARG B 340 -14.61 -6.69 -13.59
CA ARG B 340 -14.53 -7.42 -14.79
C ARG B 340 -13.10 -7.40 -15.32
N ALA B 341 -12.22 -6.46 -14.94
CA ALA B 341 -11.14 -6.28 -15.88
C ALA B 341 -9.86 -6.73 -15.21
N GLY B 342 -9.97 -7.02 -13.91
CA GLY B 342 -8.86 -7.50 -13.12
C GLY B 342 -8.07 -6.34 -12.58
N LEU B 343 -8.68 -5.16 -12.60
CA LEU B 343 -8.01 -3.98 -12.07
C LEU B 343 -8.00 -3.93 -10.53
N LYS B 344 -7.09 -3.14 -9.99
CA LYS B 344 -6.97 -2.97 -8.53
C LYS B 344 -8.16 -2.29 -7.82
N ILE B 345 -8.60 -2.90 -6.71
CA ILE B 345 -9.60 -2.29 -5.84
C ILE B 345 -8.93 -1.68 -4.60
N PRO B 346 -9.23 -0.42 -4.30
CA PRO B 346 -8.58 0.24 -3.15
C PRO B 346 -8.78 -0.50 -1.82
N GLU B 347 -7.72 -0.59 -1.02
CA GLU B 347 -7.82 -1.38 0.21
C GLU B 347 -8.95 -0.91 1.15
N TRP B 348 -9.45 0.30 0.90
CA TRP B 348 -10.42 0.91 1.83
C TRP B 348 -11.84 0.69 1.39
N TYR B 349 -12.02 0.11 0.19
CA TYR B 349 -13.37 -0.04 -0.38
C TYR B 349 -14.11 -1.23 0.20
N SER B 350 -13.46 -2.39 0.20
CA SER B 350 -14.14 -3.58 0.68
C SER B 350 -13.31 -4.34 1.71
N PHE B 351 -13.55 -5.63 1.80
CA PHE B 351 -12.70 -6.56 2.55
C PHE B 351 -12.21 -7.67 1.62
N PRO B 352 -11.02 -8.21 1.89
CA PRO B 352 -10.49 -9.28 1.04
C PRO B 352 -11.48 -10.43 0.87
N GLU B 353 -12.08 -10.89 1.96
CA GLU B 353 -13.05 -11.98 1.89
C GLU B 353 -14.22 -11.76 0.92
N VAL B 354 -14.79 -10.57 0.96
CA VAL B 354 -15.93 -10.26 0.15
C VAL B 354 -15.46 -10.24 -1.29
N LEU B 355 -14.36 -9.54 -1.50
CA LEU B 355 -13.79 -9.43 -2.83
C LEU B 355 -13.61 -10.84 -3.38
N ALA B 356 -13.04 -11.70 -2.57
CA ALA B 356 -12.71 -13.05 -2.98
C ALA B 356 -13.97 -13.81 -3.32
N GLU B 357 -15.01 -13.53 -2.56
CA GLU B 357 -16.30 -14.19 -2.75
C GLU B 357 -16.97 -13.66 -4.02
N LEU B 358 -16.97 -12.34 -4.21
CA LEU B 358 -17.57 -11.78 -5.42
C LEU B 358 -16.87 -12.31 -6.69
N HIS B 359 -15.60 -12.63 -6.56
CA HIS B 359 -14.87 -13.18 -7.68
C HIS B 359 -15.15 -14.66 -7.92
N ARG B 360 -15.53 -15.38 -6.88
CA ARG B 360 -15.95 -16.75 -7.07
C ARG B 360 -17.31 -16.80 -7.78
N GLN B 361 -18.10 -15.76 -7.57
CA GLN B 361 -19.43 -15.68 -8.19
C GLN B 361 -19.37 -15.16 -9.61
N THR B 362 -18.70 -14.03 -9.81
CA THR B 362 -18.58 -13.42 -11.13
C THR B 362 -17.11 -13.06 -11.47
N PRO B 363 -16.43 -13.96 -12.17
CA PRO B 363 -15.01 -13.87 -12.49
C PRO B 363 -14.72 -12.80 -13.54
N PRO B 364 -13.46 -12.37 -13.63
CA PRO B 364 -12.94 -11.47 -14.67
C PRO B 364 -12.99 -12.14 -16.06
N ARG B 365 -13.20 -11.35 -17.12
CA ARG B 365 -13.35 -11.94 -18.41
C ARG B 365 -12.20 -12.93 -18.60
N GLU B 366 -11.03 -12.52 -18.19
CA GLU B 366 -9.84 -13.32 -18.34
C GLU B 366 -10.02 -14.70 -17.76
N ARG B 367 -11.16 -14.95 -17.16
CA ARG B 367 -11.28 -16.12 -16.35
C ARG B 367 -12.63 -16.78 -16.34
N GLN B 368 -13.62 -16.11 -16.90
CA GLN B 368 -14.95 -16.66 -17.00
C GLN B 368 -15.11 -17.41 -18.28
N GLY B 369 -16.25 -18.03 -18.46
CA GLY B 369 -16.57 -18.94 -19.55
C GLY B 369 -17.07 -18.14 -20.73
N PHE B 370 -17.05 -18.73 -21.92
CA PHE B 370 -17.56 -18.05 -23.09
C PHE B 370 -17.71 -19.09 -24.14
N THR B 371 -18.68 -18.87 -25.04
CA THR B 371 -18.77 -19.70 -26.24
C THR B 371 -18.37 -18.88 -27.46
N VAL B 372 -17.71 -19.53 -28.39
CA VAL B 372 -17.34 -18.93 -29.67
C VAL B 372 -18.27 -19.54 -30.66
N PHE B 373 -19.11 -18.69 -31.24
CA PHE B 373 -20.22 -19.12 -32.10
C PHE B 373 -19.99 -18.75 -33.57
N PHE B 374 -19.61 -19.73 -34.39
CA PHE B 374 -19.27 -19.44 -35.77
C PHE B 374 -20.55 -19.43 -36.56
N THR B 375 -20.76 -18.40 -37.36
CA THR B 375 -21.91 -18.38 -38.26
C THR B 375 -21.56 -17.95 -39.69
N GLY B 376 -22.24 -18.56 -40.66
CA GLY B 376 -22.01 -18.29 -42.07
C GLY B 376 -22.69 -19.34 -42.90
N LEU B 377 -22.28 -19.49 -44.15
CA LEU B 377 -22.87 -20.50 -45.05
C LEU B 377 -22.00 -21.76 -45.10
N SER B 378 -22.55 -22.89 -45.58
CA SER B 378 -21.78 -24.15 -45.67
C SER B 378 -20.63 -23.98 -46.66
N GLY B 379 -20.52 -22.78 -47.21
CA GLY B 379 -19.43 -22.43 -48.08
C GLY B 379 -18.28 -21.80 -47.35
N ALA B 380 -18.12 -22.21 -46.10
CA ALA B 380 -17.16 -21.54 -45.23
C ALA B 380 -15.92 -22.23 -44.67
N GLY B 381 -15.95 -23.51 -44.24
CA GLY B 381 -14.83 -23.91 -43.44
C GLY B 381 -15.04 -23.37 -42.05
N LYS B 382 -16.30 -23.00 -41.76
CA LYS B 382 -16.74 -22.84 -40.39
C LYS B 382 -16.18 -23.99 -39.54
N SER B 383 -16.53 -25.22 -39.90
CA SER B 383 -16.08 -26.35 -39.11
C SER B 383 -14.57 -26.39 -38.98
N THR B 384 -13.87 -26.12 -40.08
CA THR B 384 -12.40 -26.21 -40.10
C THR B 384 -11.85 -25.17 -39.14
N LEU B 385 -12.38 -23.96 -39.21
CA LEU B 385 -11.96 -22.87 -38.33
C LEU B 385 -12.19 -23.22 -36.88
N ALA B 386 -13.40 -23.68 -36.60
CA ALA B 386 -13.77 -24.12 -35.26
C ALA B 386 -12.80 -25.16 -34.65
N ARG B 387 -12.55 -26.26 -35.34
CA ARG B 387 -11.52 -27.22 -34.88
C ARG B 387 -10.15 -26.59 -34.61
N ALA B 388 -9.65 -25.76 -35.50
CA ALA B 388 -8.33 -25.21 -35.30
C ALA B 388 -8.34 -24.32 -34.05
N LEU B 389 -9.43 -23.57 -33.89
CA LEU B 389 -9.52 -22.61 -32.81
C LEU B 389 -9.56 -23.34 -31.50
N ALA B 390 -10.28 -24.48 -31.47
CA ALA B 390 -10.26 -25.37 -30.31
C ALA B 390 -8.85 -25.81 -29.94
N ALA B 391 -8.06 -26.24 -30.92
CA ALA B 391 -6.74 -26.73 -30.63
C ALA B 391 -5.94 -25.64 -29.94
N ARG B 392 -5.97 -24.42 -30.50
CA ARG B 392 -5.21 -23.28 -29.94
C ARG B 392 -5.61 -22.99 -28.50
N LEU B 393 -6.91 -22.81 -28.28
CA LEU B 393 -7.45 -22.56 -26.95
C LEU B 393 -7.13 -23.65 -25.94
N MET B 394 -6.86 -24.85 -26.39
CA MET B 394 -6.49 -25.94 -25.49
C MET B 394 -5.07 -25.82 -24.95
N GLU B 395 -4.21 -25.09 -25.66
CA GLU B 395 -2.87 -24.79 -25.16
C GLU B 395 -2.90 -24.06 -23.79
N MET B 396 -4.04 -23.52 -23.41
CA MET B 396 -4.08 -22.59 -22.30
C MET B 396 -4.35 -23.18 -20.94
N GLY B 397 -5.18 -24.21 -20.86
CA GLY B 397 -5.48 -24.77 -19.55
C GLY B 397 -6.24 -23.77 -18.70
N GLY B 398 -6.61 -24.17 -17.49
CA GLY B 398 -7.45 -23.33 -16.68
C GLY B 398 -8.92 -23.48 -17.05
N ARG B 399 -9.26 -23.21 -18.31
CA ARG B 399 -10.63 -23.50 -18.76
C ARG B 399 -10.64 -24.68 -19.74
N CYS B 400 -11.62 -25.56 -19.60
CA CYS B 400 -11.76 -26.71 -20.50
C CYS B 400 -12.48 -26.32 -21.79
N VAL B 401 -12.02 -26.85 -22.92
CA VAL B 401 -12.63 -26.53 -24.21
C VAL B 401 -13.44 -27.73 -24.75
N THR B 402 -14.66 -27.45 -25.19
CA THR B 402 -15.49 -28.46 -25.82
C THR B 402 -15.92 -28.06 -27.24
N LEU B 403 -15.68 -28.92 -28.20
CA LEU B 403 -16.04 -28.64 -29.57
C LEU B 403 -17.40 -29.25 -29.80
N LEU B 404 -18.43 -28.42 -29.84
CA LEU B 404 -19.78 -28.88 -30.20
C LEU B 404 -20.00 -28.83 -31.72
N ASP B 405 -19.51 -29.83 -32.45
CA ASP B 405 -19.68 -29.78 -33.90
C ASP B 405 -20.18 -31.05 -34.61
N GLY B 406 -19.29 -32.00 -34.85
CA GLY B 406 -19.59 -33.04 -35.82
C GLY B 406 -20.31 -34.26 -35.27
N ASP B 407 -19.53 -35.33 -35.11
CA ASP B 407 -19.98 -36.56 -34.47
C ASP B 407 -20.65 -36.24 -33.14
N ILE B 408 -19.94 -35.49 -32.30
CA ILE B 408 -20.43 -35.14 -30.98
C ILE B 408 -21.89 -34.75 -31.01
N VAL B 409 -22.21 -33.71 -31.77
CA VAL B 409 -23.58 -33.25 -31.82
C VAL B 409 -24.55 -34.22 -32.49
N ARG B 410 -24.27 -34.79 -33.61
CA ARG B 410 -25.21 -35.84 -33.90
C ARG B 410 -25.53 -36.92 -32.85
N ARG B 411 -24.49 -37.59 -32.44
CA ARG B 411 -24.36 -38.72 -31.53
C ARG B 411 -25.25 -38.46 -30.30
N HIS B 412 -25.13 -37.26 -29.69
CA HIS B 412 -25.76 -36.99 -28.38
C HIS B 412 -26.97 -36.07 -28.37
N LEU B 413 -26.97 -35.06 -29.24
CA LEU B 413 -27.99 -34.01 -29.17
C LEU B 413 -29.11 -33.93 -30.22
N SER B 414 -28.86 -34.30 -31.46
CA SER B 414 -29.87 -34.12 -32.51
C SER B 414 -30.00 -35.30 -33.45
N SER B 415 -29.81 -36.50 -32.94
CA SER B 415 -29.91 -37.67 -33.79
C SER B 415 -31.33 -38.16 -34.12
N GLU B 416 -32.30 -37.28 -33.97
CA GLU B 416 -33.65 -37.69 -34.24
C GLU B 416 -34.35 -36.44 -34.64
N LEU B 417 -33.62 -35.58 -35.33
CA LEU B 417 -34.14 -34.31 -35.82
C LEU B 417 -34.21 -34.26 -37.34
N GLY B 418 -35.32 -33.75 -37.85
CA GLY B 418 -35.51 -33.69 -39.29
C GLY B 418 -34.70 -32.56 -39.91
N PHE B 419 -35.21 -31.98 -41.00
CA PHE B 419 -34.62 -30.74 -41.52
C PHE B 419 -35.69 -29.67 -41.62
N SER B 420 -36.81 -29.96 -40.99
CA SER B 420 -37.93 -29.07 -40.93
C SER B 420 -37.48 -27.72 -40.44
N LYS B 421 -38.28 -26.71 -40.73
CA LYS B 421 -37.98 -25.38 -40.26
C LYS B 421 -37.74 -25.42 -38.76
N ALA B 422 -38.80 -25.66 -38.02
CA ALA B 422 -38.68 -25.68 -36.58
C ALA B 422 -37.83 -26.84 -36.04
N HIS B 423 -37.61 -27.91 -36.81
CA HIS B 423 -36.68 -28.95 -36.38
C HIS B 423 -35.25 -28.42 -36.32
N ARG B 424 -34.79 -27.72 -37.36
CA ARG B 424 -33.47 -27.12 -37.23
C ARG B 424 -33.48 -25.97 -36.25
N ASP B 425 -34.62 -25.33 -36.04
CA ASP B 425 -34.57 -24.33 -34.99
C ASP B 425 -34.31 -25.01 -33.67
N VAL B 426 -35.03 -26.08 -33.40
CA VAL B 426 -34.87 -26.77 -32.15
C VAL B 426 -33.43 -27.19 -32.04
N ASN B 427 -32.81 -27.64 -33.13
CA ASN B 427 -31.40 -28.08 -33.07
C ASN B 427 -30.45 -26.99 -32.69
N VAL B 428 -30.59 -25.86 -33.35
CA VAL B 428 -29.74 -24.75 -33.02
C VAL B 428 -29.85 -24.41 -31.55
N ARG B 429 -31.07 -24.41 -31.04
CA ARG B 429 -31.26 -24.01 -29.64
C ARG B 429 -30.77 -25.04 -28.68
N ARG B 430 -30.87 -26.29 -29.07
CA ARG B 430 -30.45 -27.34 -28.23
C ARG B 430 -28.99 -27.12 -28.09
N ILE B 431 -28.32 -26.81 -29.18
CA ILE B 431 -26.89 -26.70 -29.05
C ILE B 431 -26.52 -25.47 -28.28
N GLY B 432 -27.33 -24.43 -28.38
CA GLY B 432 -27.08 -23.22 -27.62
C GLY B 432 -27.29 -23.39 -26.14
N PHE B 433 -28.06 -24.39 -25.76
CA PHE B 433 -28.32 -24.69 -24.37
C PHE B 433 -27.09 -25.36 -23.79
N VAL B 434 -26.67 -26.46 -24.37
CA VAL B 434 -25.52 -27.18 -23.87
C VAL B 434 -24.36 -26.21 -23.77
N ALA B 435 -24.16 -25.39 -24.79
CA ALA B 435 -23.11 -24.38 -24.73
C ALA B 435 -23.23 -23.51 -23.46
N SER B 436 -24.42 -23.04 -23.15
CA SER B 436 -24.60 -22.16 -21.97
C SER B 436 -24.20 -22.84 -20.67
N GLU B 437 -24.53 -24.12 -20.51
CA GLU B 437 -24.07 -24.87 -19.35
C GLU B 437 -22.53 -24.95 -19.28
N ILE B 438 -21.87 -25.27 -20.39
CA ILE B 438 -20.42 -25.22 -20.43
C ILE B 438 -19.90 -23.86 -19.94
N THR B 439 -20.55 -22.76 -20.33
CA THR B 439 -19.97 -21.45 -20.07
C THR B 439 -20.28 -20.94 -18.67
N LYS B 440 -21.54 -21.08 -18.28
CA LYS B 440 -21.97 -20.89 -16.90
C LYS B 440 -20.96 -21.49 -15.92
N ASN B 441 -20.47 -22.70 -16.23
CA ASN B 441 -19.51 -23.40 -15.39
C ASN B 441 -18.02 -23.07 -15.64
N ARG B 442 -17.76 -21.97 -16.35
CA ARG B 442 -16.38 -21.51 -16.55
C ARG B 442 -15.60 -22.25 -17.63
N GLY B 443 -16.28 -22.85 -18.60
CA GLY B 443 -15.61 -23.57 -19.68
C GLY B 443 -15.71 -22.74 -20.95
N ILE B 444 -15.00 -23.12 -22.01
CA ILE B 444 -15.24 -22.43 -23.27
C ILE B 444 -15.88 -23.40 -24.24
N ALA B 445 -17.02 -23.00 -24.83
CA ALA B 445 -17.72 -23.83 -25.80
C ALA B 445 -17.66 -23.29 -27.24
N ILE B 446 -17.27 -24.13 -28.20
CA ILE B 446 -17.09 -23.68 -29.56
C ILE B 446 -18.06 -24.36 -30.49
N CYS B 447 -18.96 -23.56 -31.06
CA CYS B 447 -20.06 -24.05 -31.89
C CYS B 447 -20.22 -23.49 -33.30
N ALA B 448 -20.42 -24.40 -34.25
CA ALA B 448 -20.63 -24.00 -35.64
C ALA B 448 -21.76 -24.77 -36.36
N PRO B 449 -22.99 -24.63 -35.84
CA PRO B 449 -24.17 -25.25 -36.42
C PRO B 449 -24.66 -24.46 -37.65
N ILE B 450 -25.62 -25.03 -38.36
CA ILE B 450 -26.31 -24.32 -39.44
C ILE B 450 -27.45 -23.48 -38.88
N ALA B 451 -27.32 -22.15 -38.99
CA ALA B 451 -28.32 -21.23 -38.45
C ALA B 451 -28.46 -20.00 -39.31
N PRO B 452 -29.62 -19.86 -39.96
CA PRO B 452 -29.84 -18.83 -40.98
C PRO B 452 -30.75 -17.70 -40.51
N TYR B 453 -31.29 -17.80 -39.31
CA TYR B 453 -32.29 -16.85 -38.84
C TYR B 453 -31.78 -15.93 -37.75
N ARG B 454 -31.67 -14.68 -38.11
CA ARG B 454 -31.37 -13.76 -37.10
C ARG B 454 -32.14 -14.11 -35.86
N GLN B 455 -33.35 -14.61 -35.99
CA GLN B 455 -34.17 -14.84 -34.84
C GLN B 455 -33.37 -15.68 -33.90
N THR B 456 -33.18 -16.91 -34.31
CA THR B 456 -32.70 -17.95 -33.41
C THR B 456 -31.27 -17.72 -32.87
N ARG B 457 -30.45 -17.10 -33.67
CA ARG B 457 -29.20 -16.67 -33.18
C ARG B 457 -29.34 -15.62 -32.10
N ARG B 458 -30.42 -14.88 -32.16
CA ARG B 458 -30.69 -13.86 -31.21
C ARG B 458 -30.89 -14.45 -29.84
N ASP B 459 -31.41 -15.67 -29.75
CA ASP B 459 -31.86 -16.17 -28.48
C ASP B 459 -30.70 -16.91 -27.85
N VAL B 460 -30.01 -17.69 -28.67
CA VAL B 460 -28.78 -18.35 -28.24
C VAL B 460 -27.82 -17.34 -27.60
N ARG B 461 -27.46 -16.28 -28.30
CA ARG B 461 -26.58 -15.27 -27.71
C ARG B 461 -27.03 -14.76 -26.34
N ALA B 462 -28.34 -14.56 -26.19
CA ALA B 462 -28.84 -14.02 -24.93
C ALA B 462 -28.77 -15.09 -23.83
N MET B 463 -29.08 -16.31 -24.23
CA MET B 463 -29.04 -17.39 -23.26
C MET B 463 -27.64 -17.53 -22.71
N ILE B 464 -26.61 -17.47 -23.57
CA ILE B 464 -25.27 -17.67 -23.05
C ILE B 464 -24.67 -16.38 -22.45
N GLU B 465 -25.08 -15.23 -22.99
CA GLU B 465 -24.55 -13.93 -22.54
C GLU B 465 -24.98 -13.61 -21.12
N ALA B 466 -26.02 -14.30 -20.67
CA ALA B 466 -26.57 -14.15 -19.32
C ALA B 466 -25.64 -14.80 -18.30
N VAL B 467 -24.92 -15.82 -18.75
CA VAL B 467 -24.26 -16.72 -17.84
C VAL B 467 -22.74 -16.63 -18.07
N GLY B 468 -22.36 -15.85 -19.10
CA GLY B 468 -20.96 -15.71 -19.48
C GLY B 468 -20.77 -14.98 -20.80
N GLY B 469 -19.65 -15.27 -21.47
CA GLY B 469 -19.25 -14.54 -22.67
C GLY B 469 -19.71 -15.19 -23.96
N PHE B 470 -20.18 -14.35 -24.88
CA PHE B 470 -20.58 -14.81 -26.19
C PHE B 470 -19.82 -14.02 -27.25
N VAL B 471 -19.17 -14.72 -28.17
CA VAL B 471 -18.42 -14.08 -29.23
C VAL B 471 -18.86 -14.68 -30.53
N GLU B 472 -19.56 -13.90 -31.34
CA GLU B 472 -19.97 -14.38 -32.65
C GLU B 472 -18.87 -14.10 -33.68
N ILE B 473 -18.55 -15.10 -34.49
CA ILE B 473 -17.63 -14.83 -35.58
C ILE B 473 -18.30 -15.17 -36.89
N HIS B 474 -18.50 -14.14 -37.70
CA HIS B 474 -19.15 -14.30 -38.98
C HIS B 474 -18.13 -14.65 -40.06
N VAL B 475 -18.23 -15.88 -40.56
CA VAL B 475 -17.40 -16.34 -41.65
C VAL B 475 -18.05 -15.97 -42.97
N ALA B 476 -17.64 -14.83 -43.54
CA ALA B 476 -18.23 -14.33 -44.78
C ALA B 476 -17.40 -14.61 -46.06
N THR B 477 -16.29 -15.30 -45.92
CA THR B 477 -15.55 -15.79 -47.06
C THR B 477 -15.95 -17.23 -47.39
N ASP B 507 -33.22 -23.39 -47.27
CA ASP B 507 -33.99 -22.27 -47.81
C ASP B 507 -33.19 -20.96 -47.79
N PRO B 508 -33.73 -19.95 -47.14
CA PRO B 508 -33.11 -18.62 -47.13
C PRO B 508 -31.88 -18.56 -46.25
N TYR B 509 -31.38 -17.36 -46.02
CA TYR B 509 -30.42 -17.12 -44.97
C TYR B 509 -30.74 -15.75 -44.39
N GLU B 510 -29.81 -15.16 -43.66
CA GLU B 510 -29.98 -13.79 -43.18
C GLU B 510 -28.64 -13.29 -42.67
N VAL B 511 -28.33 -12.03 -42.95
CA VAL B 511 -27.03 -11.50 -42.59
C VAL B 511 -26.93 -11.34 -41.08
N PRO B 512 -25.78 -11.70 -40.53
CA PRO B 512 -25.46 -11.29 -39.19
C PRO B 512 -25.19 -9.81 -39.26
N GLU B 513 -25.90 -9.01 -38.49
CA GLU B 513 -25.69 -7.58 -38.65
C GLU B 513 -24.73 -6.99 -37.61
N THR B 514 -24.29 -7.82 -36.66
CA THR B 514 -23.54 -7.29 -35.54
C THR B 514 -22.56 -8.28 -34.86
N PRO B 515 -21.79 -9.04 -35.66
CA PRO B 515 -20.85 -10.01 -35.07
C PRO B 515 -19.80 -9.30 -34.26
N GLU B 516 -19.03 -10.05 -33.48
CA GLU B 516 -17.88 -9.46 -32.83
C GLU B 516 -16.77 -9.38 -33.85
N LEU B 517 -16.68 -10.41 -34.69
CA LEU B 517 -15.65 -10.53 -35.70
C LEU B 517 -16.28 -10.99 -37.01
N ALA B 518 -15.89 -10.36 -38.11
CA ALA B 518 -16.42 -10.72 -39.42
C ALA B 518 -15.19 -10.90 -40.30
N ILE B 519 -14.81 -12.15 -40.53
CA ILE B 519 -13.65 -12.46 -41.35
C ILE B 519 -13.88 -11.99 -42.79
N ASP B 520 -13.47 -10.77 -43.09
CA ASP B 520 -13.64 -10.20 -44.41
C ASP B 520 -12.37 -10.36 -45.25
N THR B 521 -12.12 -11.58 -45.70
CA THR B 521 -10.93 -11.87 -46.51
C THR B 521 -11.32 -12.48 -47.84
N THR B 522 -10.32 -12.94 -48.59
CA THR B 522 -10.56 -13.55 -49.89
C THR B 522 -9.68 -14.78 -50.09
N GLY B 523 -8.51 -14.79 -49.46
CA GLY B 523 -7.59 -15.90 -49.56
C GLY B 523 -6.98 -16.28 -48.22
N LEU B 524 -7.66 -15.91 -47.14
CA LEU B 524 -7.18 -16.20 -45.81
C LEU B 524 -6.91 -17.68 -45.71
N ALA B 525 -5.80 -18.02 -45.10
CA ALA B 525 -5.55 -19.40 -44.82
C ALA B 525 -5.92 -19.65 -43.39
N ILE B 526 -6.03 -20.90 -43.02
CA ILE B 526 -6.57 -21.20 -41.68
C ILE B 526 -5.77 -20.48 -40.59
N ASP B 527 -4.46 -20.69 -40.57
CA ASP B 527 -3.60 -20.02 -39.61
C ASP B 527 -3.96 -18.54 -39.47
N GLU B 528 -4.01 -17.81 -40.59
CA GLU B 528 -4.20 -16.37 -40.53
C GLU B 528 -5.55 -16.03 -39.92
N ALA B 529 -6.55 -16.82 -40.27
CA ALA B 529 -7.92 -16.61 -39.77
C ALA B 529 -8.01 -16.91 -38.26
N VAL B 530 -7.47 -18.06 -37.84
CA VAL B 530 -7.39 -18.43 -36.42
C VAL B 530 -6.74 -17.32 -35.58
N GLN B 531 -5.62 -16.79 -36.07
CA GLN B 531 -4.92 -15.72 -35.39
C GLN B 531 -5.82 -14.51 -35.28
N GLN B 532 -6.49 -14.18 -36.40
CA GLN B 532 -7.40 -13.05 -36.45
C GLN B 532 -8.49 -13.17 -35.37
N ILE B 533 -8.90 -14.39 -35.07
CA ILE B 533 -9.85 -14.55 -33.96
C ILE B 533 -9.19 -14.57 -32.58
N LEU B 534 -7.95 -15.04 -32.47
CA LEU B 534 -7.30 -14.97 -31.16
C LEU B 534 -7.13 -13.51 -30.84
N LEU B 535 -6.92 -12.71 -31.88
CA LEU B 535 -6.86 -11.28 -31.69
C LEU B 535 -8.18 -10.72 -31.14
N LYS B 536 -9.32 -11.14 -31.65
CA LYS B 536 -10.55 -10.70 -31.04
C LYS B 536 -10.61 -11.15 -29.60
N LEU B 537 -10.52 -12.44 -29.32
CA LEU B 537 -10.54 -12.81 -27.91
C LEU B 537 -9.54 -12.02 -27.02
N GLU B 538 -8.36 -11.78 -27.52
CA GLU B 538 -7.42 -11.01 -26.76
C GLU B 538 -7.98 -9.66 -26.54
N HIS B 539 -8.50 -9.04 -27.59
CA HIS B 539 -8.85 -7.66 -27.35
C HIS B 539 -10.16 -7.53 -26.57
N GLU B 540 -10.98 -8.59 -26.59
CA GLU B 540 -12.26 -8.61 -25.84
C GLU B 540 -12.05 -8.96 -24.37
N GLY B 541 -10.85 -9.43 -24.01
CA GLY B 541 -10.47 -9.65 -22.62
C GLY B 541 -10.46 -11.09 -22.15
N TYR B 542 -10.90 -12.02 -23.00
CA TYR B 542 -11.15 -13.38 -22.52
C TYR B 542 -9.95 -14.28 -22.33
N LEU B 543 -8.81 -13.89 -22.90
CA LEU B 543 -7.58 -14.72 -22.80
C LEU B 543 -6.76 -14.35 -21.55
N ARG B 544 -6.14 -15.34 -20.93
CA ARG B 544 -5.50 -15.13 -19.65
C ARG B 544 -4.02 -14.91 -19.80
N LEU C 5 37.15 19.00 19.96
CA LEU C 5 36.16 18.63 20.98
C LEU C 5 35.94 19.76 21.95
N ILE C 6 34.79 20.44 21.80
CA ILE C 6 34.48 21.60 22.63
C ILE C 6 34.75 21.31 24.09
N GLU C 7 35.60 22.15 24.69
CA GLU C 7 35.99 21.92 26.08
C GLU C 7 34.94 22.47 27.05
N PRO C 8 34.92 21.94 28.30
CA PRO C 8 33.85 22.22 29.25
C PRO C 8 33.58 23.72 29.36
N TYR C 9 32.37 24.07 29.76
CA TYR C 9 32.02 25.46 30.07
C TYR C 9 32.81 25.91 31.29
N GLY C 10 33.14 27.19 31.36
CA GLY C 10 33.99 27.68 32.44
C GLY C 10 35.46 27.31 32.23
N GLY C 11 35.69 26.25 31.47
CA GLY C 11 37.02 25.96 31.01
C GLY C 11 37.50 24.59 31.46
N THR C 12 36.93 24.12 32.57
CA THR C 12 37.32 22.83 33.10
C THR C 12 36.14 22.08 33.75
N LEU C 13 36.14 20.76 33.55
CA LEU C 13 35.01 19.90 33.90
C LEU C 13 34.95 19.63 35.40
N VAL C 14 33.89 20.09 36.05
CA VAL C 14 33.71 19.85 37.47
C VAL C 14 33.55 18.35 37.76
N ASN C 15 34.06 17.92 38.91
CA ASN C 15 33.75 16.62 39.45
C ASN C 15 33.73 16.69 40.98
N LEU C 16 32.53 16.66 41.53
CA LEU C 16 32.27 16.78 42.96
C LEU C 16 32.43 15.44 43.71
N ILE C 17 33.09 14.49 43.09
CA ILE C 17 33.25 13.19 43.73
C ILE C 17 34.70 12.73 43.69
N ASP C 18 35.37 12.97 44.83
CA ASP C 18 36.77 12.57 45.06
C ASP C 18 36.79 11.30 45.89
N PRO C 19 37.08 10.14 45.35
CA PRO C 19 36.91 8.91 46.15
C PRO C 19 37.49 8.91 47.59
N GLU C 20 38.76 9.25 47.66
CA GLU C 20 39.40 9.42 48.93
C GLU C 20 38.40 10.12 49.82
N LYS C 21 38.15 11.36 49.49
CA LYS C 21 37.34 12.13 50.36
C LYS C 21 36.07 11.36 50.58
N ARG C 22 35.89 10.28 49.83
CA ARG C 22 34.63 9.52 49.82
C ARG C 22 34.44 8.64 51.02
N GLU C 23 35.41 7.77 51.24
CA GLU C 23 35.36 7.04 52.48
C GLU C 23 35.32 8.11 53.54
N ALA C 24 35.94 9.23 53.20
CA ALA C 24 35.98 10.35 54.11
C ALA C 24 34.58 10.69 54.64
N LEU C 25 33.71 11.05 53.72
CA LEU C 25 32.41 11.60 53.98
C LEU C 25 31.45 10.58 54.50
N LYS C 26 31.47 9.37 53.94
CA LYS C 26 30.54 8.40 54.48
C LYS C 26 30.73 8.42 56.00
N HIS C 27 32.03 8.42 56.29
CA HIS C 27 32.54 8.65 57.62
C HIS C 27 32.02 9.80 58.45
N GLU C 28 32.17 11.02 57.93
CA GLU C 28 31.82 12.21 58.72
C GLU C 28 30.33 12.25 58.90
N ALA C 29 29.60 11.72 57.94
CA ALA C 29 28.15 11.81 57.97
C ALA C 29 27.34 10.98 58.91
N LEU C 30 27.91 9.89 59.39
CA LEU C 30 27.07 9.05 60.25
C LEU C 30 26.39 9.92 61.39
N SER C 31 26.91 11.12 61.61
CA SER C 31 26.79 11.96 62.77
C SER C 31 26.13 13.30 62.44
N LEU C 32 25.48 13.36 61.28
CA LEU C 32 24.91 14.61 60.78
C LEU C 32 23.39 14.53 60.62
N PRO C 33 22.75 15.69 60.54
CA PRO C 33 21.33 15.68 60.13
C PRO C 33 21.26 15.31 58.64
N SER C 34 20.12 14.77 58.21
CA SER C 34 20.01 14.25 56.85
C SER C 34 18.70 14.62 56.14
N LEU C 35 18.85 14.93 54.85
CA LEU C 35 17.73 15.19 53.98
C LEU C 35 17.57 14.04 52.96
N ASP C 36 16.36 13.50 52.84
CA ASP C 36 16.06 12.49 51.81
C ASP C 36 15.50 13.19 50.57
N LEU C 37 16.27 13.19 49.49
CA LEU C 37 15.82 13.92 48.30
C LEU C 37 14.70 13.24 47.54
N ASP C 38 13.82 14.04 46.93
CA ASP C 38 12.89 13.48 45.96
C ASP C 38 13.61 13.18 44.63
N TRP C 39 12.95 12.43 43.75
CA TRP C 39 13.67 11.96 42.57
C TRP C 39 14.24 13.09 41.72
N GLN C 40 13.48 14.17 41.53
CA GLN C 40 14.00 15.26 40.68
C GLN C 40 15.21 16.03 41.24
N GLN C 41 15.26 16.21 42.56
CA GLN C 41 16.40 16.86 43.18
C GLN C 41 17.67 16.00 43.05
N GLN C 42 17.51 14.68 43.19
CA GLN C 42 18.65 13.78 43.03
C GLN C 42 19.18 13.93 41.61
N CYS C 43 18.31 14.35 40.71
CA CYS C 43 18.74 14.52 39.35
C CYS C 43 19.63 15.74 39.37
N GLU C 44 19.05 16.83 39.84
CA GLU C 44 19.74 18.08 39.94
C GLU C 44 21.08 17.84 40.63
N LEU C 45 21.04 17.06 41.71
CA LEU C 45 22.25 16.80 42.48
C LEU C 45 23.25 16.09 41.60
N GLU C 46 22.78 15.04 40.92
CA GLU C 46 23.61 14.23 40.05
C GLU C 46 24.19 15.07 38.92
N MET C 47 23.34 15.89 38.30
CA MET C 47 23.81 16.77 37.25
C MET C 47 24.94 17.63 37.77
N LEU C 48 24.76 18.19 38.97
CA LEU C 48 25.74 19.10 39.53
C LEU C 48 26.97 18.32 39.95
N MET C 49 26.76 17.27 40.74
CA MET C 49 27.83 16.43 41.26
C MET C 49 28.72 15.98 40.14
N THR C 50 28.20 16.01 38.91
CA THR C 50 28.79 15.23 37.83
C THR C 50 29.39 16.06 36.70
N GLY C 51 29.16 17.37 36.71
CA GLY C 51 29.85 18.27 35.80
C GLY C 51 28.96 18.77 34.68
N ALA C 52 27.70 18.37 34.72
CA ALA C 52 26.78 18.78 33.68
C ALA C 52 26.60 20.28 33.75
N TYR C 53 26.95 20.83 34.90
CA TYR C 53 26.73 22.24 35.13
C TYR C 53 28.04 23.01 35.37
N SER C 54 29.18 22.42 35.01
CA SER C 54 30.44 23.12 35.13
C SER C 54 30.23 24.52 34.56
N PRO C 55 30.66 25.56 35.29
CA PRO C 55 31.60 25.55 36.42
C PRO C 55 30.97 25.33 37.80
N LEU C 56 29.64 25.28 37.90
CA LEU C 56 29.00 25.20 39.22
C LEU C 56 29.53 24.06 40.06
N THR C 57 29.54 24.28 41.37
CA THR C 57 30.20 23.36 42.28
C THR C 57 29.48 23.30 43.63
N GLY C 58 28.30 23.90 43.65
CA GLY C 58 27.36 23.81 44.76
C GLY C 58 26.05 24.47 44.35
N PHE C 59 25.01 24.27 45.15
CA PHE C 59 23.73 24.90 44.88
C PHE C 59 23.73 26.38 45.21
N MET C 60 23.14 27.15 44.30
CA MET C 60 23.15 28.59 44.41
C MET C 60 22.44 29.09 45.63
N THR C 61 22.76 30.34 45.95
CA THR C 61 22.39 30.97 47.19
C THR C 61 21.38 32.03 46.82
N ARG C 62 20.46 32.34 47.73
CA ARG C 62 19.30 33.18 47.36
C ARG C 62 19.72 34.42 46.58
N ALA C 63 20.89 34.96 46.92
CA ALA C 63 21.41 36.14 46.23
C ALA C 63 21.83 35.79 44.82
N GLN C 64 22.63 34.73 44.72
CA GLN C 64 23.07 34.20 43.43
C GLN C 64 21.88 33.84 42.55
N CYS C 65 20.87 33.20 43.15
CA CYS C 65 19.64 32.88 42.44
C CYS C 65 19.00 34.14 41.91
N ALA C 66 18.84 35.12 42.79
CA ALA C 66 18.23 36.39 42.42
C ALA C 66 19.04 37.09 41.33
N ARG C 67 20.37 37.00 41.44
CA ARG C 67 21.29 37.65 40.51
C ARG C 67 21.24 37.02 39.13
N VAL C 68 20.93 35.72 39.09
CA VAL C 68 20.71 35.02 37.81
C VAL C 68 19.46 35.57 37.09
N GLU C 69 18.34 35.58 37.81
CA GLU C 69 17.07 36.04 37.25
C GLU C 69 17.11 37.48 36.74
N SER C 70 18.24 38.15 36.93
CA SER C 70 18.36 39.54 36.54
C SER C 70 19.41 39.69 35.47
N ALA C 71 20.68 39.63 35.87
CA ALA C 71 21.79 39.90 34.97
C ALA C 71 22.27 38.62 34.28
N GLN C 72 21.72 37.50 34.73
CA GLN C 72 22.14 36.21 34.24
C GLN C 72 23.64 36.06 34.34
N GLN C 73 24.16 36.19 35.57
CA GLN C 73 25.59 35.97 35.80
C GLN C 73 25.85 35.16 37.06
N LEU C 74 27.07 34.65 37.16
CA LEU C 74 27.59 34.15 38.42
C LEU C 74 28.26 35.31 39.19
N ASP C 75 29.00 34.95 40.24
CA ASP C 75 29.77 35.96 40.95
C ASP C 75 30.89 36.47 40.07
N ASP C 76 31.35 35.63 39.14
CA ASP C 76 32.41 36.00 38.19
C ASP C 76 31.90 37.03 37.22
N GLY C 77 30.58 37.08 37.07
CA GLY C 77 29.97 37.86 36.01
C GLY C 77 29.88 37.03 34.74
N SER C 78 30.46 35.83 34.79
CA SER C 78 30.30 34.84 33.72
C SER C 78 28.82 34.58 33.48
N PHE C 79 28.47 34.21 32.25
CA PHE C 79 27.07 34.07 31.91
C PHE C 79 26.44 32.77 32.42
N TRP C 80 25.25 32.87 32.97
CA TRP C 80 24.55 31.68 33.42
C TRP C 80 23.05 31.91 33.45
N PRO C 81 22.33 31.16 32.60
CA PRO C 81 20.91 31.40 32.30
C PRO C 81 19.94 31.21 33.47
N SER C 82 20.17 30.20 34.31
CA SER C 82 19.09 29.77 35.20
C SER C 82 19.50 29.18 36.55
N PRO C 83 18.70 29.45 37.60
CA PRO C 83 18.99 29.06 38.98
C PRO C 83 19.14 27.57 39.21
N ILE C 84 20.31 27.13 39.63
CA ILE C 84 20.47 25.76 40.10
C ILE C 84 20.31 25.72 41.61
N THR C 85 19.26 25.07 42.07
CA THR C 85 18.96 25.06 43.48
C THR C 85 18.33 23.72 43.96
N LEU C 86 18.59 23.44 45.23
CA LEU C 86 18.17 22.19 45.88
C LEU C 86 16.92 22.47 46.74
N THR C 87 15.87 21.67 46.57
CA THR C 87 14.65 21.89 47.34
C THR C 87 14.28 20.66 48.16
N SER C 88 13.22 20.85 48.98
CA SER C 88 12.55 19.80 49.74
C SER C 88 11.40 20.43 50.50
N ARG C 89 10.52 19.60 51.06
CA ARG C 89 9.40 20.16 51.79
C ARG C 89 9.38 19.56 53.18
N ASP C 90 10.42 18.80 53.51
CA ASP C 90 10.54 18.21 54.84
C ASP C 90 10.48 19.28 55.92
N ARG C 91 9.78 18.99 57.01
CA ARG C 91 9.64 19.93 58.10
C ARG C 91 10.88 19.95 59.00
N ALA C 92 11.84 19.09 58.69
CA ALA C 92 13.07 19.00 59.47
C ALA C 92 14.13 19.96 58.95
N LEU C 93 13.75 20.79 57.97
CA LEU C 93 14.67 21.75 57.38
C LEU C 93 14.40 23.17 57.89
N ALA C 94 13.28 23.33 58.58
CA ALA C 94 12.90 24.63 59.11
C ALA C 94 13.75 25.01 60.31
N ASP C 95 14.45 24.05 60.88
CA ASP C 95 15.30 24.28 62.04
C ASP C 95 16.76 23.97 61.74
N ARG C 96 17.22 24.39 60.56
CA ARG C 96 18.60 24.18 60.16
C ARG C 96 19.12 25.54 59.76
N ARG C 97 20.46 25.70 59.76
CA ARG C 97 21.13 27.02 59.52
C ARG C 97 22.59 27.07 58.95
N PRO C 98 22.96 28.10 58.17
CA PRO C 98 24.25 28.13 57.48
C PRO C 98 25.34 27.65 58.40
N GLY C 99 26.45 27.16 57.85
CA GLY C 99 27.54 26.64 58.65
C GLY C 99 27.39 25.16 58.93
N GLU C 100 26.20 24.77 59.34
CA GLU C 100 25.85 23.33 59.40
C GLU C 100 26.16 22.54 58.11
N ARG C 101 26.57 21.29 58.33
CA ARG C 101 26.73 20.35 57.23
C ARG C 101 25.61 19.31 57.21
N LEU C 102 25.03 19.15 56.02
CA LEU C 102 23.85 18.30 55.79
C LEU C 102 24.23 17.04 54.99
N ALA C 103 23.71 15.89 55.41
CA ALA C 103 23.88 14.68 54.61
C ALA C 103 22.78 14.62 53.55
N LEU C 104 23.18 14.48 52.30
CA LEU C 104 22.22 14.27 51.23
C LEU C 104 22.15 12.79 50.92
N ARG C 105 20.94 12.28 50.78
CA ARG C 105 20.73 10.87 50.50
C ARG C 105 19.50 10.59 49.65
N ASP C 106 19.45 9.41 49.07
CA ASP C 106 18.37 9.01 48.17
C ASP C 106 17.07 8.82 48.96
N GLY C 107 15.98 8.64 48.23
CA GLY C 107 14.74 8.34 48.92
C GLY C 107 14.81 7.19 49.92
N GLU C 108 15.86 6.37 49.82
CA GLU C 108 15.94 5.18 50.66
C GLU C 108 17.09 5.30 51.65
N GLY C 109 17.42 6.55 52.03
CA GLY C 109 18.49 6.82 53.00
C GLY C 109 19.91 6.44 52.56
N TYR C 110 20.07 6.16 51.28
CA TYR C 110 21.40 5.95 50.73
C TYR C 110 22.10 7.29 50.60
N MET C 111 23.33 7.33 51.07
CA MET C 111 24.07 8.57 51.17
C MET C 111 24.79 8.97 49.87
N LEU C 112 24.62 10.23 49.49
CA LEU C 112 25.10 10.74 48.20
C LEU C 112 26.23 11.75 48.36
N ALA C 113 26.04 12.71 49.26
CA ALA C 113 26.96 13.84 49.39
C ALA C 113 26.64 14.62 50.66
N ILE C 114 27.61 15.40 51.16
CA ILE C 114 27.29 16.36 52.20
C ILE C 114 27.27 17.79 51.64
N LEU C 115 26.18 18.48 51.96
CA LEU C 115 26.02 19.88 51.62
C LEU C 115 26.53 20.71 52.79
N THR C 116 27.43 21.64 52.51
CA THR C 116 27.87 22.63 53.49
C THR C 116 27.02 23.90 53.35
N LEU C 117 26.06 24.11 54.24
CA LEU C 117 25.09 25.18 54.09
C LEU C 117 25.61 26.65 53.93
N SER C 118 25.34 27.26 52.77
CA SER C 118 25.54 28.70 52.53
C SER C 118 24.35 29.53 52.97
N ASP C 119 23.14 29.07 52.64
CA ASP C 119 21.94 29.87 52.83
C ASP C 119 20.79 28.91 52.98
N VAL C 120 19.76 29.30 53.73
CA VAL C 120 18.57 28.46 53.89
C VAL C 120 17.33 29.33 53.98
N TRP C 121 16.35 29.09 53.11
CA TRP C 121 15.14 29.90 53.10
C TRP C 121 13.93 29.11 52.62
N LYS C 122 12.74 29.68 52.78
CA LYS C 122 11.53 29.08 52.29
C LYS C 122 10.82 30.10 51.43
N ASP C 123 10.07 29.59 50.46
CA ASP C 123 9.16 30.32 49.54
C ASP C 123 8.05 29.39 49.01
N GLY C 124 6.77 29.60 49.38
CA GLY C 124 5.73 28.65 48.99
C GLY C 124 5.81 27.41 49.86
N GLU C 125 5.16 26.34 49.47
CA GLU C 125 5.14 25.20 50.36
C GLU C 125 6.51 24.72 50.80
N ARG C 126 7.59 25.11 50.11
CA ARG C 126 8.84 24.34 50.09
C ARG C 126 10.19 25.04 50.35
N TRP C 127 11.18 24.28 50.82
CA TRP C 127 12.47 24.81 51.27
C TRP C 127 13.60 24.84 50.24
N HIS C 128 14.49 25.84 50.29
CA HIS C 128 15.60 25.92 49.37
C HIS C 128 16.88 25.78 50.17
N LEU C 129 17.90 25.21 49.54
CA LEU C 129 19.19 25.05 50.20
C LEU C 129 20.36 25.49 49.30
N ALA C 130 21.49 25.83 49.93
CA ALA C 130 22.61 26.40 49.20
C ALA C 130 23.88 25.97 49.86
N GLY C 131 24.96 25.91 49.08
CA GLY C 131 26.26 25.57 49.62
C GLY C 131 27.09 24.66 48.76
N GLU C 132 28.38 24.64 49.02
CA GLU C 132 29.29 23.74 48.32
C GLU C 132 28.89 22.30 48.57
N VAL C 133 29.15 21.45 47.60
CA VAL C 133 28.75 20.07 47.74
C VAL C 133 29.98 19.17 47.69
N GLU C 134 30.00 18.15 48.54
CA GLU C 134 31.06 17.13 48.45
C GLU C 134 30.36 15.80 48.30
N GLY C 135 30.63 15.11 47.20
CA GLY C 135 29.97 13.86 46.88
C GLY C 135 30.73 12.58 47.19
N ALA C 136 29.96 11.60 47.68
CA ALA C 136 30.45 10.26 47.98
C ALA C 136 30.05 9.29 46.87
N ALA C 137 28.75 9.26 46.59
CA ALA C 137 28.15 8.32 45.64
C ALA C 137 27.13 9.01 44.71
N LEU C 138 26.91 8.45 43.51
CA LEU C 138 25.83 8.96 42.66
C LEU C 138 24.54 8.18 42.92
N PRO C 139 23.39 8.82 42.65
CA PRO C 139 22.13 8.08 42.77
C PRO C 139 22.27 6.69 42.15
N PRO C 140 21.83 5.65 42.87
CA PRO C 140 21.92 4.30 42.32
C PRO C 140 21.02 4.14 41.08
N HIS C 141 21.58 3.58 40.02
CA HIS C 141 20.84 3.38 38.78
C HIS C 141 21.16 1.99 38.28
N PRO C 142 20.40 1.00 38.73
CA PRO C 142 20.60 -0.39 38.29
C PRO C 142 20.32 -0.55 36.79
N ASP C 143 19.41 0.29 36.29
CA ASP C 143 18.87 0.21 34.94
C ASP C 143 19.69 1.00 33.93
N PHE C 144 19.88 0.42 32.75
CA PHE C 144 20.56 1.10 31.65
C PHE C 144 22.00 1.54 31.98
N VAL C 145 22.62 0.79 32.88
CA VAL C 145 24.04 0.97 33.14
C VAL C 145 24.90 1.31 31.88
N SER C 146 24.82 0.52 30.84
CA SER C 146 25.61 0.83 29.62
C SER C 146 25.36 2.24 29.14
N LEU C 147 24.07 2.54 28.96
CA LEU C 147 23.61 3.76 28.28
C LEU C 147 23.86 5.05 29.04
N ARG C 148 24.16 4.92 30.33
CA ARG C 148 24.35 6.09 31.20
C ARG C 148 25.82 6.53 31.26
N ALA C 149 26.13 7.67 30.65
CA ALA C 149 27.47 8.23 30.80
C ALA C 149 27.48 9.53 31.56
N THR C 150 28.53 9.74 32.33
CA THR C 150 28.77 11.06 32.92
C THR C 150 29.34 11.91 31.80
N PRO C 151 29.28 13.25 31.94
CA PRO C 151 29.98 14.05 30.93
C PRO C 151 31.42 13.58 30.71
N ALA C 152 32.14 13.22 31.77
CA ALA C 152 33.51 12.71 31.56
C ALA C 152 33.55 11.40 30.81
N GLU C 153 32.71 10.44 31.21
CA GLU C 153 32.63 9.17 30.51
C GLU C 153 32.30 9.36 29.02
N LEU C 154 31.27 10.17 28.73
CA LEU C 154 30.86 10.42 27.35
C LEU C 154 31.96 11.08 26.55
N ARG C 155 32.61 12.09 27.13
CA ARG C 155 33.70 12.74 26.42
C ARG C 155 34.79 11.73 26.02
N ALA C 156 35.09 10.79 26.92
CA ALA C 156 36.13 9.79 26.69
C ALA C 156 35.78 8.92 25.51
N LEU C 157 34.51 8.50 25.51
CA LEU C 157 33.89 7.71 24.44
C LEU C 157 34.07 8.42 23.09
N PHE C 158 33.55 9.65 23.00
CA PHE C 158 33.77 10.49 21.82
C PHE C 158 35.22 10.47 21.33
N VAL C 159 36.15 10.47 22.27
CA VAL C 159 37.56 10.56 21.90
C VAL C 159 38.08 9.25 21.31
N ARG C 160 37.60 8.13 21.84
CA ARG C 160 37.96 6.83 21.26
C ARG C 160 37.32 6.70 19.89
N ARG C 161 36.10 7.20 19.77
CA ARG C 161 35.41 7.16 18.50
C ARG C 161 36.00 8.11 17.46
N GLY C 162 36.91 8.96 17.89
CA GLY C 162 37.55 9.91 17.00
C GLY C 162 36.66 11.10 16.64
N TRP C 163 35.60 11.25 17.41
CA TRP C 163 34.60 12.26 17.09
C TRP C 163 35.10 13.61 17.55
N ARG C 164 34.55 14.66 16.95
CA ARG C 164 34.83 16.02 17.36
C ARG C 164 33.66 17.05 17.38
N ARG C 165 33.00 17.27 16.26
CA ARG C 165 31.87 18.15 16.10
C ARG C 165 30.63 17.27 16.22
N ILE C 166 29.73 17.64 17.12
CA ILE C 166 28.63 16.73 17.50
C ILE C 166 27.31 17.46 17.73
N ILE C 167 26.29 17.11 16.95
CA ILE C 167 24.95 17.61 17.21
C ILE C 167 24.30 16.72 18.26
N ALA C 168 23.59 17.34 19.19
CA ALA C 168 22.91 16.56 20.20
C ALA C 168 21.45 16.82 20.03
N TRP C 169 20.69 15.78 20.35
CA TRP C 169 19.24 15.80 20.31
C TRP C 169 18.76 15.28 21.66
N GLN C 170 18.22 16.17 22.49
CA GLN C 170 17.96 15.81 23.88
C GLN C 170 16.51 15.44 24.07
N ALA C 171 16.10 14.38 23.39
CA ALA C 171 14.68 14.00 23.30
C ALA C 171 13.94 13.91 24.63
N ARG C 172 12.69 14.36 24.60
CA ARG C 172 11.79 14.20 25.73
C ARG C 172 10.62 13.27 25.38
N GLN C 173 10.54 12.87 24.11
CA GLN C 173 9.54 11.90 23.63
C GLN C 173 10.01 11.08 22.46
N PRO C 174 9.29 10.02 22.12
CA PRO C 174 9.77 9.12 21.07
C PRO C 174 9.92 9.80 19.71
N MET C 175 10.84 9.25 18.94
CA MET C 175 11.18 9.75 17.63
C MET C 175 10.50 8.91 16.54
N HIS C 176 9.90 9.62 15.58
CA HIS C 176 9.41 8.97 14.37
C HIS C 176 10.21 9.44 13.11
N ARG C 177 9.67 9.13 11.95
CA ARG C 177 10.37 9.30 10.71
C ARG C 177 10.78 10.73 10.35
N ALA C 178 10.00 11.72 10.75
CA ALA C 178 10.33 13.15 10.53
C ALA C 178 11.52 13.68 11.33
N GLN C 179 11.54 13.40 12.63
CA GLN C 179 12.68 13.80 13.42
C GLN C 179 13.90 13.02 12.95
N TYR C 180 13.75 11.70 12.80
CA TYR C 180 14.86 10.87 12.28
C TYR C 180 15.43 11.45 10.99
N GLU C 181 14.60 11.64 9.97
CA GLU C 181 15.09 12.20 8.72
C GLU C 181 15.74 13.60 8.85
N PHE C 182 15.21 14.43 9.73
CA PHE C 182 15.77 15.77 9.93
C PHE C 182 17.08 15.79 10.68
N CYS C 183 17.23 14.88 11.65
CA CYS C 183 18.51 14.71 12.35
C CYS C 183 19.53 14.33 11.33
N LEU C 184 19.19 13.38 10.47
CA LEU C 184 20.11 12.87 9.47
C LEU C 184 20.67 13.96 8.59
N LYS C 185 19.83 14.84 8.10
CA LYS C 185 20.34 15.90 7.23
C LYS C 185 20.99 17.03 8.01
N SER C 186 20.55 17.31 9.24
CA SER C 186 21.26 18.30 10.05
C SER C 186 22.71 17.84 10.25
N ALA C 187 22.90 16.54 10.48
CA ALA C 187 24.22 15.99 10.70
C ALA C 187 25.07 16.00 9.41
N ILE C 188 24.49 15.68 8.26
CA ILE C 188 25.24 15.82 7.02
C ILE C 188 25.53 17.29 6.71
N GLU C 189 24.56 18.16 6.98
CA GLU C 189 24.67 19.56 6.61
C GLU C 189 25.72 20.29 7.43
N ASN C 190 25.86 19.91 8.68
CA ASN C 190 26.82 20.54 9.58
C ASN C 190 28.05 19.69 9.75
N GLU C 191 28.24 18.73 8.86
CA GLU C 191 29.37 17.82 8.94
C GLU C 191 29.58 17.37 10.39
N ALA C 192 28.53 16.85 11.01
CA ALA C 192 28.56 16.49 12.42
C ALA C 192 28.13 15.06 12.71
N ASN C 193 28.73 14.46 13.75
CA ASN C 193 28.22 13.22 14.34
C ASN C 193 26.95 13.52 15.14
N LEU C 194 26.19 12.49 15.47
CA LEU C 194 24.88 12.71 16.09
C LEU C 194 24.76 11.99 17.41
N LEU C 195 24.32 12.73 18.43
CA LEU C 195 24.12 12.17 19.76
C LEU C 195 22.65 12.21 20.16
N LEU C 196 22.07 11.02 20.31
CA LEU C 196 20.70 10.89 20.77
C LEU C 196 20.78 10.84 22.28
N HIS C 197 20.20 11.85 22.89
CA HIS C 197 20.45 12.13 24.30
C HIS C 197 19.10 12.36 24.99
N PRO C 198 18.31 11.29 25.15
CA PRO C 198 16.95 11.47 25.67
C PRO C 198 16.95 11.83 27.15
N GLN C 199 16.11 12.79 27.54
CA GLN C 199 15.97 13.10 28.96
C GLN C 199 15.33 11.95 29.69
N VAL C 200 15.94 11.50 30.77
CA VAL C 200 15.53 10.23 31.33
C VAL C 200 15.05 10.26 32.81
N GLY C 201 15.26 11.39 33.48
CA GLY C 201 14.94 11.49 34.90
C GLY C 201 13.57 11.04 35.37
N GLY C 202 13.56 10.17 36.37
CA GLY C 202 12.34 9.72 36.99
C GLY C 202 12.63 8.86 38.20
N ASP C 203 11.61 8.19 38.71
CA ASP C 203 11.76 7.19 39.76
C ASP C 203 11.09 5.87 39.36
N ILE C 204 11.49 4.77 40.00
CA ILE C 204 10.88 3.49 39.64
C ILE C 204 9.40 3.38 40.02
N THR C 205 8.91 4.26 40.92
CA THR C 205 7.47 4.31 41.19
C THR C 205 6.53 5.56 41.10
N GLU C 206 7.06 6.80 41.11
CA GLU C 206 6.33 8.07 40.89
C GLU C 206 6.52 8.45 39.40
N ALA C 207 7.72 8.18 38.85
CA ALA C 207 8.00 8.41 37.42
C ALA C 207 8.73 7.28 36.64
N PRO C 208 7.97 6.23 36.24
CA PRO C 208 8.57 5.07 35.58
C PRO C 208 8.30 5.20 34.09
N ALA C 209 8.10 6.41 33.59
CA ALA C 209 7.78 6.55 32.18
C ALA C 209 9.02 6.60 31.28
N TYR C 210 10.16 6.88 31.89
CA TYR C 210 11.38 6.96 31.10
C TYR C 210 11.79 5.62 30.49
N PHE C 211 11.39 4.51 31.11
CA PHE C 211 11.72 3.18 30.59
C PHE C 211 11.21 3.02 29.16
N GLY C 212 9.93 3.29 28.95
CA GLY C 212 9.40 3.30 27.61
C GLY C 212 10.13 4.23 26.65
N LEU C 213 10.46 5.44 27.10
CA LEU C 213 11.20 6.36 26.25
C LEU C 213 12.52 5.72 25.81
N VAL C 214 13.23 5.14 26.76
CA VAL C 214 14.50 4.55 26.42
C VAL C 214 14.25 3.45 25.46
N ARG C 215 13.23 2.64 25.74
CA ARG C 215 12.93 1.48 24.86
C ARG C 215 12.50 1.84 23.45
N SER C 216 11.82 2.97 23.30
CA SER C 216 11.48 3.45 21.97
C SER C 216 12.70 3.98 21.21
N PHE C 217 13.75 4.39 21.91
CA PHE C 217 14.98 4.77 21.24
C PHE C 217 15.77 3.54 20.84
N LEU C 218 15.80 2.54 21.73
CA LEU C 218 16.54 1.30 21.42
C LEU C 218 15.94 0.66 20.19
N ALA C 219 14.64 0.86 20.05
CA ALA C 219 13.89 0.23 18.98
C ALA C 219 14.31 0.73 17.60
N ILE C 220 14.61 2.02 17.48
CA ILE C 220 14.89 2.61 16.18
C ILE C 220 16.36 2.94 15.98
N ARG C 221 17.20 2.61 16.95
CA ARG C 221 18.58 3.02 16.89
C ARG C 221 19.27 2.44 15.68
N ASP C 222 18.89 1.22 15.29
CA ASP C 222 19.54 0.53 14.15
C ASP C 222 19.27 1.15 12.79
N ARG C 223 18.27 2.04 12.74
CA ARG C 223 17.93 2.85 11.59
C ARG C 223 18.95 3.97 11.38
N PHE C 224 19.87 4.11 12.33
CA PHE C 224 20.84 5.19 12.30
C PHE C 224 22.21 4.67 11.92
N PRO C 225 22.94 5.49 11.14
CA PRO C 225 24.29 5.13 10.73
C PRO C 225 25.11 4.87 11.97
N ALA C 226 25.75 3.70 12.07
CA ALA C 226 26.50 3.35 13.29
C ALA C 226 27.73 4.23 13.54
N ALA C 227 28.49 4.50 12.48
CA ALA C 227 29.73 5.28 12.58
C ALA C 227 29.50 6.77 12.84
N THR C 228 28.25 7.17 13.00
CA THR C 228 27.93 8.57 12.99
C THR C 228 26.97 8.94 14.12
N THR C 229 26.52 7.94 14.84
CA THR C 229 25.44 8.14 15.79
C THR C 229 25.80 7.53 17.13
N GLN C 230 25.37 8.16 18.22
CA GLN C 230 25.57 7.65 19.58
C GLN C 230 24.35 7.82 20.42
N LEU C 231 24.02 6.81 21.22
CA LEU C 231 22.85 6.91 22.08
C LEU C 231 23.33 6.89 23.50
N SER C 232 22.85 7.84 24.31
CA SER C 232 23.26 7.92 25.70
C SER C 232 22.14 8.54 26.48
N LEU C 233 22.11 8.32 27.79
CA LEU C 233 21.04 8.89 28.60
C LEU C 233 21.46 10.16 29.34
N LEU C 234 20.52 11.10 29.41
CA LEU C 234 20.70 12.37 30.07
C LEU C 234 19.81 12.43 31.33
N PRO C 235 20.42 12.21 32.50
CA PRO C 235 19.70 12.05 33.77
C PRO C 235 19.18 13.39 34.26
N ALA C 236 17.90 13.68 34.02
CA ALA C 236 17.31 14.96 34.39
C ALA C 236 15.85 14.94 33.97
N PRO C 237 15.02 15.77 34.59
CA PRO C 237 13.69 15.76 34.00
C PRO C 237 13.82 16.67 32.76
N PRO C 238 12.95 16.51 31.78
CA PRO C 238 12.86 17.58 30.77
C PRO C 238 12.45 18.88 31.46
N PRO C 239 13.00 20.03 31.02
CA PRO C 239 12.67 21.29 31.70
C PRO C 239 11.33 21.80 31.19
N GLU C 240 10.85 22.98 31.54
CA GLU C 240 9.70 23.53 30.79
C GLU C 240 10.20 24.49 29.73
N ALA C 241 9.60 24.57 28.53
CA ALA C 241 10.22 25.35 27.49
C ALA C 241 10.31 26.83 27.83
N SER C 242 11.52 27.39 27.72
CA SER C 242 11.74 28.82 27.90
C SER C 242 13.13 29.11 27.40
N GLY C 243 13.33 30.32 26.89
CA GLY C 243 14.63 30.70 26.34
C GLY C 243 15.76 30.38 27.30
N ARG C 244 15.41 30.56 28.56
CA ARG C 244 16.20 30.25 29.74
C ARG C 244 16.55 28.75 29.93
N ALA C 245 15.57 27.86 30.01
CA ALA C 245 15.82 26.44 29.93
C ALA C 245 16.69 26.07 28.75
N LEU C 246 16.39 26.65 27.59
CA LEU C 246 17.06 26.31 26.35
C LEU C 246 18.54 26.60 26.46
N LEU C 247 18.85 27.77 27.00
CA LEU C 247 20.24 28.12 27.17
C LEU C 247 20.98 27.21 28.17
N LEU C 248 20.25 26.60 29.12
CA LEU C 248 20.88 25.73 30.11
C LEU C 248 21.26 24.45 29.39
N ARG C 249 20.33 23.97 28.59
CA ARG C 249 20.51 22.70 27.92
C ARG C 249 21.69 22.79 26.98
N ALA C 250 21.82 23.98 26.37
CA ALA C 250 22.96 24.28 25.54
C ALA C 250 24.25 24.11 26.33
N ILE C 251 24.19 24.52 27.60
CA ILE C 251 25.34 24.46 28.48
C ILE C 251 25.65 23.02 28.84
N VAL C 252 24.62 22.27 29.23
CA VAL C 252 24.90 20.89 29.56
C VAL C 252 25.31 20.15 28.29
N ALA C 253 24.74 20.53 27.15
CA ALA C 253 25.19 19.98 25.87
C ALA C 253 26.71 20.17 25.70
N ARG C 254 27.16 21.38 26.03
CA ARG C 254 28.56 21.70 25.91
C ARG C 254 29.40 20.86 26.90
N ASN C 255 28.90 20.73 28.12
CA ASN C 255 29.64 20.00 29.12
C ASN C 255 29.73 18.53 28.79
N PHE C 256 28.78 18.03 27.99
CA PHE C 256 28.80 16.65 27.54
C PHE C 256 29.72 16.44 26.33
N GLY C 257 30.11 17.53 25.67
CA GLY C 257 30.96 17.44 24.50
C GLY C 257 30.35 17.98 23.20
N CYS C 258 29.06 18.29 23.21
CA CYS C 258 28.36 18.69 21.99
C CYS C 258 28.47 20.17 21.70
N SER C 259 28.67 20.50 20.44
CA SER C 259 28.86 21.89 20.06
C SER C 259 27.67 22.35 19.25
N LEU C 260 26.71 21.45 19.07
CA LEU C 260 25.45 21.82 18.42
C LEU C 260 24.25 21.25 19.18
N LEU C 261 23.14 21.94 19.14
CA LEU C 261 21.96 21.46 19.87
C LEU C 261 20.71 21.68 19.02
N ILE C 262 19.87 20.67 18.92
CA ILE C 262 18.64 20.84 18.18
C ILE C 262 17.62 21.22 19.22
N ALA C 263 16.72 22.11 18.88
CA ALA C 263 15.68 22.48 19.82
C ALA C 263 14.36 22.54 19.10
N GLY C 264 13.38 21.72 19.47
CA GLY C 264 12.10 21.84 18.80
C GLY C 264 11.08 20.71 18.98
N GLY C 265 9.83 21.12 19.18
CA GLY C 265 8.73 20.19 19.37
C GLY C 265 7.54 20.96 19.88
N ASP C 286 14.02 32.78 18.24
CA ASP C 286 14.01 34.23 18.55
C ASP C 286 15.40 34.90 18.50
N PRO C 287 15.55 36.21 18.33
CA PRO C 287 16.98 36.52 18.20
C PRO C 287 17.89 36.48 19.45
N SER C 288 17.33 36.81 20.61
CA SER C 288 18.12 36.89 21.82
C SER C 288 18.97 35.66 22.14
N VAL C 289 18.29 34.54 22.30
CA VAL C 289 18.90 33.31 22.78
C VAL C 289 19.96 32.86 21.84
N ALA C 290 19.63 32.80 20.55
CA ALA C 290 20.62 32.45 19.54
C ALA C 290 21.84 33.27 19.79
N GLU C 291 21.57 34.57 19.87
CA GLU C 291 22.55 35.49 20.35
C GLU C 291 23.49 35.07 21.46
N ARG C 292 22.97 34.84 22.66
CA ARG C 292 23.84 34.41 23.74
C ARG C 292 24.51 33.09 23.53
N ALA C 293 23.69 32.14 23.17
CA ALA C 293 24.13 30.79 22.99
C ALA C 293 25.40 30.76 22.18
N GLU C 294 25.35 31.26 20.96
CA GLU C 294 26.47 31.06 20.05
C GLU C 294 27.65 31.83 20.61
N LYS C 295 27.41 32.48 21.72
CA LYS C 295 28.43 32.89 22.66
C LYS C 295 29.21 31.76 23.35
N ILE C 296 28.49 30.99 24.18
CA ILE C 296 29.02 29.95 25.04
C ILE C 296 29.48 28.79 24.18
N GLY C 297 29.45 29.02 22.86
CA GLY C 297 30.15 28.17 21.92
C GLY C 297 29.37 26.98 21.38
N VAL C 298 28.05 27.00 21.61
CA VAL C 298 27.18 25.92 21.14
C VAL C 298 26.15 26.45 20.15
N ARG C 299 26.23 26.01 18.90
CA ARG C 299 25.26 26.44 17.89
C ARG C 299 24.00 25.62 18.04
N LEU C 300 22.87 26.29 18.26
CA LEU C 300 21.61 25.57 18.32
C LEU C 300 20.73 25.77 17.08
N ILE C 301 20.45 24.65 16.40
CA ILE C 301 19.62 24.63 15.22
C ILE C 301 18.20 24.28 15.63
N ALA C 302 17.23 24.91 14.97
CA ALA C 302 15.83 24.73 15.31
C ALA C 302 15.16 23.64 14.47
N TYR C 303 14.12 23.05 15.05
CA TYR C 303 13.41 21.98 14.39
C TYR C 303 12.18 22.51 13.70
N PRO C 304 12.13 22.43 12.37
CA PRO C 304 11.12 23.10 11.55
C PRO C 304 9.92 22.21 11.41
N ARG C 305 8.79 22.73 10.88
CA ARG C 305 7.74 21.84 10.40
C ARG C 305 8.26 20.92 9.31
N MET C 306 8.42 19.64 9.64
CA MET C 306 8.67 18.60 8.67
C MET C 306 7.36 18.18 8.01
N VAL C 307 7.39 18.03 6.69
CA VAL C 307 6.26 17.48 5.96
C VAL C 307 6.74 16.28 5.12
N TYR C 308 5.88 15.28 4.99
CA TYR C 308 6.18 14.21 4.06
C TYR C 308 5.83 14.68 2.67
N VAL C 309 6.83 14.72 1.79
CA VAL C 309 6.64 15.17 0.41
C VAL C 309 6.56 13.96 -0.55
N GLU C 310 5.36 13.53 -0.85
CA GLU C 310 5.10 12.36 -1.65
C GLU C 310 5.75 12.38 -3.01
N ASP C 311 5.82 13.56 -3.62
CA ASP C 311 6.54 13.75 -4.87
C ASP C 311 8.04 13.46 -4.76
N ARG C 312 8.56 13.31 -3.54
CA ARG C 312 9.99 13.08 -3.38
C ARG C 312 10.29 11.91 -2.44
N ALA C 313 9.25 11.36 -1.95
CA ALA C 313 9.36 10.27 -0.99
C ALA C 313 10.28 10.65 0.17
N GLU C 314 10.18 11.82 0.73
CA GLU C 314 10.98 12.03 1.90
C GLU C 314 10.43 13.22 2.63
N HIS C 315 10.77 13.34 3.90
CA HIS C 315 10.41 14.52 4.67
C HIS C 315 11.33 15.70 4.38
N LEU C 316 10.74 16.88 4.30
CA LEU C 316 11.52 18.08 4.15
C LEU C 316 10.99 19.12 5.11
N PRO C 317 11.86 20.04 5.51
CA PRO C 317 11.29 21.19 6.18
C PRO C 317 10.27 21.85 5.24
N GLU C 318 9.14 22.20 5.81
CA GLU C 318 8.00 22.69 5.03
C GLU C 318 8.43 23.72 4.00
N ALA C 319 9.35 24.60 4.39
CA ALA C 319 9.75 25.74 3.56
C ALA C 319 10.70 25.32 2.46
N GLU C 320 11.15 24.07 2.48
CA GLU C 320 12.06 23.60 1.44
C GLU C 320 11.33 22.72 0.44
N ALA C 321 10.09 22.35 0.77
CA ALA C 321 9.26 21.56 -0.14
C ALA C 321 9.01 22.29 -1.47
N PRO C 322 9.02 21.54 -2.57
CA PRO C 322 8.75 22.09 -3.92
C PRO C 322 7.36 22.71 -4.02
N GLN C 323 7.17 23.68 -4.91
CA GLN C 323 5.86 24.31 -5.06
C GLN C 323 4.77 23.30 -5.51
N GLY C 324 3.57 23.43 -4.92
CA GLY C 324 2.41 22.64 -5.32
C GLY C 324 2.56 21.13 -5.20
N ALA C 325 3.60 20.69 -4.51
CA ALA C 325 3.72 19.28 -4.23
C ALA C 325 2.64 18.88 -3.25
N ARG C 326 2.11 17.68 -3.21
CA ARG C 326 1.15 17.49 -2.12
C ARG C 326 1.92 17.26 -0.83
N LEU C 327 1.62 17.97 0.27
CA LEU C 327 2.37 17.69 1.48
C LEU C 327 1.53 16.84 2.41
N LEU C 328 2.16 16.03 3.24
CA LEU C 328 1.43 15.13 4.14
C LEU C 328 1.94 15.21 5.55
N THR C 329 1.02 15.28 6.50
CA THR C 329 1.35 15.45 7.91
C THR C 329 0.44 14.54 8.73
N LEU C 330 0.71 14.44 10.02
CA LEU C 330 -0.15 13.67 10.93
C LEU C 330 0.04 14.29 12.29
N SER C 331 -1.02 14.86 12.88
CA SER C 331 -0.83 15.50 14.18
C SER C 331 -0.68 14.45 15.24
N GLY C 332 -0.23 14.87 16.40
CA GLY C 332 -0.12 14.00 17.55
C GLY C 332 -1.49 13.70 18.10
N GLU C 333 -2.34 14.72 18.12
CA GLU C 333 -3.69 14.54 18.62
C GLU C 333 -4.31 13.44 17.77
N GLU C 334 -3.79 13.29 16.52
CA GLU C 334 -4.36 12.32 15.55
C GLU C 334 -3.66 10.97 15.57
N PHE C 335 -2.35 11.01 15.67
CA PHE C 335 -1.60 9.79 15.87
C PHE C 335 -2.17 9.07 17.08
N GLN C 336 -2.16 9.79 18.21
CA GLN C 336 -2.58 9.23 19.48
C GLN C 336 -3.99 8.63 19.27
N ARG C 337 -4.78 9.32 18.49
CA ARG C 337 -6.15 8.86 18.29
C ARG C 337 -6.21 7.51 17.58
N ARG C 338 -5.62 7.48 16.38
CA ARG C 338 -5.54 6.25 15.61
C ARG C 338 -4.98 5.10 16.44
N MET C 339 -3.92 5.36 17.22
CA MET C 339 -3.37 4.35 18.11
C MET C 339 -4.39 3.88 19.16
N ARG C 340 -5.14 4.76 19.76
CA ARG C 340 -6.07 4.22 20.69
C ARG C 340 -7.08 3.42 19.91
N ALA C 341 -7.22 3.59 18.61
CA ALA C 341 -8.51 3.10 18.11
C ALA C 341 -8.30 1.92 17.20
N GLY C 342 -7.02 1.62 16.94
CA GLY C 342 -6.62 0.53 16.06
C GLY C 342 -6.63 0.95 14.60
N LEU C 343 -6.61 2.25 14.35
CA LEU C 343 -6.65 2.74 12.98
C LEU C 343 -5.28 2.68 12.29
N LYS C 344 -5.29 2.74 10.96
CA LYS C 344 -4.08 2.67 10.17
C LYS C 344 -3.15 3.89 10.32
N ILE C 345 -1.86 3.63 10.52
CA ILE C 345 -0.84 4.68 10.51
C ILE C 345 -0.10 4.67 9.17
N PRO C 346 0.01 5.82 8.51
CA PRO C 346 0.72 5.87 7.21
C PRO C 346 2.14 5.29 7.25
N GLU C 347 2.57 4.66 6.18
CA GLU C 347 3.85 4.06 6.18
C GLU C 347 4.92 5.07 6.30
N TRP C 348 4.64 6.35 6.08
CA TRP C 348 5.75 7.26 6.03
C TRP C 348 5.89 7.99 7.35
N TYR C 349 5.01 7.68 8.31
CA TYR C 349 5.02 8.36 9.61
C TYR C 349 6.13 7.84 10.54
N SER C 350 6.08 6.55 10.82
CA SER C 350 7.04 5.99 11.76
C SER C 350 7.41 4.61 11.25
N PHE C 351 8.44 4.03 11.87
CA PHE C 351 8.81 2.63 11.65
C PHE C 351 8.01 1.54 12.36
N PRO C 352 7.92 0.36 11.75
CA PRO C 352 7.16 -0.75 12.34
C PRO C 352 7.60 -1.06 13.77
N GLU C 353 8.91 -1.08 14.01
CA GLU C 353 9.47 -1.37 15.33
C GLU C 353 8.98 -0.42 16.42
N VAL C 354 8.98 0.87 16.11
CA VAL C 354 8.61 1.86 17.08
C VAL C 354 7.13 1.72 17.33
N LEU C 355 6.37 1.57 16.26
CA LEU C 355 4.95 1.44 16.39
C LEU C 355 4.68 0.25 17.31
N ALA C 356 5.39 -0.85 17.07
CA ALA C 356 5.14 -2.10 17.77
C ALA C 356 5.46 -1.91 19.26
N GLU C 357 6.42 -1.05 19.50
CA GLU C 357 6.87 -0.79 20.85
C GLU C 357 5.86 0.10 21.54
N LEU C 358 5.42 1.16 20.86
CA LEU C 358 4.44 2.06 21.46
C LEU C 358 3.17 1.31 21.79
N HIS C 359 2.89 0.27 21.03
CA HIS C 359 1.73 -0.55 21.30
C HIS C 359 1.92 -1.56 22.43
N ARG C 360 3.15 -1.98 22.67
CA ARG C 360 3.42 -2.78 23.85
C ARG C 360 3.30 -1.94 25.12
N GLN C 361 3.61 -0.65 25.01
CA GLN C 361 3.48 0.27 26.15
C GLN C 361 2.03 0.72 26.40
N THR C 362 1.37 1.22 25.36
CA THR C 362 0.01 1.73 25.46
C THR C 362 -0.94 1.17 24.38
N PRO C 363 -1.66 0.09 24.74
CA PRO C 363 -2.49 -0.69 23.83
C PRO C 363 -3.78 0.02 23.41
N PRO C 364 -4.39 -0.44 22.32
CA PRO C 364 -5.67 0.06 21.86
C PRO C 364 -6.74 -0.32 22.86
N ARG C 365 -7.82 0.45 22.93
CA ARG C 365 -8.83 0.18 23.93
C ARG C 365 -9.19 -1.28 23.80
N GLU C 366 -9.37 -1.70 22.56
CA GLU C 366 -9.60 -3.10 22.19
C GLU C 366 -8.84 -4.12 23.03
N ARG C 367 -7.67 -3.72 23.51
CA ARG C 367 -6.73 -4.68 24.05
C ARG C 367 -6.23 -4.27 25.41
N GLN C 368 -6.61 -3.08 25.87
CA GLN C 368 -6.15 -2.62 27.18
C GLN C 368 -7.02 -3.13 28.30
N GLY C 369 -6.55 -2.91 29.52
CA GLY C 369 -7.26 -3.34 30.69
C GLY C 369 -8.25 -2.29 31.09
N PHE C 370 -9.22 -2.70 31.90
CA PHE C 370 -10.21 -1.78 32.40
C PHE C 370 -10.93 -2.42 33.56
N THR C 371 -11.40 -1.59 34.47
CA THR C 371 -12.29 -2.09 35.50
C THR C 371 -13.70 -1.63 35.22
N VAL C 372 -14.67 -2.51 35.51
CA VAL C 372 -16.06 -2.16 35.48
C VAL C 372 -16.44 -1.98 36.93
N PHE C 373 -16.87 -0.75 37.27
CA PHE C 373 -17.18 -0.37 38.64
C PHE C 373 -18.68 -0.14 38.81
N PHE C 374 -19.37 -1.09 39.43
CA PHE C 374 -20.81 -0.94 39.67
C PHE C 374 -21.05 -0.07 40.91
N THR C 375 -21.94 0.91 40.80
CA THR C 375 -22.32 1.68 41.97
C THR C 375 -23.82 1.91 42.06
N GLY C 376 -24.33 1.93 43.29
CA GLY C 376 -25.74 2.07 43.54
C GLY C 376 -26.07 1.73 44.97
N LEU C 377 -27.30 1.34 45.31
CA LEU C 377 -27.64 0.96 46.72
C LEU C 377 -27.68 -0.56 47.07
N SER C 378 -28.04 -1.03 48.28
CA SER C 378 -27.91 -2.46 48.40
C SER C 378 -29.18 -3.02 47.74
N GLY C 379 -29.70 -2.33 46.74
CA GLY C 379 -30.59 -3.01 45.82
C GLY C 379 -29.57 -3.75 44.98
N ALA C 380 -28.64 -4.42 45.69
CA ALA C 380 -27.37 -4.95 45.18
C ALA C 380 -27.67 -6.16 44.33
N GLY C 381 -28.62 -5.93 43.43
CA GLY C 381 -28.58 -6.56 42.15
C GLY C 381 -27.27 -6.12 41.52
N LYS C 382 -26.61 -5.13 42.12
CA LYS C 382 -25.23 -4.86 41.79
C LYS C 382 -24.43 -6.16 41.72
N SER C 383 -24.34 -6.89 42.83
CA SER C 383 -23.58 -8.14 42.84
C SER C 383 -24.03 -9.12 41.75
N THR C 384 -25.33 -9.26 41.55
CA THR C 384 -25.85 -10.21 40.60
C THR C 384 -25.43 -9.82 39.21
N LEU C 385 -25.55 -8.53 38.89
CA LEU C 385 -25.11 -8.00 37.62
C LEU C 385 -23.62 -8.22 37.40
N ALA C 386 -22.84 -7.87 38.42
CA ALA C 386 -21.40 -8.04 38.34
C ALA C 386 -21.02 -9.51 37.99
N ARG C 387 -21.54 -10.50 38.72
CA ARG C 387 -21.25 -11.89 38.39
C ARG C 387 -21.61 -12.25 36.97
N ALA C 388 -22.76 -11.83 36.49
CA ALA C 388 -23.19 -12.21 35.14
C ALA C 388 -22.29 -11.55 34.12
N LEU C 389 -21.90 -10.31 34.41
CA LEU C 389 -21.04 -9.57 33.49
C LEU C 389 -19.65 -10.22 33.42
N ALA C 390 -19.17 -10.70 34.56
CA ALA C 390 -17.96 -11.52 34.59
C ALA C 390 -18.06 -12.74 33.66
N ALA C 391 -19.12 -13.51 33.79
CA ALA C 391 -19.30 -14.71 33.00
C ALA C 391 -19.15 -14.40 31.50
N ARG C 392 -19.89 -13.39 31.03
CA ARG C 392 -19.89 -12.97 29.63
C ARG C 392 -18.50 -12.59 29.17
N LEU C 393 -17.89 -11.63 29.86
CA LEU C 393 -16.57 -11.21 29.49
C LEU C 393 -15.57 -12.36 29.47
N MET C 394 -15.85 -13.45 30.20
CA MET C 394 -14.91 -14.60 30.26
C MET C 394 -14.92 -15.39 28.99
N GLU C 395 -16.00 -15.26 28.21
CA GLU C 395 -16.09 -15.90 26.92
C GLU C 395 -15.00 -15.43 25.95
N MET C 396 -14.32 -14.34 26.28
CA MET C 396 -13.53 -13.67 25.27
C MET C 396 -12.07 -14.10 25.20
N GLY C 397 -11.47 -14.32 26.35
CA GLY C 397 -10.06 -14.65 26.37
C GLY C 397 -9.20 -13.47 25.96
N GLY C 398 -7.89 -13.62 26.00
CA GLY C 398 -7.03 -12.50 25.71
C GLY C 398 -6.75 -11.70 26.97
N ARG C 399 -7.80 -11.23 27.61
CA ARG C 399 -7.66 -10.59 28.92
C ARG C 399 -8.34 -11.42 29.99
N CYS C 400 -7.67 -11.60 31.12
CA CYS C 400 -8.23 -12.34 32.23
C CYS C 400 -9.23 -11.50 33.04
N VAL C 401 -10.33 -12.10 33.50
CA VAL C 401 -11.30 -11.41 34.31
C VAL C 401 -11.22 -11.79 35.80
N THR C 402 -11.22 -10.79 36.68
CA THR C 402 -11.30 -11.04 38.11
C THR C 402 -12.51 -10.36 38.73
N LEU C 403 -13.29 -11.12 39.48
CA LEU C 403 -14.45 -10.57 40.17
C LEU C 403 -14.03 -10.21 41.58
N LEU C 404 -13.87 -8.92 41.84
CA LEU C 404 -13.59 -8.42 43.19
C LEU C 404 -14.89 -8.15 43.96
N ASP C 405 -15.52 -9.18 44.53
CA ASP C 405 -16.79 -8.94 45.20
C ASP C 405 -17.02 -9.58 46.57
N GLY C 406 -17.35 -10.87 46.60
CA GLY C 406 -17.89 -11.44 47.81
C GLY C 406 -16.88 -12.02 48.78
N ASP C 407 -16.80 -13.36 48.80
CA ASP C 407 -15.81 -14.08 49.57
C ASP C 407 -14.41 -13.49 49.29
N ILE C 408 -14.07 -13.39 48.01
CA ILE C 408 -12.77 -12.90 47.59
C ILE C 408 -12.34 -11.71 48.42
N VAL C 409 -13.11 -10.64 48.37
CA VAL C 409 -12.73 -9.43 49.07
C VAL C 409 -12.80 -9.55 50.60
N ARG C 410 -13.79 -10.15 51.21
CA ARG C 410 -13.57 -10.36 52.63
C ARG C 410 -12.25 -11.09 53.00
N ARG C 411 -12.12 -12.30 52.53
CA ARG C 411 -11.03 -13.27 52.68
C ARG C 411 -9.65 -12.58 52.63
N HIS C 412 -9.42 -11.76 51.59
CA HIS C 412 -8.09 -11.26 51.30
C HIS C 412 -7.81 -9.80 51.58
N LEU C 413 -8.77 -8.93 51.30
CA LEU C 413 -8.46 -7.52 51.21
C LEU C 413 -8.92 -6.65 52.38
N SER C 414 -9.94 -7.08 53.09
CA SER C 414 -10.36 -6.30 54.25
C SER C 414 -10.84 -7.33 55.24
N SER C 415 -9.99 -8.31 55.50
CA SER C 415 -10.23 -9.43 56.40
C SER C 415 -10.90 -8.92 57.62
N GLU C 416 -10.50 -7.75 58.07
CA GLU C 416 -11.26 -7.15 59.13
C GLU C 416 -11.12 -5.63 59.21
N LEU C 417 -12.11 -4.94 58.64
CA LEU C 417 -12.26 -3.51 58.73
C LEU C 417 -13.59 -3.34 59.41
N GLY C 418 -13.81 -2.22 60.07
CA GLY C 418 -15.05 -1.96 60.78
C GLY C 418 -16.15 -1.52 59.83
N PHE C 419 -17.08 -0.70 60.31
CA PHE C 419 -18.03 -0.07 59.39
C PHE C 419 -17.94 1.44 59.53
N SER C 420 -16.84 1.87 60.15
CA SER C 420 -16.50 3.28 60.32
C SER C 420 -16.60 4.11 59.04
N LYS C 421 -16.75 5.41 59.13
CA LYS C 421 -16.64 6.15 57.89
C LYS C 421 -15.34 5.85 57.15
N ALA C 422 -14.24 6.19 57.77
CA ALA C 422 -12.96 5.99 57.14
C ALA C 422 -12.60 4.53 56.93
N HIS C 423 -13.09 3.60 57.73
CA HIS C 423 -12.72 2.25 57.44
C HIS C 423 -13.26 1.81 56.10
N ARG C 424 -14.50 2.18 55.83
CA ARG C 424 -15.10 1.85 54.55
C ARG C 424 -14.48 2.65 53.45
N ASP C 425 -14.11 3.87 53.73
CA ASP C 425 -13.47 4.58 52.69
C ASP C 425 -12.21 3.86 52.32
N VAL C 426 -11.50 3.37 53.31
CA VAL C 426 -10.21 2.74 53.04
C VAL C 426 -10.45 1.49 52.27
N ASN C 427 -11.48 0.76 52.64
CA ASN C 427 -11.80 -0.38 51.88
C ASN C 427 -11.83 0.07 50.48
N VAL C 428 -12.83 0.87 50.18
CA VAL C 428 -13.09 1.29 48.83
C VAL C 428 -11.82 1.59 48.11
N ARG C 429 -10.90 2.31 48.71
CA ARG C 429 -9.68 2.57 47.97
C ARG C 429 -8.79 1.35 47.86
N ARG C 430 -8.91 0.46 48.82
CA ARG C 430 -8.21 -0.81 48.79
C ARG C 430 -8.56 -1.49 47.50
N ILE C 431 -9.86 -1.60 47.22
CA ILE C 431 -10.33 -2.32 46.05
C ILE C 431 -10.00 -1.58 44.76
N GLY C 432 -10.08 -0.27 44.77
CA GLY C 432 -9.64 0.50 43.63
C GLY C 432 -8.17 0.25 43.33
N PHE C 433 -7.38 0.01 44.38
CA PHE C 433 -5.95 -0.27 44.22
C PHE C 433 -5.69 -1.64 43.60
N VAL C 434 -6.29 -2.69 44.16
CA VAL C 434 -6.07 -4.00 43.57
C VAL C 434 -6.62 -3.97 42.14
N ALA C 435 -7.78 -3.36 41.95
CA ALA C 435 -8.34 -3.23 40.62
C ALA C 435 -7.31 -2.57 39.68
N SER C 436 -6.71 -1.46 40.10
CA SER C 436 -5.77 -0.74 39.24
C SER C 436 -4.60 -1.63 38.78
N GLU C 437 -4.06 -2.41 39.70
CA GLU C 437 -3.03 -3.38 39.32
C GLU C 437 -3.56 -4.37 38.26
N ILE C 438 -4.77 -4.90 38.46
CA ILE C 438 -5.30 -5.82 37.46
C ILE C 438 -5.31 -5.11 36.10
N THR C 439 -5.61 -3.82 36.07
CA THR C 439 -5.88 -3.17 34.79
C THR C 439 -4.62 -2.64 34.14
N LYS C 440 -3.76 -2.05 34.97
CA LYS C 440 -2.40 -1.72 34.57
C LYS C 440 -1.77 -2.88 33.80
N ASN C 441 -2.00 -4.10 34.30
CA ASN C 441 -1.45 -5.31 33.68
C ASN C 441 -2.29 -5.95 32.58
N ARG C 442 -3.22 -5.20 32.05
CA ARG C 442 -4.04 -5.62 30.94
C ARG C 442 -5.05 -6.65 31.24
N GLY C 443 -5.58 -6.64 32.45
CA GLY C 443 -6.70 -7.49 32.79
C GLY C 443 -7.99 -6.70 32.86
N ILE C 444 -9.13 -7.36 33.06
CA ILE C 444 -10.32 -6.61 33.40
C ILE C 444 -10.80 -6.95 34.82
N ALA C 445 -10.97 -5.92 35.65
CA ALA C 445 -11.44 -6.09 37.02
C ALA C 445 -12.86 -5.61 37.20
N ILE C 446 -13.72 -6.43 37.80
CA ILE C 446 -15.12 -6.05 38.02
C ILE C 446 -15.46 -5.92 39.49
N CYS C 447 -15.81 -4.71 39.90
CA CYS C 447 -16.04 -4.37 41.31
C CYS C 447 -17.38 -3.75 41.68
N ALA C 448 -17.99 -4.27 42.74
CA ALA C 448 -19.24 -3.72 43.25
C ALA C 448 -19.32 -3.57 44.77
N PRO C 449 -18.44 -2.75 45.33
CA PRO C 449 -18.38 -2.45 46.76
C PRO C 449 -19.44 -1.45 47.16
N ILE C 450 -19.60 -1.26 48.47
CA ILE C 450 -20.51 -0.25 48.98
C ILE C 450 -19.78 1.09 49.05
N ALA C 451 -20.22 2.07 48.26
CA ALA C 451 -19.54 3.37 48.18
C ALA C 451 -20.53 4.47 47.93
N PRO C 452 -20.72 5.34 48.94
CA PRO C 452 -21.79 6.34 48.92
C PRO C 452 -21.26 7.76 48.68
N TYR C 453 -19.94 7.93 48.63
CA TYR C 453 -19.35 9.26 48.60
C TYR C 453 -18.74 9.62 47.24
N ARG C 454 -19.41 10.43 46.43
CA ARG C 454 -18.84 10.83 45.15
C ARG C 454 -17.30 10.94 45.29
N GLN C 455 -16.78 11.53 46.39
CA GLN C 455 -15.34 11.82 46.35
C GLN C 455 -14.52 10.55 46.23
N THR C 456 -14.81 9.56 47.11
CA THR C 456 -13.99 8.36 47.18
C THR C 456 -14.08 7.61 45.86
N ARG C 457 -15.22 7.59 45.22
CA ARG C 457 -15.23 7.00 43.91
C ARG C 457 -14.33 7.79 42.97
N ARG C 458 -14.34 9.10 43.09
CA ARG C 458 -13.64 9.93 42.14
C ARG C 458 -12.17 9.64 42.18
N ASP C 459 -11.70 9.20 43.32
CA ASP C 459 -10.27 8.90 43.52
C ASP C 459 -9.95 7.54 42.92
N VAL C 460 -10.77 6.54 43.25
CA VAL C 460 -10.67 5.25 42.60
C VAL C 460 -10.66 5.42 41.07
N ARG C 461 -11.66 6.09 40.49
CA ARG C 461 -11.65 6.28 39.03
C ARG C 461 -10.37 6.90 38.48
N ALA C 462 -9.81 7.86 39.20
CA ALA C 462 -8.59 8.50 38.71
C ALA C 462 -7.40 7.52 38.81
N MET C 463 -7.36 6.81 39.93
CA MET C 463 -6.30 5.83 40.12
C MET C 463 -6.30 4.84 38.96
N ILE C 464 -7.46 4.30 38.56
CA ILE C 464 -7.42 3.26 37.57
C ILE C 464 -7.40 3.85 36.16
N GLU C 465 -7.92 5.08 36.04
CA GLU C 465 -8.01 5.77 34.72
C GLU C 465 -6.63 6.18 34.23
N ALA C 466 -5.70 6.26 35.16
CA ALA C 466 -4.30 6.59 34.87
C ALA C 466 -3.60 5.43 34.17
N VAL C 467 -4.05 4.23 34.45
CA VAL C 467 -3.28 3.05 34.14
C VAL C 467 -4.06 2.19 33.14
N GLY C 468 -5.29 2.63 32.84
CA GLY C 468 -6.17 1.91 31.93
C GLY C 468 -7.59 2.47 31.87
N GLY C 469 -8.53 1.62 31.47
CA GLY C 469 -9.93 2.03 31.38
C GLY C 469 -10.82 1.88 32.60
N PHE C 470 -11.65 2.88 32.84
CA PHE C 470 -12.60 2.86 33.93
C PHE C 470 -13.99 3.06 33.34
N VAL C 471 -14.91 2.15 33.65
CA VAL C 471 -16.30 2.29 33.24
C VAL C 471 -17.22 2.18 34.45
N GLU C 472 -17.85 3.30 34.83
CA GLU C 472 -18.80 3.29 35.92
C GLU C 472 -20.17 2.85 35.40
N ILE C 473 -20.82 1.94 36.09
CA ILE C 473 -22.21 1.70 35.77
C ILE C 473 -23.03 1.96 37.02
N HIS C 474 -23.94 2.91 36.90
CA HIS C 474 -24.84 3.26 37.99
C HIS C 474 -26.11 2.44 37.91
N VAL C 475 -26.36 1.57 38.86
CA VAL C 475 -27.58 0.80 38.89
C VAL C 475 -28.63 1.53 39.70
N ALA C 476 -29.69 2.00 39.05
CA ALA C 476 -30.73 2.76 39.72
C ALA C 476 -32.05 2.03 39.74
N THR C 477 -32.68 1.93 38.59
CA THR C 477 -33.83 1.07 38.49
C THR C 477 -33.23 -0.12 39.13
N PRO C 478 -34.01 -0.89 39.87
CA PRO C 478 -33.44 -2.02 40.59
C PRO C 478 -33.50 -3.08 39.54
N ILE C 479 -32.40 -3.32 38.84
CA ILE C 479 -32.40 -4.35 37.81
C ILE C 479 -32.96 -5.57 38.54
N GLU C 480 -34.09 -6.08 38.07
CA GLU C 480 -34.70 -7.25 38.68
C GLU C 480 -33.96 -8.51 38.21
N TYR C 509 -26.29 9.14 51.11
CA TYR C 509 -25.78 8.53 49.89
C TYR C 509 -25.77 9.58 48.76
N GLU C 510 -25.01 9.33 47.70
CA GLU C 510 -24.82 10.39 46.71
C GLU C 510 -24.86 9.91 45.28
N VAL C 511 -25.82 10.39 44.51
CA VAL C 511 -25.92 9.94 43.14
C VAL C 511 -24.66 10.26 42.34
N PRO C 512 -24.16 9.22 41.59
CA PRO C 512 -23.13 9.39 40.56
C PRO C 512 -23.68 10.40 39.59
N GLU C 513 -22.96 11.46 39.34
CA GLU C 513 -23.53 12.50 38.51
C GLU C 513 -23.03 12.36 37.08
N THR C 514 -22.24 11.32 36.84
CA THR C 514 -21.57 11.23 35.55
C THR C 514 -21.14 9.82 35.11
N PRO C 515 -21.95 8.80 35.41
CA PRO C 515 -21.56 7.42 35.04
C PRO C 515 -21.33 7.29 33.54
N GLU C 516 -20.75 6.18 33.13
CA GLU C 516 -20.71 5.86 31.72
C GLU C 516 -22.08 5.30 31.31
N LEU C 517 -22.63 4.47 32.18
CA LEU C 517 -23.93 3.86 31.95
C LEU C 517 -24.77 3.97 33.22
N ALA C 518 -26.05 4.26 33.04
CA ALA C 518 -27.00 4.29 34.14
C ALA C 518 -28.18 3.38 33.78
N ILE C 519 -28.21 2.17 34.33
CA ILE C 519 -29.36 1.29 34.09
C ILE C 519 -30.60 1.86 34.83
N ASP C 520 -31.38 2.52 33.99
CA ASP C 520 -32.38 3.52 34.24
C ASP C 520 -33.75 2.93 34.45
N THR C 521 -34.13 2.06 33.51
CA THR C 521 -35.48 1.58 33.43
C THR C 521 -35.88 0.43 34.33
N THR C 522 -37.18 0.33 34.59
CA THR C 522 -37.64 -0.50 35.68
C THR C 522 -37.79 -2.02 35.75
N GLY C 523 -38.20 -2.61 34.64
CA GLY C 523 -38.33 -4.04 34.58
C GLY C 523 -37.20 -4.38 33.65
N LEU C 524 -36.22 -5.11 34.14
CA LEU C 524 -35.03 -5.38 33.35
C LEU C 524 -34.48 -6.65 33.87
N ALA C 525 -34.62 -7.71 33.10
CA ALA C 525 -34.09 -9.01 33.46
C ALA C 525 -32.58 -8.88 33.50
N ILE C 526 -31.92 -9.73 34.27
CA ILE C 526 -30.46 -9.72 34.26
C ILE C 526 -29.96 -9.71 32.83
N ASP C 527 -30.44 -10.64 32.01
CA ASP C 527 -29.99 -10.71 30.62
C ASP C 527 -30.02 -9.35 29.92
N GLU C 528 -31.15 -8.67 30.01
CA GLU C 528 -31.31 -7.39 29.34
C GLU C 528 -30.35 -6.33 29.84
N ALA C 529 -30.14 -6.29 31.14
CA ALA C 529 -29.18 -5.35 31.75
C ALA C 529 -27.76 -5.69 31.32
N VAL C 530 -27.39 -6.97 31.40
CA VAL C 530 -26.04 -7.40 31.02
C VAL C 530 -25.74 -6.92 29.60
N GLN C 531 -26.67 -7.22 28.70
CA GLN C 531 -26.55 -6.81 27.33
C GLN C 531 -26.33 -5.32 27.24
N GLN C 532 -27.14 -4.57 27.98
CA GLN C 532 -27.08 -3.13 27.95
C GLN C 532 -25.66 -2.64 28.29
N ILE C 533 -24.95 -3.36 29.15
CA ILE C 533 -23.61 -2.93 29.47
C ILE C 533 -22.57 -3.47 28.47
N LEU C 534 -22.85 -4.61 27.83
CA LEU C 534 -21.94 -5.06 26.78
C LEU C 534 -22.04 -4.06 25.64
N LEU C 535 -23.22 -3.50 25.45
CA LEU C 535 -23.38 -2.35 24.57
C LEU C 535 -22.52 -1.17 24.97
N LYS C 536 -22.50 -0.77 26.21
CA LYS C 536 -21.57 0.26 26.50
C LYS C 536 -20.15 -0.19 26.15
N LEU C 537 -19.64 -1.27 26.75
CA LEU C 537 -18.26 -1.55 26.47
C LEU C 537 -17.99 -1.57 24.95
N GLU C 538 -18.89 -2.19 24.20
CA GLU C 538 -18.74 -2.28 22.75
C GLU C 538 -18.64 -0.91 22.09
N HIS C 539 -19.40 0.04 22.61
CA HIS C 539 -19.40 1.37 22.05
C HIS C 539 -18.22 2.20 22.57
N GLU C 540 -17.69 1.84 23.72
CA GLU C 540 -16.63 2.61 24.33
C GLU C 540 -15.32 2.15 23.74
N GLY C 541 -15.37 1.04 23.01
CA GLY C 541 -14.20 0.48 22.34
C GLY C 541 -13.42 -0.66 23.01
N TYR C 542 -13.83 -1.14 24.16
CA TYR C 542 -13.02 -2.10 24.88
C TYR C 542 -13.09 -3.54 24.46
N LEU C 543 -14.18 -3.95 23.85
CA LEU C 543 -14.37 -5.35 23.46
C LEU C 543 -13.48 -5.69 22.28
N ARG C 544 -13.53 -6.92 21.78
CA ARG C 544 -12.71 -7.25 20.61
C ARG C 544 -13.23 -8.43 19.88
N LEU C 545 -12.77 -8.53 18.63
CA LEU C 545 -13.18 -9.57 17.70
C LEU C 545 -12.83 -10.97 18.13
#